data_6BDO
#
_entry.id   6BDO
#
_cell.length_a   72.847
_cell.length_b   114.342
_cell.length_c   130.061
_cell.angle_alpha   90.00
_cell.angle_beta   91.17
_cell.angle_gamma   90.00
#
_symmetry.space_group_name_H-M   'P 1 21 1'
#
loop_
_entity.id
_entity.type
_entity.pdbx_description
1 polymer 'FAD-dependent pyridine nucleotide-disulfide oxidoreductase'
2 non-polymer 'FLAVIN-ADENINE DINUCLEOTIDE'
3 non-polymer '2-HEPTYL-4-HYDROXY QUINOLINE N-OXIDE'
4 water water
#
_entity_poly.entity_id   1
_entity_poly.type   'polypeptide(L)'
_entity_poly.pdbx_seq_one_letter_code
;MSKPSIVILGAGYGGIVAALGLQKRLNYNEADITLVNKNDYHYITTELHQPAAGTMHHDQARVGIKELIDEKKIKFVKDT
VVAIDREQQKVTLQNGELHYDYLVVGLGSEPETFGIEGLREHAFSINSINSVRIIRQHIEYQFAKFAAEPERTDYLTIVV
GGAGFTGIEFVGELADRMPELCAEYDVDPKLVRIINVEAAPTVLPGFDPALVNYAMDVLGGKGVEFKIGTPIKRCTPEGV
VIEVDGEEEEIKAATVVWTGGVRGNSIVEKSGFETMRGRIKVDPYLRAPGHENIFIVGDCALIINEENNRPYPPTAQIAI
QHGENVAANLAALIRGGSMTPFKPHIRGTVASLGRNDAIGIVGGRKVYGHAASWLKKLIDMRYLYLIGGLSLVLKKGRFH
HHHHH
;
_entity_poly.pdbx_strand_id   B,A,D,C
#
loop_
_chem_comp.id
_chem_comp.type
_chem_comp.name
_chem_comp.formula
FAD non-polymer 'FLAVIN-ADENINE DINUCLEOTIDE' 'C27 H33 N9 O15 P2'
HQO non-polymer '2-HEPTYL-4-HYDROXY QUINOLINE N-OXIDE' 'C16 H21 N O2'
#
# COMPACT_ATOMS: atom_id res chain seq x y z
N LYS A 3 -38.38 -33.82 -15.85
CA LYS A 3 -37.24 -33.06 -16.36
C LYS A 3 -36.17 -34.00 -16.91
N PRO A 4 -35.70 -33.71 -18.14
CA PRO A 4 -34.64 -34.49 -18.81
C PRO A 4 -33.26 -34.19 -18.23
N SER A 5 -32.33 -35.13 -18.33
CA SER A 5 -31.02 -34.90 -17.73
C SER A 5 -29.91 -34.67 -18.76
N ILE A 6 -29.28 -33.50 -18.65
CA ILE A 6 -28.15 -33.14 -19.49
C ILE A 6 -26.88 -33.21 -18.66
N VAL A 7 -25.92 -34.00 -19.11
CA VAL A 7 -24.66 -34.13 -18.38
C VAL A 7 -23.48 -33.65 -19.22
N ILE A 8 -22.73 -32.69 -18.69
CA ILE A 8 -21.55 -32.17 -19.37
C ILE A 8 -20.27 -32.64 -18.67
N LEU A 9 -19.42 -33.35 -19.42
CA LEU A 9 -18.18 -33.87 -18.86
C LEU A 9 -16.98 -32.99 -19.23
N GLY A 10 -16.43 -32.30 -18.23
CA GLY A 10 -15.32 -31.41 -18.42
C GLY A 10 -15.76 -29.96 -18.53
N ALA A 11 -15.15 -29.09 -17.75
CA ALA A 11 -15.50 -27.68 -17.75
C ALA A 11 -14.39 -26.86 -18.42
N GLY A 12 -14.04 -27.26 -19.64
CA GLY A 12 -13.06 -26.54 -20.42
C GLY A 12 -13.76 -25.50 -21.27
N TYR A 13 -13.14 -25.09 -22.37
CA TYR A 13 -13.75 -24.08 -23.22
C TYR A 13 -15.11 -24.56 -23.74
N GLY A 14 -15.12 -25.75 -24.34
CA GLY A 14 -16.34 -26.31 -24.89
C GLY A 14 -17.40 -26.54 -23.84
N GLY A 15 -17.01 -27.16 -22.72
CA GLY A 15 -17.92 -27.47 -21.65
C GLY A 15 -18.50 -26.23 -20.97
N ILE A 16 -17.64 -25.27 -20.65
CA ILE A 16 -18.08 -24.06 -19.96
C ILE A 16 -18.99 -23.25 -20.86
N VAL A 17 -18.62 -23.11 -22.13
CA VAL A 17 -19.44 -22.37 -23.08
C VAL A 17 -20.79 -23.05 -23.31
N ALA A 18 -20.78 -24.38 -23.40
CA ALA A 18 -22.03 -25.13 -23.56
C ALA A 18 -22.93 -24.89 -22.35
N ALA A 19 -22.35 -24.99 -21.16
CA ALA A 19 -23.11 -24.85 -19.93
C ALA A 19 -23.71 -23.46 -19.77
N LEU A 20 -22.90 -22.44 -20.03
CA LEU A 20 -23.38 -21.08 -19.91
C LEU A 20 -24.44 -20.81 -20.96
N GLY A 21 -24.28 -21.42 -22.13
CA GLY A 21 -25.27 -21.26 -23.17
C GLY A 21 -26.60 -21.85 -22.74
N LEU A 22 -26.56 -23.07 -22.19
CA LEU A 22 -27.77 -23.73 -21.72
C LEU A 22 -28.43 -22.96 -20.58
N GLN A 23 -27.63 -22.39 -19.68
CA GLN A 23 -28.18 -21.61 -18.59
C GLN A 23 -28.90 -20.38 -19.15
N LYS A 24 -28.32 -19.76 -20.18
CA LYS A 24 -28.90 -18.57 -20.78
C LYS A 24 -30.20 -18.85 -21.54
N ARG A 25 -30.21 -19.94 -22.30
CA ARG A 25 -31.32 -20.25 -23.21
C ARG A 25 -32.54 -20.88 -22.54
N LEU A 26 -32.33 -21.67 -21.49
CA LEU A 26 -33.43 -22.45 -20.92
C LEU A 26 -34.03 -21.85 -19.66
N ASN A 27 -35.32 -22.11 -19.45
CA ASN A 27 -36.02 -21.70 -18.24
C ASN A 27 -35.88 -22.75 -17.14
N TYR A 28 -36.35 -22.40 -15.94
CA TYR A 28 -36.21 -23.27 -14.78
C TYR A 28 -36.96 -24.59 -14.97
N ASN A 29 -36.38 -25.66 -14.46
CA ASN A 29 -36.94 -27.01 -14.54
C ASN A 29 -37.27 -27.49 -15.96
N GLU A 30 -36.78 -26.78 -16.98
CA GLU A 30 -36.90 -27.29 -18.34
C GLU A 30 -36.07 -28.55 -18.45
N ALA A 31 -34.94 -28.54 -17.74
CA ALA A 31 -34.06 -29.69 -17.65
C ALA A 31 -33.17 -29.65 -16.41
N ASP A 32 -32.57 -30.79 -16.10
CA ASP A 32 -31.59 -30.93 -15.02
C ASP A 32 -30.20 -31.00 -15.62
N ILE A 33 -29.40 -29.99 -15.33
CA ILE A 33 -28.07 -29.88 -15.92
C ILE A 33 -27.00 -30.15 -14.89
N THR A 34 -26.15 -31.11 -15.20
CA THR A 34 -25.05 -31.46 -14.31
C THR A 34 -23.73 -31.18 -14.99
N LEU A 35 -22.90 -30.35 -14.36
CA LEU A 35 -21.58 -30.02 -14.92
C LEU A 35 -20.49 -30.69 -14.10
N VAL A 36 -19.65 -31.48 -14.75
CA VAL A 36 -18.64 -32.26 -14.04
C VAL A 36 -17.22 -31.79 -14.33
N ASN A 37 -16.44 -31.60 -13.27
CA ASN A 37 -15.04 -31.26 -13.48
C ASN A 37 -14.16 -31.88 -12.41
N LYS A 38 -12.92 -32.20 -12.76
CA LYS A 38 -12.02 -32.83 -11.79
C LYS A 38 -11.48 -31.78 -10.83
N ASN A 39 -11.61 -30.52 -11.21
CA ASN A 39 -11.22 -29.43 -10.33
C ASN A 39 -12.41 -28.51 -10.12
N ASP A 40 -12.37 -27.71 -9.07
CA ASP A 40 -13.47 -26.77 -8.83
C ASP A 40 -13.22 -25.47 -9.59
N TYR A 41 -12.23 -25.49 -10.46
CA TYR A 41 -11.89 -24.31 -11.26
C TYR A 41 -11.76 -24.65 -12.74
N HIS A 42 -11.94 -23.62 -13.56
CA HIS A 42 -11.75 -23.69 -15.00
C HIS A 42 -10.51 -22.86 -15.35
N TYR A 43 -9.57 -23.44 -16.08
CA TYR A 43 -8.34 -22.72 -16.37
C TYR A 43 -8.25 -22.26 -17.83
N ILE A 44 -7.60 -21.12 -18.02
CA ILE A 44 -7.38 -20.56 -19.34
C ILE A 44 -6.19 -21.27 -19.98
N THR A 45 -6.48 -22.35 -20.71
CA THR A 45 -5.43 -23.20 -21.27
C THR A 45 -4.51 -22.43 -22.21
N THR A 46 -5.08 -21.49 -22.96
CA THR A 46 -4.32 -20.77 -23.99
C THR A 46 -3.25 -19.86 -23.42
N GLU A 47 -3.23 -19.69 -22.10
CA GLU A 47 -2.22 -18.87 -21.46
C GLU A 47 -1.36 -19.67 -20.49
N LEU A 48 -1.56 -20.99 -20.47
CA LEU A 48 -0.87 -21.84 -19.49
C LEU A 48 0.65 -21.81 -19.64
N HIS A 49 1.13 -21.38 -20.81
CA HIS A 49 2.57 -21.30 -21.03
C HIS A 49 3.21 -20.24 -20.15
N GLN A 50 2.49 -19.19 -19.78
CA GLN A 50 3.10 -18.15 -18.97
C GLN A 50 3.42 -18.59 -17.51
N PRO A 51 2.46 -19.20 -16.80
CA PRO A 51 2.85 -19.65 -15.46
C PRO A 51 3.91 -20.75 -15.50
N ALA A 52 3.90 -21.57 -16.54
CA ALA A 52 4.89 -22.64 -16.70
C ALA A 52 6.29 -22.05 -16.75
N ALA A 53 6.41 -20.90 -17.39
CA ALA A 53 7.65 -20.14 -17.43
C ALA A 53 7.86 -19.31 -16.17
N GLY A 54 6.75 -18.90 -15.56
CA GLY A 54 6.81 -18.11 -14.34
C GLY A 54 6.65 -16.63 -14.58
N THR A 55 6.27 -16.26 -15.80
CA THR A 55 6.09 -14.85 -16.16
C THR A 55 4.75 -14.31 -15.66
N MET A 56 3.84 -15.21 -15.33
CA MET A 56 2.54 -14.85 -14.81
C MET A 56 2.14 -15.82 -13.70
N HIS A 57 1.44 -15.32 -12.69
CA HIS A 57 0.96 -16.16 -11.61
C HIS A 57 -0.15 -17.06 -12.14
N HIS A 58 -0.20 -18.29 -11.66
CA HIS A 58 -1.16 -19.27 -12.16
C HIS A 58 -2.60 -18.92 -11.80
N ASP A 59 -2.80 -18.14 -10.74
CA ASP A 59 -4.15 -17.79 -10.32
C ASP A 59 -4.81 -16.90 -11.36
N GLN A 60 -3.99 -16.21 -12.15
CA GLN A 60 -4.48 -15.35 -13.22
C GLN A 60 -4.87 -16.16 -14.45
N ALA A 61 -4.67 -17.47 -14.38
CA ALA A 61 -4.99 -18.35 -15.51
C ALA A 61 -6.17 -19.28 -15.20
N ARG A 62 -6.83 -19.05 -14.07
CA ARG A 62 -7.97 -19.88 -13.68
C ARG A 62 -9.07 -19.08 -12.98
N VAL A 63 -10.26 -19.65 -12.93
CA VAL A 63 -11.40 -19.00 -12.28
C VAL A 63 -12.31 -20.06 -11.66
N GLY A 64 -13.03 -19.68 -10.59
CA GLY A 64 -13.94 -20.60 -9.94
C GLY A 64 -15.20 -20.84 -10.75
N ILE A 65 -15.57 -22.10 -10.91
CA ILE A 65 -16.74 -22.49 -11.70
C ILE A 65 -18.04 -22.02 -11.05
N LYS A 66 -18.12 -22.14 -9.72
CA LYS A 66 -19.32 -21.76 -8.99
C LYS A 66 -19.66 -20.28 -9.18
N GLU A 67 -18.63 -19.46 -9.38
CA GLU A 67 -18.83 -18.03 -9.62
C GLU A 67 -19.52 -17.79 -10.96
N LEU A 68 -19.12 -18.54 -11.98
CA LEU A 68 -19.64 -18.35 -13.32
C LEU A 68 -21.08 -18.85 -13.51
N ILE A 69 -21.39 -20.00 -12.92
CA ILE A 69 -22.67 -20.65 -13.19
C ILE A 69 -23.80 -20.26 -12.24
N ASP A 70 -24.97 -20.82 -12.51
CA ASP A 70 -26.15 -20.63 -11.69
C ASP A 70 -26.43 -21.91 -10.90
N GLU A 71 -26.40 -21.79 -9.57
CA GLU A 71 -26.57 -22.95 -8.69
C GLU A 71 -27.97 -23.56 -8.84
N LYS A 72 -28.95 -22.72 -9.16
CA LYS A 72 -30.31 -23.19 -9.36
C LYS A 72 -30.45 -23.97 -10.67
N LYS A 73 -30.03 -23.35 -11.77
CA LYS A 73 -30.15 -23.97 -13.09
C LYS A 73 -29.19 -25.13 -13.27
N ILE A 74 -27.95 -24.95 -12.84
CA ILE A 74 -26.93 -25.98 -13.04
C ILE A 74 -26.35 -26.50 -11.73
N LYS A 75 -26.28 -27.82 -11.61
CA LYS A 75 -25.68 -28.48 -10.46
C LYS A 75 -24.26 -28.90 -10.78
N PHE A 76 -23.31 -28.41 -9.99
CA PHE A 76 -21.91 -28.66 -10.26
C PHE A 76 -21.34 -29.80 -9.42
N VAL A 77 -20.71 -30.74 -10.10
CA VAL A 77 -20.08 -31.88 -9.46
C VAL A 77 -18.57 -31.90 -9.70
N LYS A 78 -17.82 -31.95 -8.60
CA LYS A 78 -16.37 -32.03 -8.65
C LYS A 78 -15.95 -33.47 -8.48
N ASP A 79 -15.63 -34.12 -9.59
CA ASP A 79 -15.22 -35.51 -9.55
C ASP A 79 -14.49 -35.86 -10.84
N THR A 80 -13.90 -37.04 -10.86
CA THR A 80 -13.13 -37.49 -12.01
C THR A 80 -13.84 -38.61 -12.77
N VAL A 81 -14.07 -38.36 -14.05
CA VAL A 81 -14.71 -39.34 -14.91
C VAL A 81 -13.79 -40.54 -15.11
N VAL A 82 -14.35 -41.73 -14.99
CA VAL A 82 -13.58 -42.95 -15.17
C VAL A 82 -13.94 -43.61 -16.50
N ALA A 83 -15.23 -43.75 -16.75
CA ALA A 83 -15.70 -44.40 -17.98
C ALA A 83 -17.12 -43.99 -18.34
N ILE A 84 -17.49 -44.24 -19.59
CA ILE A 84 -18.85 -43.98 -20.06
C ILE A 84 -19.45 -45.24 -20.66
N ASP A 85 -20.64 -45.60 -20.17
CA ASP A 85 -21.36 -46.76 -20.68
C ASP A 85 -22.48 -46.27 -21.58
N ARG A 86 -22.27 -46.44 -22.88
CA ARG A 86 -23.19 -45.98 -23.91
C ARG A 86 -24.53 -46.72 -23.82
N GLU A 87 -24.46 -48.02 -23.61
CA GLU A 87 -25.65 -48.87 -23.57
C GLU A 87 -26.53 -48.51 -22.38
N GLN A 88 -25.93 -48.41 -21.20
CA GLN A 88 -26.65 -48.05 -19.98
C GLN A 88 -26.98 -46.57 -19.92
N GLN A 89 -26.36 -45.79 -20.81
CA GLN A 89 -26.46 -44.34 -20.78
C GLN A 89 -26.05 -43.85 -19.39
N LYS A 90 -24.94 -44.38 -18.91
CA LYS A 90 -24.49 -44.05 -17.56
C LYS A 90 -23.02 -43.62 -17.54
N VAL A 91 -22.71 -42.66 -16.70
CA VAL A 91 -21.33 -42.19 -16.57
C VAL A 91 -20.75 -42.54 -15.21
N THR A 92 -19.65 -43.31 -15.24
CA THR A 92 -18.97 -43.75 -14.03
C THR A 92 -17.99 -42.69 -13.52
N LEU A 93 -17.90 -42.54 -12.20
CA LEU A 93 -17.00 -41.55 -11.62
C LEU A 93 -16.18 -42.16 -10.49
N GLN A 94 -15.17 -41.44 -10.04
CA GLN A 94 -14.32 -41.91 -8.94
C GLN A 94 -15.14 -42.04 -7.66
N ASN A 95 -16.11 -41.15 -7.49
CA ASN A 95 -16.95 -41.15 -6.30
C ASN A 95 -18.43 -41.11 -6.63
N GLY A 96 -18.91 -42.11 -7.37
CA GLY A 96 -20.31 -42.17 -7.73
C GLY A 96 -20.60 -42.47 -9.20
N GLU A 97 -21.84 -42.26 -9.59
CA GLU A 97 -22.29 -42.50 -10.96
C GLU A 97 -23.40 -41.54 -11.33
N LEU A 98 -23.59 -41.34 -12.63
CA LEU A 98 -24.63 -40.43 -13.12
C LEU A 98 -25.37 -41.04 -14.29
N HIS A 99 -26.59 -40.57 -14.52
CA HIS A 99 -27.38 -41.05 -15.65
C HIS A 99 -27.73 -39.88 -16.55
N TYR A 100 -27.69 -40.08 -17.85
CA TYR A 100 -27.94 -38.97 -18.77
C TYR A 100 -29.00 -39.31 -19.81
N ASP A 101 -29.90 -38.35 -20.07
CA ASP A 101 -30.73 -38.41 -21.26
C ASP A 101 -29.91 -37.87 -22.41
N TYR A 102 -29.16 -36.80 -22.14
CA TYR A 102 -28.24 -36.21 -23.10
C TYR A 102 -26.86 -36.04 -22.48
N LEU A 103 -25.83 -36.26 -23.29
CA LEU A 103 -24.45 -36.15 -22.83
C LEU A 103 -23.60 -35.27 -23.74
N VAL A 104 -22.87 -34.34 -23.14
CA VAL A 104 -21.91 -33.51 -23.86
C VAL A 104 -20.51 -33.80 -23.36
N VAL A 105 -19.65 -34.25 -24.26
CA VAL A 105 -18.30 -34.64 -23.87
C VAL A 105 -17.26 -33.61 -24.27
N GLY A 106 -16.65 -32.98 -23.26
CA GLY A 106 -15.59 -32.03 -23.49
C GLY A 106 -14.45 -32.19 -22.50
N LEU A 107 -13.83 -33.37 -22.53
CA LEU A 107 -12.75 -33.70 -21.60
C LEU A 107 -11.39 -33.21 -22.10
N GLY A 108 -11.38 -32.56 -23.25
CA GLY A 108 -10.17 -31.98 -23.80
C GLY A 108 -9.18 -33.01 -24.30
N SER A 109 -7.91 -32.61 -24.33
CA SER A 109 -6.84 -33.45 -24.89
C SER A 109 -5.92 -33.97 -23.80
N GLU A 110 -5.26 -35.09 -24.11
CA GLU A 110 -4.15 -35.58 -23.30
C GLU A 110 -2.93 -35.69 -24.22
N PRO A 111 -1.72 -35.72 -23.63
CA PRO A 111 -0.49 -35.77 -24.46
C PRO A 111 -0.34 -37.05 -25.28
N GLU A 112 0.24 -36.90 -26.47
CA GLU A 112 0.57 -38.05 -27.30
C GLU A 112 2.09 -38.13 -27.46
N THR A 113 2.68 -39.16 -26.87
CA THR A 113 4.14 -39.30 -26.82
C THR A 113 4.64 -40.24 -27.92
N PHE A 114 3.72 -40.81 -28.68
CA PHE A 114 4.02 -41.65 -29.83
C PHE A 114 4.84 -42.89 -29.47
N GLY A 115 4.78 -43.29 -28.21
CA GLY A 115 5.49 -44.49 -27.78
C GLY A 115 6.98 -44.25 -27.61
N ILE A 116 7.41 -42.99 -27.72
CA ILE A 116 8.81 -42.65 -27.52
C ILE A 116 9.21 -42.97 -26.09
N GLU A 117 10.37 -43.59 -25.94
CA GLU A 117 10.79 -44.17 -24.67
C GLU A 117 11.13 -43.09 -23.64
N GLY A 118 10.48 -43.20 -22.48
CA GLY A 118 10.75 -42.35 -21.35
C GLY A 118 10.10 -40.97 -21.39
N LEU A 119 9.47 -40.67 -22.52
CA LEU A 119 8.84 -39.37 -22.71
C LEU A 119 7.69 -39.16 -21.74
N ARG A 120 6.90 -40.21 -21.53
CA ARG A 120 5.79 -40.17 -20.59
C ARG A 120 6.26 -40.01 -19.15
N GLU A 121 7.26 -40.79 -18.76
CA GLU A 121 7.75 -40.82 -17.38
C GLU A 121 8.58 -39.59 -16.99
N HIS A 122 9.44 -39.12 -17.89
CA HIS A 122 10.44 -38.12 -17.52
C HIS A 122 10.31 -36.77 -18.21
N ALA A 123 9.23 -36.54 -18.95
CA ALA A 123 9.04 -35.25 -19.58
C ALA A 123 7.74 -34.61 -19.08
N PHE A 124 7.68 -33.28 -19.15
CA PHE A 124 6.54 -32.53 -18.64
C PHE A 124 5.62 -32.04 -19.75
N SER A 125 4.36 -31.79 -19.39
CA SER A 125 3.36 -31.27 -20.32
C SER A 125 2.70 -30.00 -19.79
N ILE A 126 2.29 -29.14 -20.70
CA ILE A 126 1.59 -27.90 -20.38
C ILE A 126 0.10 -28.08 -20.62
N ASN A 127 -0.61 -28.72 -19.68
CA ASN A 127 -2.01 -29.02 -19.90
C ASN A 127 -2.92 -28.73 -18.71
N SER A 128 -2.35 -28.24 -17.62
CA SER A 128 -3.15 -27.92 -16.45
C SER A 128 -2.44 -26.95 -15.53
N ILE A 129 -3.16 -26.48 -14.52
CA ILE A 129 -2.58 -25.60 -13.51
C ILE A 129 -1.53 -26.38 -12.72
N ASN A 130 -1.86 -27.63 -12.37
CA ASN A 130 -0.93 -28.48 -11.63
C ASN A 130 0.35 -28.73 -12.41
N SER A 131 0.20 -29.06 -13.68
CA SER A 131 1.36 -29.41 -14.50
C SER A 131 2.30 -28.23 -14.64
N VAL A 132 1.76 -27.04 -14.94
CA VAL A 132 2.59 -25.86 -15.13
C VAL A 132 3.24 -25.40 -13.82
N ARG A 133 2.55 -25.58 -12.69
CA ARG A 133 3.17 -25.25 -11.41
C ARG A 133 4.36 -26.17 -11.18
N ILE A 134 4.17 -27.44 -11.51
CA ILE A 134 5.26 -28.41 -11.40
C ILE A 134 6.44 -28.06 -12.31
N ILE A 135 6.16 -27.69 -13.54
CA ILE A 135 7.21 -27.31 -14.47
C ILE A 135 8.01 -26.14 -13.92
N ARG A 136 7.29 -25.11 -13.50
CA ARG A 136 7.91 -23.89 -13.00
C ARG A 136 8.81 -24.18 -11.81
N GLN A 137 8.27 -24.89 -10.82
CA GLN A 137 8.99 -25.18 -9.60
C GLN A 137 10.18 -26.11 -9.85
N HIS A 138 10.05 -26.97 -10.86
CA HIS A 138 11.13 -27.88 -11.27
C HIS A 138 12.32 -27.08 -11.81
N ILE A 139 12.04 -26.20 -12.77
CA ILE A 139 13.08 -25.39 -13.37
C ILE A 139 13.77 -24.52 -12.32
N GLU A 140 12.97 -23.92 -11.44
CA GLU A 140 13.55 -23.09 -10.39
C GLU A 140 14.45 -23.93 -9.49
N TYR A 141 14.03 -25.17 -9.25
CA TYR A 141 14.82 -26.07 -8.42
C TYR A 141 16.18 -26.37 -9.06
N GLN A 142 16.19 -26.60 -10.36
CA GLN A 142 17.44 -26.89 -11.06
C GLN A 142 18.40 -25.70 -11.01
N PHE A 143 17.85 -24.51 -11.27
CA PHE A 143 18.66 -23.31 -11.23
C PHE A 143 19.19 -23.07 -9.82
N ALA A 144 18.40 -23.45 -8.83
CA ALA A 144 18.83 -23.33 -7.45
C ALA A 144 19.99 -24.28 -7.17
N LYS A 145 19.94 -25.47 -7.76
CA LYS A 145 20.98 -26.46 -7.54
C LYS A 145 22.30 -26.10 -8.22
N PHE A 146 22.24 -25.32 -9.29
CA PHE A 146 23.46 -25.05 -10.07
C PHE A 146 24.61 -24.36 -9.33
N ALA A 147 24.31 -23.37 -8.50
CA ALA A 147 25.36 -22.58 -7.87
C ALA A 147 26.31 -23.42 -7.03
N ALA A 148 25.76 -24.37 -6.27
CA ALA A 148 26.57 -25.26 -5.44
C ALA A 148 27.33 -26.29 -6.28
N GLU A 149 26.79 -26.63 -7.44
CA GLU A 149 27.38 -27.65 -8.31
C GLU A 149 27.57 -27.11 -9.74
N PRO A 150 28.58 -26.23 -9.95
CA PRO A 150 28.75 -25.45 -11.19
C PRO A 150 29.20 -26.23 -12.43
N GLU A 151 29.61 -27.48 -12.28
CA GLU A 151 29.99 -28.27 -13.44
C GLU A 151 28.75 -28.77 -14.17
N ARG A 152 27.63 -28.84 -13.45
CA ARG A 152 26.40 -29.36 -14.03
C ARG A 152 25.63 -28.31 -14.80
N THR A 153 26.00 -28.10 -16.05
CA THR A 153 25.32 -27.13 -16.88
C THR A 153 24.02 -27.71 -17.42
N ASP A 154 23.83 -29.02 -17.21
CA ASP A 154 22.60 -29.68 -17.62
C ASP A 154 21.41 -29.19 -16.78
N TYR A 155 21.72 -28.62 -15.61
CA TYR A 155 20.69 -28.00 -14.78
C TYR A 155 20.12 -26.77 -15.51
N LEU A 156 20.98 -26.13 -16.30
CA LEU A 156 20.61 -24.88 -16.95
C LEU A 156 20.17 -25.11 -18.38
N THR A 157 19.97 -26.38 -18.73
CA THR A 157 19.53 -26.72 -20.07
C THR A 157 18.10 -27.21 -20.05
N ILE A 158 17.26 -26.55 -20.86
CA ILE A 158 15.86 -26.93 -20.96
C ILE A 158 15.54 -27.31 -22.39
N VAL A 159 15.05 -28.52 -22.59
CA VAL A 159 14.75 -29.00 -23.93
C VAL A 159 13.24 -29.03 -24.15
N VAL A 160 12.79 -28.32 -25.18
CA VAL A 160 11.37 -28.33 -25.52
C VAL A 160 11.15 -29.09 -26.81
N GLY A 161 10.44 -30.22 -26.70
CA GLY A 161 10.22 -31.10 -27.82
C GLY A 161 8.99 -30.71 -28.61
N GLY A 162 9.19 -30.40 -29.88
CA GLY A 162 8.13 -29.97 -30.77
C GLY A 162 8.11 -28.47 -30.91
N ALA A 163 8.31 -28.00 -32.14
CA ALA A 163 8.35 -26.57 -32.44
C ALA A 163 7.04 -26.15 -33.07
N GLY A 164 5.95 -26.48 -32.38
CA GLY A 164 4.62 -26.11 -32.80
C GLY A 164 4.23 -24.78 -32.19
N PHE A 165 2.93 -24.54 -32.11
CA PHE A 165 2.38 -23.33 -31.55
C PHE A 165 2.80 -23.19 -30.08
N THR A 166 2.50 -24.22 -29.30
CA THR A 166 2.75 -24.23 -27.86
C THR A 166 4.23 -24.12 -27.54
N GLY A 167 5.05 -24.91 -28.22
CA GLY A 167 6.48 -24.93 -27.97
C GLY A 167 7.12 -23.58 -28.23
N ILE A 168 6.72 -22.95 -29.33
CA ILE A 168 7.25 -21.64 -29.69
C ILE A 168 6.85 -20.60 -28.64
N GLU A 169 5.58 -20.62 -28.23
CA GLU A 169 5.13 -19.67 -27.23
C GLU A 169 5.89 -19.86 -25.91
N PHE A 170 6.08 -21.13 -25.55
CA PHE A 170 6.73 -21.47 -24.30
C PHE A 170 8.19 -21.05 -24.28
N VAL A 171 8.95 -21.39 -25.34
CA VAL A 171 10.37 -21.04 -25.37
C VAL A 171 10.53 -19.53 -25.41
N GLY A 172 9.54 -18.84 -25.98
CA GLY A 172 9.55 -17.39 -25.94
C GLY A 172 9.42 -16.87 -24.51
N GLU A 173 8.49 -17.45 -23.76
CA GLU A 173 8.29 -17.04 -22.38
C GLU A 173 9.51 -17.33 -21.51
N LEU A 174 10.10 -18.51 -21.71
CA LEU A 174 11.30 -18.91 -20.99
C LEU A 174 12.42 -17.92 -21.27
N ALA A 175 12.56 -17.57 -22.54
CA ALA A 175 13.60 -16.67 -22.98
C ALA A 175 13.45 -15.33 -22.27
N ASP A 176 12.22 -14.85 -22.15
CA ASP A 176 12.00 -13.62 -21.40
C ASP A 176 12.27 -13.78 -19.90
N ARG A 177 11.99 -14.96 -19.36
CA ARG A 177 12.11 -15.18 -17.93
C ARG A 177 13.58 -15.32 -17.46
N MET A 178 14.47 -15.70 -18.37
CA MET A 178 15.85 -16.05 -18.00
C MET A 178 16.72 -15.00 -17.25
N PRO A 179 16.60 -13.71 -17.58
CA PRO A 179 17.43 -12.76 -16.82
C PRO A 179 17.11 -12.68 -15.32
N GLU A 180 15.83 -12.56 -14.97
CA GLU A 180 15.45 -12.48 -13.56
C GLU A 180 15.80 -13.79 -12.87
N LEU A 181 15.58 -14.89 -13.58
CA LEU A 181 15.85 -16.22 -13.05
C LEU A 181 17.34 -16.39 -12.75
N CYS A 182 18.19 -15.92 -13.65
CA CYS A 182 19.63 -15.99 -13.44
C CYS A 182 20.07 -15.09 -12.30
N ALA A 183 19.47 -13.91 -12.21
CA ALA A 183 19.82 -12.96 -11.16
C ALA A 183 19.48 -13.53 -9.78
N GLU A 184 18.37 -14.26 -9.72
CA GLU A 184 17.89 -14.82 -8.47
C GLU A 184 18.83 -15.90 -7.90
N TYR A 185 19.46 -16.68 -8.78
CA TYR A 185 20.24 -17.82 -8.35
C TYR A 185 21.74 -17.72 -8.69
N ASP A 186 22.20 -16.50 -8.92
CA ASP A 186 23.62 -16.23 -9.21
C ASP A 186 24.12 -17.09 -10.36
N VAL A 187 23.39 -17.05 -11.46
CA VAL A 187 23.72 -17.89 -12.61
C VAL A 187 24.23 -17.06 -13.77
N ASP A 188 25.27 -17.54 -14.42
CA ASP A 188 25.81 -16.91 -15.61
C ASP A 188 24.86 -17.14 -16.78
N PRO A 189 24.25 -16.06 -17.29
CA PRO A 189 23.24 -16.15 -18.35
C PRO A 189 23.74 -16.85 -19.62
N LYS A 190 25.04 -16.77 -19.86
CA LYS A 190 25.64 -17.41 -21.04
C LYS A 190 25.58 -18.95 -20.96
N LEU A 191 25.56 -19.47 -19.74
CA LEU A 191 25.55 -20.92 -19.57
C LEU A 191 24.18 -21.54 -19.83
N VAL A 192 23.14 -20.72 -19.84
CA VAL A 192 21.78 -21.21 -20.01
C VAL A 192 21.48 -21.62 -21.46
N ARG A 193 20.87 -22.80 -21.61
CA ARG A 193 20.54 -23.34 -22.92
C ARG A 193 19.05 -23.64 -23.05
N ILE A 194 18.38 -22.93 -23.96
CA ILE A 194 17.00 -23.24 -24.29
C ILE A 194 16.96 -23.86 -25.67
N ILE A 195 16.59 -25.13 -25.74
CA ILE A 195 16.63 -25.86 -27.00
C ILE A 195 15.25 -26.37 -27.44
N ASN A 196 14.85 -25.97 -28.63
CA ASN A 196 13.60 -26.42 -29.23
C ASN A 196 13.90 -27.48 -30.28
N VAL A 197 13.38 -28.67 -30.07
CA VAL A 197 13.67 -29.80 -30.95
C VAL A 197 12.44 -30.22 -31.76
N GLU A 198 12.58 -30.20 -33.08
CA GLU A 198 11.49 -30.58 -33.99
C GLU A 198 11.86 -31.73 -34.92
N ALA A 199 11.04 -32.77 -34.91
CA ALA A 199 11.21 -33.90 -35.82
C ALA A 199 10.89 -33.50 -37.25
N ALA A 200 9.96 -32.55 -37.39
CA ALA A 200 9.53 -32.08 -38.69
C ALA A 200 10.63 -31.22 -39.32
N PRO A 201 10.66 -31.15 -40.67
CA PRO A 201 11.66 -30.39 -41.41
C PRO A 201 11.54 -28.87 -41.28
N THR A 202 10.40 -28.38 -40.81
CA THR A 202 10.22 -26.93 -40.66
C THR A 202 9.60 -26.53 -39.33
N VAL A 203 10.02 -25.40 -38.80
CA VAL A 203 9.40 -24.85 -37.59
C VAL A 203 8.01 -24.33 -37.95
N LEU A 204 7.06 -24.60 -37.07
CA LEU A 204 5.66 -24.23 -37.27
C LEU A 204 5.23 -24.79 -38.63
N PRO A 205 5.28 -26.13 -38.77
CA PRO A 205 4.93 -26.71 -40.07
C PRO A 205 3.48 -26.44 -40.45
N GLY A 206 3.24 -26.14 -41.71
CA GLY A 206 1.91 -25.85 -42.19
C GLY A 206 1.51 -24.42 -41.90
N PHE A 207 2.51 -23.56 -41.65
CA PHE A 207 2.28 -22.15 -41.40
C PHE A 207 3.06 -21.29 -42.38
N ASP A 208 2.64 -20.04 -42.54
CA ASP A 208 3.28 -19.12 -43.47
C ASP A 208 4.74 -18.85 -43.11
N PRO A 209 5.66 -19.18 -44.04
CA PRO A 209 7.11 -19.11 -43.83
C PRO A 209 7.60 -17.74 -43.38
N ALA A 210 6.92 -16.67 -43.77
CA ALA A 210 7.33 -15.33 -43.33
C ALA A 210 7.19 -15.19 -41.83
N LEU A 211 6.06 -15.66 -41.31
CA LEU A 211 5.77 -15.61 -39.89
C LEU A 211 6.75 -16.49 -39.14
N VAL A 212 7.02 -17.66 -39.70
CA VAL A 212 7.93 -18.61 -39.11
C VAL A 212 9.32 -18.02 -38.99
N ASN A 213 9.83 -17.49 -40.09
CA ASN A 213 11.15 -16.89 -40.11
C ASN A 213 11.26 -15.69 -39.17
N TYR A 214 10.21 -14.88 -39.10
CA TYR A 214 10.22 -13.73 -38.18
C TYR A 214 10.31 -14.22 -36.74
N ALA A 215 9.45 -15.19 -36.40
CA ALA A 215 9.40 -15.76 -35.06
C ALA A 215 10.73 -16.39 -34.69
N MET A 216 11.31 -17.12 -35.66
CA MET A 216 12.60 -17.76 -35.46
C MET A 216 13.75 -16.77 -35.28
N ASP A 217 13.69 -15.64 -35.99
CA ASP A 217 14.67 -14.58 -35.80
C ASP A 217 14.57 -13.97 -34.42
N VAL A 218 13.35 -13.64 -34.01
CA VAL A 218 13.14 -13.03 -32.70
C VAL A 218 13.61 -13.96 -31.58
N LEU A 219 13.17 -15.21 -31.63
CA LEU A 219 13.53 -16.18 -30.61
C LEU A 219 15.01 -16.46 -30.58
N GLY A 220 15.61 -16.57 -31.76
CA GLY A 220 17.04 -16.78 -31.87
C GLY A 220 17.85 -15.61 -31.33
N GLY A 221 17.29 -14.41 -31.45
CA GLY A 221 17.93 -13.23 -30.91
C GLY A 221 18.02 -13.31 -29.41
N LYS A 222 17.05 -13.96 -28.79
CA LYS A 222 17.04 -14.12 -27.35
C LYS A 222 17.72 -15.42 -26.92
N GLY A 223 18.44 -16.04 -27.85
CA GLY A 223 19.28 -17.17 -27.54
C GLY A 223 18.65 -18.54 -27.62
N VAL A 224 17.43 -18.62 -28.13
CA VAL A 224 16.77 -19.91 -28.30
C VAL A 224 17.36 -20.67 -29.47
N GLU A 225 17.70 -21.93 -29.24
CA GLU A 225 18.32 -22.76 -30.26
C GLU A 225 17.29 -23.68 -30.90
N PHE A 226 17.37 -23.85 -32.21
CA PHE A 226 16.43 -24.73 -32.90
C PHE A 226 17.17 -25.89 -33.52
N LYS A 227 16.68 -27.10 -33.24
CA LYS A 227 17.20 -28.29 -33.90
C LYS A 227 16.09 -28.88 -34.75
N ILE A 228 16.26 -28.81 -36.07
CA ILE A 228 15.21 -29.17 -37.00
C ILE A 228 15.53 -30.45 -37.77
N GLY A 229 14.50 -31.20 -38.12
CA GLY A 229 14.69 -32.49 -38.77
C GLY A 229 15.33 -33.44 -37.80
N THR A 230 15.18 -33.13 -36.51
CA THR A 230 15.81 -33.90 -35.45
C THR A 230 14.76 -34.53 -34.54
N PRO A 231 14.54 -35.85 -34.69
CA PRO A 231 13.58 -36.54 -33.82
C PRO A 231 14.21 -36.95 -32.50
N ILE A 232 13.40 -37.08 -31.46
CA ILE A 232 13.90 -37.54 -30.16
C ILE A 232 13.74 -39.05 -30.04
N LYS A 233 14.86 -39.75 -30.01
CA LYS A 233 14.84 -41.21 -29.92
C LYS A 233 14.35 -41.66 -28.53
N ARG A 234 14.88 -41.06 -27.46
CA ARG A 234 14.39 -41.44 -26.13
C ARG A 234 14.59 -40.35 -25.07
N CYS A 235 13.90 -40.48 -23.94
CA CYS A 235 13.98 -39.50 -22.87
C CYS A 235 14.38 -40.13 -21.54
N THR A 236 15.34 -39.50 -20.87
CA THR A 236 15.83 -39.97 -19.57
C THR A 236 15.79 -38.79 -18.61
N PRO A 237 15.93 -39.05 -17.30
CA PRO A 237 16.01 -37.91 -16.36
C PRO A 237 17.20 -37.00 -16.63
N GLU A 238 18.28 -37.57 -17.16
CA GLU A 238 19.48 -36.80 -17.50
C GLU A 238 19.29 -35.91 -18.72
N GLY A 239 18.41 -36.33 -19.64
CA GLY A 239 18.19 -35.56 -20.84
C GLY A 239 17.46 -36.34 -21.92
N VAL A 240 17.75 -36.01 -23.18
CA VAL A 240 17.14 -36.72 -24.29
C VAL A 240 18.18 -37.22 -25.27
N VAL A 241 17.82 -38.28 -25.98
CA VAL A 241 18.61 -38.81 -27.06
C VAL A 241 17.89 -38.54 -28.36
N ILE A 242 18.59 -37.82 -29.23
CA ILE A 242 18.06 -37.35 -30.50
C ILE A 242 18.82 -37.99 -31.65
N GLU A 243 18.26 -37.90 -32.85
CA GLU A 243 18.92 -38.47 -34.02
C GLU A 243 19.35 -37.36 -35.00
N VAL A 244 20.66 -37.22 -35.16
CA VAL A 244 21.24 -36.22 -36.06
C VAL A 244 22.15 -36.86 -37.11
N ASP A 245 21.87 -36.57 -38.38
CA ASP A 245 22.62 -37.14 -39.50
C ASP A 245 22.63 -38.66 -39.41
N GLY A 246 21.49 -39.24 -39.04
CA GLY A 246 21.36 -40.67 -38.94
C GLY A 246 22.18 -41.30 -37.83
N GLU A 247 22.74 -40.47 -36.96
CA GLU A 247 23.55 -40.95 -35.84
C GLU A 247 22.99 -40.43 -34.51
N GLU A 248 22.99 -41.28 -33.49
CA GLU A 248 22.46 -40.88 -32.19
C GLU A 248 23.35 -39.84 -31.54
N GLU A 249 22.71 -38.86 -30.92
CA GLU A 249 23.40 -37.80 -30.18
C GLU A 249 22.66 -37.60 -28.87
N GLU A 250 23.38 -37.13 -27.86
CA GLU A 250 22.82 -37.02 -26.52
C GLU A 250 22.81 -35.58 -26.06
N ILE A 251 21.69 -35.16 -25.46
CA ILE A 251 21.60 -33.86 -24.82
C ILE A 251 21.32 -34.03 -23.33
N LYS A 252 22.21 -33.48 -22.52
CA LYS A 252 22.08 -33.56 -21.07
C LYS A 252 21.27 -32.37 -20.56
N ALA A 253 20.05 -32.64 -20.11
CA ALA A 253 19.16 -31.58 -19.64
C ALA A 253 18.31 -32.04 -18.46
N ALA A 254 18.33 -31.27 -17.37
CA ALA A 254 17.52 -31.61 -16.21
C ALA A 254 16.03 -31.47 -16.51
N THR A 255 15.71 -30.63 -17.49
CA THR A 255 14.31 -30.38 -17.82
C THR A 255 13.95 -30.66 -19.28
N VAL A 256 12.95 -31.53 -19.47
CA VAL A 256 12.40 -31.78 -20.80
C VAL A 256 10.89 -31.59 -20.81
N VAL A 257 10.44 -30.66 -21.65
CA VAL A 257 9.03 -30.35 -21.79
C VAL A 257 8.53 -30.81 -23.15
N TRP A 258 7.43 -31.55 -23.14
CA TRP A 258 6.91 -32.13 -24.37
C TRP A 258 5.73 -31.33 -24.90
N THR A 259 5.94 -30.72 -26.07
CA THR A 259 4.89 -30.04 -26.81
C THR A 259 4.73 -30.65 -28.20
N GLY A 260 5.12 -31.91 -28.34
CA GLY A 260 5.15 -32.56 -29.65
C GLY A 260 3.81 -32.85 -30.28
N GLY A 261 2.88 -33.38 -29.50
CA GLY A 261 1.56 -33.73 -30.02
C GLY A 261 0.52 -33.98 -28.96
N VAL A 262 -0.75 -33.87 -29.35
CA VAL A 262 -1.86 -34.14 -28.45
C VAL A 262 -2.86 -35.09 -29.10
N ARG A 263 -3.62 -35.79 -28.27
CA ARG A 263 -4.69 -36.64 -28.75
C ARG A 263 -5.93 -36.42 -27.88
N GLY A 264 -7.07 -36.89 -28.37
CA GLY A 264 -8.30 -36.79 -27.60
C GLY A 264 -8.20 -37.64 -26.36
N ASN A 265 -9.00 -37.34 -25.35
CA ASN A 265 -8.95 -38.04 -24.08
C ASN A 265 -9.19 -39.54 -24.27
N SER A 266 -8.38 -40.36 -23.61
CA SER A 266 -8.42 -41.80 -23.82
C SER A 266 -9.71 -42.45 -23.29
N ILE A 267 -10.40 -41.76 -22.39
CA ILE A 267 -11.66 -42.28 -21.84
C ILE A 267 -12.69 -42.49 -22.94
N VAL A 268 -12.70 -41.57 -23.90
CA VAL A 268 -13.62 -41.64 -25.02
C VAL A 268 -13.40 -42.91 -25.86
N GLU A 269 -12.15 -43.15 -26.25
CA GLU A 269 -11.82 -44.34 -27.03
C GLU A 269 -12.08 -45.61 -26.21
N LYS A 270 -11.75 -45.55 -24.93
CA LYS A 270 -11.90 -46.69 -24.03
C LYS A 270 -13.37 -47.00 -23.80
N SER A 271 -14.26 -46.04 -24.08
CA SER A 271 -15.68 -46.25 -23.85
C SER A 271 -16.36 -46.86 -25.10
N GLY A 272 -15.56 -47.19 -26.10
CA GLY A 272 -16.06 -47.89 -27.27
C GLY A 272 -16.40 -47.06 -28.50
N PHE A 273 -16.18 -45.74 -28.42
CA PHE A 273 -16.40 -44.88 -29.58
C PHE A 273 -15.33 -45.14 -30.64
N GLU A 274 -15.70 -45.04 -31.91
CA GLU A 274 -14.71 -45.14 -32.98
C GLU A 274 -13.99 -43.80 -33.13
N THR A 275 -12.67 -43.81 -32.95
CA THR A 275 -11.92 -42.56 -32.82
C THR A 275 -10.66 -42.52 -33.66
N MET A 276 -10.34 -41.33 -34.16
CA MET A 276 -9.09 -41.09 -34.86
C MET A 276 -8.26 -40.12 -34.04
N ARG A 277 -7.08 -40.57 -33.60
CA ARG A 277 -6.20 -39.78 -32.76
C ARG A 277 -6.91 -39.43 -31.46
N GLY A 278 -7.81 -40.31 -31.02
CA GLY A 278 -8.56 -40.10 -29.79
C GLY A 278 -9.72 -39.14 -30.00
N ARG A 279 -9.88 -38.70 -31.24
CA ARG A 279 -10.86 -37.67 -31.59
C ARG A 279 -12.05 -38.30 -32.31
N ILE A 280 -13.24 -37.70 -32.19
CA ILE A 280 -14.43 -38.22 -32.86
C ILE A 280 -14.85 -37.36 -34.04
N LYS A 281 -15.00 -37.97 -35.20
CA LYS A 281 -15.48 -37.28 -36.38
C LYS A 281 -17.00 -37.23 -36.31
N VAL A 282 -17.51 -36.09 -35.80
CA VAL A 282 -18.92 -35.94 -35.46
C VAL A 282 -19.76 -35.64 -36.68
N ASP A 283 -21.08 -35.76 -36.54
CA ASP A 283 -22.00 -35.36 -37.61
C ASP A 283 -22.15 -33.84 -37.65
N PRO A 284 -22.79 -33.30 -38.70
CA PRO A 284 -23.01 -31.85 -38.84
C PRO A 284 -23.62 -31.18 -37.62
N TYR A 285 -24.21 -31.95 -36.72
CA TYR A 285 -24.81 -31.42 -35.51
C TYR A 285 -23.92 -31.66 -34.29
N LEU A 286 -22.66 -32.04 -34.54
CA LEU A 286 -21.65 -32.24 -33.50
C LEU A 286 -22.01 -33.41 -32.58
N ARG A 287 -22.90 -34.28 -33.05
CA ARG A 287 -23.25 -35.48 -32.30
C ARG A 287 -22.33 -36.62 -32.65
N ALA A 288 -22.18 -37.56 -31.73
CA ALA A 288 -21.42 -38.78 -32.01
C ALA A 288 -22.19 -39.68 -32.97
N PRO A 289 -21.52 -40.14 -34.04
CA PRO A 289 -22.16 -41.00 -35.05
C PRO A 289 -22.81 -42.23 -34.46
N GLY A 290 -24.12 -42.30 -34.54
CA GLY A 290 -24.88 -43.40 -33.98
C GLY A 290 -25.61 -43.02 -32.71
N HIS A 291 -25.32 -41.83 -32.19
CA HIS A 291 -25.92 -41.38 -30.93
C HIS A 291 -26.62 -40.04 -31.08
N GLU A 292 -27.93 -40.04 -30.95
CA GLU A 292 -28.71 -38.82 -31.12
C GLU A 292 -28.68 -37.99 -29.85
N ASN A 293 -28.19 -38.59 -28.76
CA ASN A 293 -28.18 -37.92 -27.47
C ASN A 293 -26.78 -37.62 -26.92
N ILE A 294 -25.76 -37.83 -27.74
CA ILE A 294 -24.39 -37.57 -27.30
C ILE A 294 -23.69 -36.55 -28.17
N PHE A 295 -23.21 -35.48 -27.54
CA PHE A 295 -22.53 -34.39 -28.22
C PHE A 295 -21.05 -34.31 -27.84
N ILE A 296 -20.20 -34.07 -28.83
CA ILE A 296 -18.76 -33.97 -28.60
C ILE A 296 -18.24 -32.57 -28.93
N VAL A 297 -17.49 -31.99 -28.01
CA VAL A 297 -17.01 -30.63 -28.21
C VAL A 297 -15.52 -30.50 -27.93
N GLY A 298 -14.95 -29.40 -28.40
CA GLY A 298 -13.57 -29.08 -28.18
C GLY A 298 -12.60 -30.05 -28.84
N ASP A 299 -11.52 -30.35 -28.12
CA ASP A 299 -10.43 -31.15 -28.64
C ASP A 299 -10.82 -32.60 -28.87
N CYS A 300 -11.87 -33.06 -28.18
CA CYS A 300 -12.37 -34.41 -28.34
C CYS A 300 -13.07 -34.58 -29.70
N ALA A 301 -13.64 -33.51 -30.22
CA ALA A 301 -14.35 -33.56 -31.50
C ALA A 301 -13.41 -33.25 -32.68
N LEU A 302 -13.60 -33.99 -33.77
CA LEU A 302 -12.84 -33.80 -34.99
C LEU A 302 -13.67 -33.25 -36.14
N ILE A 303 -13.24 -32.12 -36.71
CA ILE A 303 -13.96 -31.50 -37.81
C ILE A 303 -13.07 -31.49 -39.05
N ILE A 304 -13.64 -31.85 -40.19
CA ILE A 304 -12.87 -31.87 -41.43
C ILE A 304 -13.24 -30.68 -42.30
N ASN A 305 -12.23 -30.03 -42.88
CA ASN A 305 -12.42 -28.92 -43.80
C ASN A 305 -12.76 -29.43 -45.19
N GLU A 306 -13.98 -29.20 -45.63
CA GLU A 306 -14.48 -29.73 -46.90
C GLU A 306 -13.67 -29.24 -48.11
N GLU A 307 -13.09 -28.05 -47.99
CA GLU A 307 -12.31 -27.47 -49.09
C GLU A 307 -11.04 -28.25 -49.41
N ASN A 308 -10.26 -28.59 -48.39
CA ASN A 308 -8.96 -29.23 -48.61
C ASN A 308 -8.88 -30.66 -48.06
N ASN A 309 -9.96 -31.13 -47.45
CA ASN A 309 -10.05 -32.47 -46.88
C ASN A 309 -9.02 -32.74 -45.79
N ARG A 310 -8.60 -31.68 -45.10
CA ARG A 310 -7.69 -31.79 -43.95
C ARG A 310 -8.38 -31.32 -42.67
N PRO A 311 -8.06 -31.95 -41.53
CA PRO A 311 -8.71 -31.65 -40.25
C PRO A 311 -8.41 -30.26 -39.70
N TYR A 312 -9.36 -29.72 -38.94
CA TYR A 312 -9.15 -28.50 -38.19
C TYR A 312 -8.34 -28.87 -36.97
N PRO A 313 -7.32 -28.05 -36.65
CA PRO A 313 -6.49 -28.31 -35.48
C PRO A 313 -7.27 -28.13 -34.17
N PRO A 314 -6.91 -28.87 -33.13
CA PRO A 314 -7.63 -28.75 -31.87
C PRO A 314 -7.34 -27.42 -31.19
N THR A 315 -8.32 -26.53 -31.20
CA THR A 315 -8.14 -25.17 -30.71
C THR A 315 -9.27 -24.72 -29.82
N ALA A 316 -8.99 -23.75 -28.95
CA ALA A 316 -10.00 -23.18 -28.07
C ALA A 316 -11.03 -22.37 -28.88
N GLN A 317 -10.56 -21.74 -29.95
CA GLN A 317 -11.41 -20.91 -30.78
C GLN A 317 -12.59 -21.72 -31.32
N ILE A 318 -12.30 -22.87 -31.91
CA ILE A 318 -13.33 -23.72 -32.47
C ILE A 318 -14.11 -24.43 -31.35
N ALA A 319 -13.47 -24.62 -30.20
CA ALA A 319 -14.09 -25.28 -29.06
C ALA A 319 -15.27 -24.47 -28.55
N ILE A 320 -15.06 -23.15 -28.46
CA ILE A 320 -16.10 -22.25 -28.01
C ILE A 320 -17.31 -22.34 -28.93
N GLN A 321 -17.04 -22.35 -30.23
CA GLN A 321 -18.08 -22.44 -31.25
C GLN A 321 -18.83 -23.77 -31.13
N HIS A 322 -18.11 -24.84 -30.83
CA HIS A 322 -18.73 -26.14 -30.59
C HIS A 322 -19.72 -26.01 -29.44
N GLY A 323 -19.29 -25.31 -28.39
CA GLY A 323 -20.11 -25.14 -27.20
C GLY A 323 -21.40 -24.39 -27.48
N GLU A 324 -21.29 -23.29 -28.22
CA GLU A 324 -22.47 -22.48 -28.56
C GLU A 324 -23.46 -23.29 -29.40
N ASN A 325 -22.93 -23.98 -30.40
CA ASN A 325 -23.76 -24.79 -31.29
C ASN A 325 -24.48 -25.91 -30.55
N VAL A 326 -23.74 -26.59 -29.69
CA VAL A 326 -24.31 -27.68 -28.89
C VAL A 326 -25.37 -27.14 -27.93
N ALA A 327 -25.13 -25.98 -27.34
CA ALA A 327 -26.13 -25.40 -26.43
C ALA A 327 -27.44 -25.16 -27.17
N ALA A 328 -27.34 -24.53 -28.35
CA ALA A 328 -28.53 -24.27 -29.13
C ALA A 328 -29.25 -25.55 -29.53
N ASN A 329 -28.50 -26.53 -30.03
CA ASN A 329 -29.10 -27.78 -30.49
C ASN A 329 -29.75 -28.57 -29.36
N LEU A 330 -29.13 -28.54 -28.18
CA LEU A 330 -29.72 -29.18 -27.01
C LEU A 330 -31.02 -28.50 -26.63
N ALA A 331 -31.05 -27.18 -26.67
CA ALA A 331 -32.29 -26.47 -26.34
C ALA A 331 -33.41 -26.84 -27.30
N ALA A 332 -33.07 -26.89 -28.59
CA ALA A 332 -34.05 -27.26 -29.60
C ALA A 332 -34.54 -28.69 -29.39
N LEU A 333 -33.61 -29.60 -29.11
CA LEU A 333 -33.96 -31.00 -28.91
C LEU A 333 -34.87 -31.15 -27.69
N ILE A 334 -34.56 -30.37 -26.66
CA ILE A 334 -35.34 -30.38 -25.42
C ILE A 334 -36.75 -29.88 -25.65
N ARG A 335 -36.92 -28.94 -26.57
CA ARG A 335 -38.26 -28.38 -26.77
C ARG A 335 -39.03 -28.94 -27.98
N GLY A 336 -38.45 -29.92 -28.66
CA GLY A 336 -39.16 -30.59 -29.75
C GLY A 336 -38.72 -30.11 -31.12
N GLY A 337 -37.77 -29.18 -31.13
CA GLY A 337 -37.44 -28.45 -32.34
C GLY A 337 -36.41 -29.11 -33.23
N SER A 338 -36.05 -28.39 -34.30
CA SER A 338 -35.05 -28.85 -35.26
C SER A 338 -33.69 -28.23 -34.97
N MET A 339 -32.65 -29.02 -35.14
CA MET A 339 -31.29 -28.56 -34.87
C MET A 339 -30.68 -27.85 -36.07
N THR A 340 -29.72 -26.99 -35.80
CA THR A 340 -28.99 -26.25 -36.82
C THR A 340 -27.58 -26.82 -36.99
N PRO A 341 -27.21 -27.14 -38.24
CA PRO A 341 -25.88 -27.68 -38.52
C PRO A 341 -24.76 -26.72 -38.13
N PHE A 342 -23.66 -27.28 -37.63
CA PHE A 342 -22.52 -26.47 -37.20
C PHE A 342 -21.59 -26.14 -38.36
N LYS A 343 -21.29 -24.87 -38.54
CA LYS A 343 -20.25 -24.46 -39.48
C LYS A 343 -19.21 -23.61 -38.76
N PRO A 344 -17.94 -24.03 -38.81
CA PRO A 344 -16.88 -23.30 -38.11
C PRO A 344 -16.42 -22.07 -38.87
N HIS A 345 -16.31 -20.94 -38.17
CA HIS A 345 -15.77 -19.73 -38.76
C HIS A 345 -14.45 -19.38 -38.06
N ILE A 346 -13.35 -19.71 -38.72
CA ILE A 346 -12.03 -19.53 -38.12
C ILE A 346 -11.46 -18.16 -38.48
N ARG A 347 -11.38 -17.29 -37.48
CA ARG A 347 -10.88 -15.94 -37.66
C ARG A 347 -9.39 -15.90 -37.36
N GLY A 348 -8.83 -14.70 -37.23
CA GLY A 348 -7.42 -14.53 -36.92
C GLY A 348 -6.81 -15.48 -35.89
N THR A 349 -5.49 -15.63 -35.94
CA THR A 349 -4.77 -16.42 -34.93
C THR A 349 -3.40 -15.80 -34.65
N VAL A 350 -3.09 -15.64 -33.36
CA VAL A 350 -1.84 -15.04 -32.90
C VAL A 350 -1.00 -15.94 -31.98
N ALA A 351 0.30 -15.98 -32.21
CA ALA A 351 1.24 -16.73 -31.38
C ALA A 351 2.19 -15.74 -30.70
N SER A 352 2.26 -15.81 -29.38
CA SER A 352 3.13 -14.90 -28.64
C SER A 352 4.60 -15.27 -28.78
N LEU A 353 5.46 -14.27 -28.73
CA LEU A 353 6.90 -14.46 -28.74
C LEU A 353 7.53 -13.65 -27.62
N GLY A 354 7.25 -14.01 -26.38
CA GLY A 354 7.65 -13.19 -25.25
C GLY A 354 6.56 -12.22 -24.84
N ARG A 355 6.88 -11.35 -23.89
CA ARG A 355 5.89 -10.43 -23.34
C ARG A 355 5.45 -9.35 -24.34
N ASN A 356 6.37 -8.89 -25.18
CA ASN A 356 6.12 -7.75 -26.06
C ASN A 356 6.18 -8.02 -27.57
N ASP A 357 6.11 -9.29 -27.96
CA ASP A 357 6.17 -9.63 -29.39
C ASP A 357 5.25 -10.79 -29.74
N ALA A 358 4.81 -10.83 -31.00
CA ALA A 358 3.92 -11.89 -31.47
C ALA A 358 3.86 -11.94 -33.00
N ILE A 359 3.35 -13.05 -33.53
CA ILE A 359 3.12 -13.20 -34.96
C ILE A 359 1.76 -13.81 -35.23
N GLY A 360 1.07 -13.37 -36.27
CA GLY A 360 -0.22 -13.98 -36.55
C GLY A 360 -0.91 -13.52 -37.82
N ILE A 361 -1.92 -14.27 -38.21
CA ILE A 361 -2.72 -13.87 -39.38
C ILE A 361 -4.15 -13.54 -39.01
N VAL A 362 -4.54 -12.29 -39.24
CA VAL A 362 -5.92 -11.89 -39.00
C VAL A 362 -6.59 -11.38 -40.28
N GLY A 363 -7.57 -12.12 -40.76
CA GLY A 363 -8.31 -11.70 -41.95
C GLY A 363 -7.41 -11.68 -43.18
N GLY A 364 -6.39 -12.54 -43.20
CA GLY A 364 -5.48 -12.56 -44.32
C GLY A 364 -4.32 -11.62 -44.11
N ARG A 365 -4.47 -10.70 -43.17
CA ARG A 365 -3.44 -9.68 -42.92
C ARG A 365 -2.46 -10.16 -41.85
N LYS A 366 -1.18 -10.26 -42.23
CA LYS A 366 -0.13 -10.62 -41.29
C LYS A 366 0.17 -9.50 -40.31
N VAL A 367 0.43 -9.87 -39.05
CA VAL A 367 0.69 -8.89 -38.00
C VAL A 367 1.97 -9.24 -37.22
N TYR A 368 2.67 -8.22 -36.76
CA TYR A 368 3.94 -8.40 -36.07
C TYR A 368 4.01 -7.51 -34.83
N GLY A 369 4.95 -7.81 -33.94
CA GLY A 369 5.29 -6.94 -32.84
C GLY A 369 4.21 -6.55 -31.84
N HIS A 370 4.33 -5.31 -31.34
CA HIS A 370 3.47 -4.79 -30.27
C HIS A 370 1.99 -4.86 -30.65
N ALA A 371 1.71 -4.68 -31.94
CA ALA A 371 0.34 -4.73 -32.45
C ALA A 371 -0.27 -6.10 -32.21
N ALA A 372 0.42 -7.14 -32.69
CA ALA A 372 -0.03 -8.51 -32.54
C ALA A 372 -0.11 -8.91 -31.06
N SER A 373 0.85 -8.42 -30.28
CA SER A 373 0.85 -8.72 -28.85
C SER A 373 -0.42 -8.18 -28.20
N TRP A 374 -0.73 -6.92 -28.48
CA TRP A 374 -1.93 -6.30 -27.92
C TRP A 374 -3.18 -7.00 -28.42
N LEU A 375 -3.16 -7.43 -29.68
CA LEU A 375 -4.30 -8.16 -30.25
C LEU A 375 -4.57 -9.45 -29.47
N LYS A 376 -3.50 -10.19 -29.18
CA LYS A 376 -3.65 -11.43 -28.42
C LYS A 376 -4.22 -11.17 -27.03
N LYS A 377 -3.69 -10.14 -26.37
CA LYS A 377 -4.18 -9.76 -25.06
C LYS A 377 -5.67 -9.42 -25.13
N LEU A 378 -6.04 -8.76 -26.23
CA LEU A 378 -7.42 -8.38 -26.48
C LEU A 378 -8.33 -9.59 -26.60
N ILE A 379 -7.87 -10.60 -27.33
CA ILE A 379 -8.65 -11.82 -27.50
C ILE A 379 -8.87 -12.51 -26.15
N ASP A 380 -7.80 -12.55 -25.35
CA ASP A 380 -7.93 -13.16 -24.03
C ASP A 380 -9.00 -12.42 -23.22
N MET A 381 -8.96 -11.10 -23.29
CA MET A 381 -9.95 -10.28 -22.57
C MET A 381 -11.35 -10.58 -23.08
N ARG A 382 -11.48 -10.83 -24.38
CA ARG A 382 -12.77 -11.15 -24.97
C ARG A 382 -13.34 -12.43 -24.40
N TYR A 383 -12.53 -13.48 -24.30
CA TYR A 383 -13.03 -14.73 -23.72
C TYR A 383 -13.43 -14.55 -22.26
N LEU A 384 -12.60 -13.80 -21.53
CA LEU A 384 -12.90 -13.53 -20.13
C LEU A 384 -14.24 -12.81 -19.99
N TYR A 385 -14.48 -11.84 -20.87
CA TYR A 385 -15.74 -11.13 -20.87
C TYR A 385 -16.89 -12.07 -21.18
N LEU A 386 -16.68 -12.89 -22.18
CA LEU A 386 -17.71 -13.78 -22.67
C LEU A 386 -18.20 -14.71 -21.56
N ILE A 387 -17.29 -15.16 -20.69
CA ILE A 387 -17.74 -16.11 -19.68
C ILE A 387 -18.02 -15.49 -18.30
N GLY A 388 -17.35 -14.39 -17.97
CA GLY A 388 -17.49 -13.80 -16.64
C GLY A 388 -18.02 -12.39 -16.57
N GLY A 389 -18.09 -11.73 -17.71
CA GLY A 389 -18.52 -10.33 -17.77
C GLY A 389 -17.39 -9.37 -17.49
N LEU A 390 -17.74 -8.10 -17.29
CA LEU A 390 -16.73 -7.06 -17.05
C LEU A 390 -16.00 -7.29 -15.73
N SER A 391 -16.71 -7.85 -14.75
CA SER A 391 -16.15 -8.08 -13.42
C SER A 391 -14.98 -9.05 -13.47
N LEU A 392 -15.09 -10.09 -14.30
CA LEU A 392 -14.02 -11.07 -14.43
C LEU A 392 -12.77 -10.44 -15.05
N VAL A 393 -12.97 -9.58 -16.05
CA VAL A 393 -11.84 -8.89 -16.67
C VAL A 393 -11.19 -7.98 -15.64
N LEU A 394 -12.03 -7.34 -14.82
CA LEU A 394 -11.53 -6.45 -13.78
C LEU A 394 -10.70 -7.22 -12.74
N LYS A 395 -11.14 -8.43 -12.40
CA LYS A 395 -10.44 -9.27 -11.41
C LYS A 395 -9.00 -9.60 -11.78
N LYS A 396 -8.63 -9.35 -13.03
CA LYS A 396 -7.29 -9.65 -13.52
C LYS A 396 -6.79 -8.58 -14.48
N LYS B 3 58.32 -6.33 5.10
CA LYS B 3 56.94 -6.32 5.59
C LYS B 3 56.40 -7.73 5.74
N PRO B 4 55.80 -8.04 6.90
CA PRO B 4 55.24 -9.38 7.14
C PRO B 4 53.92 -9.59 6.40
N SER B 5 53.62 -10.85 6.08
CA SER B 5 52.40 -11.18 5.35
C SER B 5 51.38 -11.90 6.21
N ILE B 6 50.20 -11.31 6.34
CA ILE B 6 49.10 -11.91 7.07
C ILE B 6 48.04 -12.42 6.09
N VAL B 7 47.70 -13.69 6.22
CA VAL B 7 46.70 -14.29 5.35
C VAL B 7 45.49 -14.73 6.16
N ILE B 8 44.31 -14.24 5.77
CA ILE B 8 43.05 -14.59 6.44
C ILE B 8 42.19 -15.50 5.58
N LEU B 9 41.91 -16.68 6.10
CA LEU B 9 41.13 -17.67 5.38
C LEU B 9 39.68 -17.67 5.86
N GLY B 10 38.77 -17.26 5.00
CA GLY B 10 37.36 -17.24 5.32
C GLY B 10 36.88 -15.88 5.77
N ALA B 11 35.80 -15.40 5.15
CA ALA B 11 35.25 -14.10 5.47
C ALA B 11 33.94 -14.24 6.21
N GLY B 12 33.96 -15.03 7.28
CA GLY B 12 32.78 -15.20 8.11
C GLY B 12 32.78 -14.15 9.19
N TYR B 13 32.10 -14.40 10.30
CA TYR B 13 32.07 -13.41 11.37
C TYR B 13 33.49 -13.15 11.89
N GLY B 14 34.20 -14.20 12.26
CA GLY B 14 35.54 -14.10 12.79
C GLY B 14 36.50 -13.47 11.79
N GLY B 15 36.46 -13.97 10.56
CA GLY B 15 37.33 -13.50 9.49
C GLY B 15 37.09 -12.06 9.11
N ILE B 16 35.81 -11.70 8.94
CA ILE B 16 35.47 -10.34 8.53
C ILE B 16 35.82 -9.34 9.63
N VAL B 17 35.49 -9.68 10.87
CA VAL B 17 35.79 -8.79 11.98
C VAL B 17 37.30 -8.64 12.16
N ALA B 18 38.04 -9.74 11.99
CA ALA B 18 39.49 -9.69 12.09
C ALA B 18 40.08 -8.78 11.01
N ALA B 19 39.58 -8.94 9.79
CA ALA B 19 40.08 -8.14 8.67
C ALA B 19 39.79 -6.64 8.87
N LEU B 20 38.58 -6.32 9.31
CA LEU B 20 38.21 -4.92 9.53
C LEU B 20 39.00 -4.29 10.68
N GLY B 21 39.29 -5.10 11.70
CA GLY B 21 40.09 -4.65 12.82
C GLY B 21 41.50 -4.34 12.39
N LEU B 22 42.07 -5.24 11.59
CA LEU B 22 43.42 -5.01 11.05
C LEU B 22 43.40 -3.77 10.17
N GLN B 23 42.28 -3.57 9.48
CA GLN B 23 42.11 -2.41 8.61
C GLN B 23 42.19 -1.11 9.40
N LYS B 24 41.52 -1.08 10.55
CA LYS B 24 41.53 0.12 11.39
C LYS B 24 42.87 0.35 12.09
N ARG B 25 43.48 -0.72 12.58
CA ARG B 25 44.66 -0.59 13.44
C ARG B 25 45.99 -0.34 12.71
N LEU B 26 46.18 -0.90 11.52
CA LEU B 26 47.50 -0.86 10.89
C LEU B 26 47.64 0.20 9.79
N ASN B 27 48.88 0.64 9.58
CA ASN B 27 49.18 1.58 8.51
C ASN B 27 49.35 0.87 7.17
N TYR B 28 49.46 1.67 6.11
CA TYR B 28 49.44 1.18 4.74
C TYR B 28 50.60 0.27 4.35
N ASN B 29 51.69 0.28 5.12
CA ASN B 29 52.84 -0.56 4.79
C ASN B 29 53.37 -1.34 5.99
N GLU B 30 52.59 -1.37 7.07
CA GLU B 30 52.95 -2.16 8.24
C GLU B 30 52.93 -3.66 7.97
N ALA B 31 51.99 -4.11 7.15
CA ALA B 31 51.92 -5.51 6.77
C ALA B 31 51.14 -5.68 5.47
N ASP B 32 51.27 -6.85 4.84
CA ASP B 32 50.52 -7.16 3.64
C ASP B 32 49.39 -8.12 4.00
N ILE B 33 48.14 -7.67 3.83
CA ILE B 33 46.99 -8.47 4.26
C ILE B 33 46.18 -9.03 3.09
N THR B 34 46.01 -10.35 3.08
CA THR B 34 45.24 -11.02 2.02
C THR B 34 44.00 -11.70 2.59
N LEU B 35 42.83 -11.38 2.05
CA LEU B 35 41.57 -11.97 2.50
C LEU B 35 41.02 -12.95 1.48
N VAL B 36 40.80 -14.20 1.88
CA VAL B 36 40.40 -15.23 0.94
C VAL B 36 38.97 -15.70 1.18
N ASN B 37 38.16 -15.77 0.12
CA ASN B 37 36.80 -16.30 0.26
C ASN B 37 36.36 -17.06 -0.98
N LYS B 38 35.50 -18.06 -0.81
CA LYS B 38 35.04 -18.84 -1.94
C LYS B 38 33.93 -18.11 -2.70
N ASN B 39 33.32 -17.13 -2.03
CA ASN B 39 32.31 -16.28 -2.65
C ASN B 39 32.74 -14.83 -2.52
N ASP B 40 32.17 -13.96 -3.36
CA ASP B 40 32.48 -12.54 -3.30
C ASP B 40 31.55 -11.83 -2.31
N TYR B 41 30.80 -12.60 -1.53
CA TYR B 41 29.89 -12.04 -0.54
C TYR B 41 30.05 -12.71 0.83
N HIS B 42 29.64 -11.99 1.86
CA HIS B 42 29.60 -12.47 3.24
C HIS B 42 28.13 -12.58 3.64
N TYR B 43 27.70 -13.75 4.13
CA TYR B 43 26.28 -13.93 4.45
C TYR B 43 26.02 -13.99 5.95
N ILE B 44 24.85 -13.50 6.34
CA ILE B 44 24.44 -13.49 7.75
C ILE B 44 23.90 -14.85 8.16
N THR B 45 24.80 -15.70 8.64
CA THR B 45 24.45 -17.08 8.93
C THR B 45 23.31 -17.19 9.92
N THR B 46 23.29 -16.28 10.88
CA THR B 46 22.33 -16.32 11.98
C THR B 46 20.89 -16.08 11.52
N GLU B 47 20.72 -15.71 10.26
CA GLU B 47 19.38 -15.48 9.73
C GLU B 47 19.06 -16.40 8.55
N LEU B 48 19.97 -17.31 8.23
CA LEU B 48 19.83 -18.17 7.04
C LEU B 48 18.61 -19.07 7.11
N HIS B 49 18.06 -19.23 8.31
CA HIS B 49 16.87 -20.05 8.48
C HIS B 49 15.67 -19.43 7.78
N GLN B 50 15.66 -18.10 7.68
CA GLN B 50 14.51 -17.42 7.07
C GLN B 50 14.41 -17.65 5.54
N PRO B 51 15.52 -17.48 4.79
CA PRO B 51 15.35 -17.82 3.36
C PRO B 51 15.09 -19.31 3.13
N ALA B 52 15.62 -20.16 4.01
CA ALA B 52 15.44 -21.61 3.91
C ALA B 52 13.96 -21.98 3.94
N ALA B 53 13.20 -21.28 4.77
CA ALA B 53 11.77 -21.46 4.84
C ALA B 53 11.06 -20.68 3.74
N GLY B 54 11.66 -19.57 3.32
CA GLY B 54 11.06 -18.73 2.30
C GLY B 54 10.34 -17.52 2.87
N THR B 55 10.57 -17.26 4.15
CA THR B 55 9.97 -16.11 4.83
C THR B 55 10.71 -14.81 4.52
N MET B 56 11.95 -14.93 4.06
CA MET B 56 12.75 -13.77 3.69
C MET B 56 13.58 -14.04 2.44
N HIS B 57 13.79 -13.01 1.63
CA HIS B 57 14.60 -13.16 0.44
C HIS B 57 16.06 -13.33 0.82
N HIS B 58 16.76 -14.18 0.08
CA HIS B 58 18.14 -14.53 0.42
C HIS B 58 19.10 -13.35 0.28
N ASP B 59 18.74 -12.37 -0.54
CA ASP B 59 19.59 -11.20 -0.74
C ASP B 59 19.69 -10.36 0.52
N GLN B 60 18.68 -10.49 1.39
CA GLN B 60 18.67 -9.78 2.66
C GLN B 60 19.57 -10.46 3.68
N ALA B 61 20.17 -11.59 3.30
CA ALA B 61 21.04 -12.32 4.21
C ALA B 61 22.50 -12.27 3.80
N ARG B 62 22.83 -11.47 2.79
CA ARG B 62 24.21 -11.36 2.32
C ARG B 62 24.59 -9.95 1.87
N VAL B 63 25.89 -9.68 1.83
CA VAL B 63 26.41 -8.39 1.41
C VAL B 63 27.75 -8.56 0.68
N GLY B 64 28.07 -7.64 -0.23
CA GLY B 64 29.31 -7.72 -0.98
C GLY B 64 30.54 -7.38 -0.14
N ILE B 65 31.55 -8.24 -0.22
CA ILE B 65 32.78 -8.09 0.54
C ILE B 65 33.62 -6.89 0.08
N LYS B 66 33.72 -6.69 -1.23
CA LYS B 66 34.51 -5.60 -1.80
C LYS B 66 34.00 -4.23 -1.33
N GLU B 67 32.70 -4.15 -1.07
CA GLU B 67 32.08 -2.93 -0.56
C GLU B 67 32.52 -2.59 0.87
N LEU B 68 32.60 -3.62 1.71
CA LEU B 68 32.90 -3.44 3.13
C LEU B 68 34.36 -3.06 3.40
N ILE B 69 35.29 -3.65 2.66
CA ILE B 69 36.71 -3.49 2.96
C ILE B 69 37.36 -2.31 2.25
N ASP B 70 38.65 -2.12 2.53
CA ASP B 70 39.46 -1.08 1.90
C ASP B 70 40.37 -1.71 0.86
N GLU B 71 40.21 -1.27 -0.38
CA GLU B 71 40.92 -1.83 -1.52
C GLU B 71 42.44 -1.62 -1.43
N LYS B 72 42.84 -0.53 -0.80
CA LYS B 72 44.26 -0.23 -0.61
C LYS B 72 44.91 -1.10 0.47
N LYS B 73 44.31 -1.15 1.65
CA LYS B 73 44.85 -1.88 2.79
C LYS B 73 44.81 -3.41 2.66
N ILE B 74 43.68 -3.95 2.23
CA ILE B 74 43.52 -5.40 2.15
C ILE B 74 43.25 -5.86 0.72
N LYS B 75 43.95 -6.91 0.31
CA LYS B 75 43.76 -7.47 -1.02
C LYS B 75 42.83 -8.66 -0.94
N PHE B 76 41.73 -8.62 -1.69
CA PHE B 76 40.75 -9.69 -1.64
C PHE B 76 40.92 -10.68 -2.78
N VAL B 77 40.96 -11.96 -2.42
CA VAL B 77 41.05 -13.06 -3.36
C VAL B 77 39.82 -13.96 -3.24
N LYS B 78 39.16 -14.19 -4.37
CA LYS B 78 38.01 -15.08 -4.41
C LYS B 78 38.49 -16.45 -4.89
N ASP B 79 38.63 -17.38 -3.95
CA ASP B 79 39.08 -18.73 -4.25
C ASP B 79 38.69 -19.67 -3.11
N THR B 80 38.85 -20.96 -3.33
CA THR B 80 38.51 -21.95 -2.33
C THR B 80 39.77 -22.59 -1.76
N VAL B 81 39.94 -22.48 -0.45
CA VAL B 81 41.10 -23.03 0.23
C VAL B 81 41.07 -24.56 0.14
N VAL B 82 42.21 -25.15 -0.18
CA VAL B 82 42.29 -26.60 -0.28
C VAL B 82 43.04 -27.23 0.88
N ALA B 83 44.21 -26.67 1.18
CA ALA B 83 45.04 -27.20 2.26
C ALA B 83 46.02 -26.16 2.76
N ILE B 84 46.56 -26.41 3.95
CA ILE B 84 47.60 -25.56 4.52
C ILE B 84 48.82 -26.40 4.88
N ASP B 85 49.97 -25.95 4.38
CA ASP B 85 51.26 -26.55 4.66
C ASP B 85 51.98 -25.72 5.70
N ARG B 86 51.99 -26.25 6.92
CA ARG B 86 52.57 -25.59 8.09
C ARG B 86 54.08 -25.43 7.94
N GLU B 87 54.73 -26.47 7.44
CA GLU B 87 56.18 -26.49 7.30
C GLU B 87 56.68 -25.45 6.31
N GLN B 88 56.08 -25.45 5.12
CA GLN B 88 56.44 -24.48 4.07
C GLN B 88 55.82 -23.12 4.32
N GLN B 89 54.89 -23.05 5.29
CA GLN B 89 54.13 -21.84 5.56
C GLN B 89 53.41 -21.35 4.32
N LYS B 90 52.75 -22.29 3.63
CA LYS B 90 52.08 -22.00 2.37
C LYS B 90 50.64 -22.50 2.40
N VAL B 91 49.73 -21.76 1.78
CA VAL B 91 48.33 -22.18 1.68
C VAL B 91 48.01 -22.46 0.21
N THR B 92 47.63 -23.71 -0.08
CA THR B 92 47.32 -24.10 -1.45
C THR B 92 45.87 -23.77 -1.78
N LEU B 93 45.64 -23.33 -3.02
CA LEU B 93 44.29 -22.95 -3.43
C LEU B 93 43.94 -23.60 -4.76
N GLN B 94 42.67 -23.51 -5.12
CA GLN B 94 42.20 -24.03 -6.39
C GLN B 94 42.81 -23.26 -7.56
N ASN B 95 43.03 -21.96 -7.36
CA ASN B 95 43.59 -21.11 -8.41
C ASN B 95 44.82 -20.35 -7.92
N GLY B 96 45.84 -21.09 -7.48
CA GLY B 96 47.08 -20.48 -7.04
C GLY B 96 47.53 -21.01 -5.68
N GLU B 97 48.49 -20.30 -5.08
CA GLU B 97 48.97 -20.62 -3.74
C GLU B 97 49.49 -19.33 -3.11
N LEU B 98 49.56 -19.31 -1.78
CA LEU B 98 50.00 -18.12 -1.07
C LEU B 98 50.97 -18.47 0.05
N HIS B 99 51.75 -17.50 0.49
CA HIS B 99 52.65 -17.72 1.62
C HIS B 99 52.31 -16.75 2.74
N TYR B 100 52.44 -17.23 3.98
CA TYR B 100 52.08 -16.41 5.13
C TYR B 100 53.20 -16.34 6.15
N ASP B 101 53.41 -15.15 6.69
CA ASP B 101 54.20 -14.98 7.91
C ASP B 101 53.29 -15.23 9.10
N TYR B 102 52.06 -14.74 8.97
CA TYR B 102 51.00 -14.96 9.94
C TYR B 102 49.73 -15.49 9.24
N LEU B 103 49.01 -16.37 9.92
CA LEU B 103 47.80 -16.97 9.37
C LEU B 103 46.62 -16.89 10.33
N VAL B 104 45.48 -16.44 9.82
CA VAL B 104 44.23 -16.44 10.59
C VAL B 104 43.21 -17.38 9.95
N VAL B 105 42.82 -18.42 10.67
CA VAL B 105 41.91 -19.44 10.13
C VAL B 105 40.50 -19.25 10.66
N GLY B 106 39.58 -18.88 9.76
CA GLY B 106 38.18 -18.73 10.12
C GLY B 106 37.27 -19.25 9.02
N LEU B 107 37.41 -20.53 8.73
CA LEU B 107 36.68 -21.20 7.65
C LEU B 107 35.32 -21.73 8.11
N GLY B 108 34.97 -21.46 9.36
CA GLY B 108 33.66 -21.84 9.88
C GLY B 108 33.48 -23.34 10.07
N SER B 109 32.22 -23.76 10.02
CA SER B 109 31.88 -25.15 10.29
C SER B 109 31.40 -25.85 9.04
N GLU B 110 31.48 -27.18 9.06
CA GLU B 110 30.81 -27.98 8.05
C GLU B 110 29.87 -28.94 8.79
N PRO B 111 28.88 -29.51 8.08
CA PRO B 111 27.96 -30.43 8.76
C PRO B 111 28.65 -31.68 9.29
N GLU B 112 28.20 -32.16 10.45
CA GLU B 112 28.68 -33.41 11.03
C GLU B 112 27.54 -34.43 11.11
N THR B 113 27.62 -35.49 10.31
CA THR B 113 26.52 -36.44 10.24
C THR B 113 26.75 -37.66 11.12
N PHE B 114 27.93 -37.71 11.75
CA PHE B 114 28.28 -38.75 12.71
C PHE B 114 28.25 -40.14 12.09
N GLY B 115 28.36 -40.22 10.77
CA GLY B 115 28.40 -41.50 10.08
C GLY B 115 27.03 -42.16 9.94
N ILE B 116 25.98 -41.45 10.29
CA ILE B 116 24.61 -41.96 10.13
C ILE B 116 24.35 -42.20 8.66
N GLU B 117 23.76 -43.34 8.34
CA GLU B 117 23.70 -43.82 6.96
C GLU B 117 22.79 -42.97 6.08
N GLY B 118 23.35 -42.47 4.98
CA GLY B 118 22.59 -41.75 3.98
C GLY B 118 22.32 -40.30 4.36
N LEU B 119 22.72 -39.93 5.57
CA LEU B 119 22.48 -38.59 6.08
C LEU B 119 23.24 -37.53 5.29
N ARG B 120 24.49 -37.82 4.94
CA ARG B 120 25.27 -36.90 4.12
C ARG B 120 24.69 -36.75 2.72
N GLU B 121 24.33 -37.87 2.10
CA GLU B 121 23.87 -37.87 0.71
C GLU B 121 22.47 -37.28 0.53
N HIS B 122 21.54 -37.62 1.43
CA HIS B 122 20.13 -37.33 1.17
C HIS B 122 19.47 -36.31 2.11
N ALA B 123 20.25 -35.61 2.91
CA ALA B 123 19.69 -34.56 3.77
C ALA B 123 20.32 -33.21 3.47
N PHE B 124 19.59 -32.14 3.79
CA PHE B 124 19.99 -30.78 3.49
C PHE B 124 20.54 -30.07 4.73
N SER B 125 21.38 -29.07 4.51
CA SER B 125 21.95 -28.29 5.60
C SER B 125 21.71 -26.80 5.40
N ILE B 126 21.57 -26.07 6.49
CA ILE B 126 21.38 -24.62 6.44
C ILE B 126 22.70 -23.93 6.77
N ASN B 127 23.58 -23.82 5.78
CA ASN B 127 24.91 -23.28 6.03
C ASN B 127 25.41 -22.28 5.02
N SER B 128 24.62 -22.00 3.99
CA SER B 128 25.00 -21.00 2.99
C SER B 128 23.79 -20.46 2.24
N ILE B 129 24.01 -19.46 1.41
CA ILE B 129 22.96 -18.89 0.56
C ILE B 129 22.49 -19.92 -0.48
N ASN B 130 23.47 -20.61 -1.06
CA ASN B 130 23.18 -21.64 -2.04
C ASN B 130 22.32 -22.73 -1.42
N SER B 131 22.72 -23.17 -0.23
CA SER B 131 22.03 -24.28 0.43
C SER B 131 20.56 -23.93 0.76
N VAL B 132 20.32 -22.75 1.29
CA VAL B 132 18.96 -22.36 1.64
C VAL B 132 18.09 -22.14 0.40
N ARG B 133 18.69 -21.66 -0.70
CA ARG B 133 17.93 -21.55 -1.93
C ARG B 133 17.52 -22.95 -2.41
N ILE B 134 18.45 -23.90 -2.31
CA ILE B 134 18.17 -25.28 -2.67
C ILE B 134 17.05 -25.88 -1.83
N ILE B 135 17.12 -25.65 -0.52
CA ILE B 135 16.10 -26.16 0.38
C ILE B 135 14.72 -25.61 0.06
N ARG B 136 14.62 -24.29 -0.04
CA ARG B 136 13.32 -23.66 -0.27
C ARG B 136 12.72 -24.14 -1.60
N GLN B 137 13.53 -24.14 -2.66
CA GLN B 137 12.98 -24.54 -3.95
C GLN B 137 12.62 -26.03 -3.98
N HIS B 138 13.34 -26.82 -3.19
CA HIS B 138 13.03 -28.24 -3.05
C HIS B 138 11.65 -28.41 -2.42
N ILE B 139 11.42 -27.74 -1.30
CA ILE B 139 10.14 -27.85 -0.60
C ILE B 139 8.97 -27.38 -1.49
N GLU B 140 9.18 -26.26 -2.17
CA GLU B 140 8.17 -25.73 -3.07
C GLU B 140 7.88 -26.72 -4.18
N TYR B 141 8.91 -27.41 -4.64
CA TYR B 141 8.77 -28.41 -5.68
C TYR B 141 7.90 -29.56 -5.18
N GLN B 142 8.12 -30.00 -3.95
CA GLN B 142 7.31 -31.10 -3.43
C GLN B 142 5.84 -30.69 -3.31
N PHE B 143 5.61 -29.49 -2.79
CA PHE B 143 4.26 -29.00 -2.66
C PHE B 143 3.60 -28.86 -4.05
N ALA B 144 4.40 -28.49 -5.05
CA ALA B 144 3.93 -28.41 -6.43
C ALA B 144 3.56 -29.79 -6.95
N LYS B 145 4.31 -30.80 -6.56
CA LYS B 145 4.01 -32.15 -7.02
C LYS B 145 2.78 -32.75 -6.33
N PHE B 146 2.44 -32.28 -5.13
CA PHE B 146 1.35 -32.91 -4.38
C PHE B 146 -0.02 -32.85 -5.06
N ALA B 147 -0.34 -31.72 -5.69
CA ALA B 147 -1.66 -31.53 -6.27
C ALA B 147 -1.99 -32.60 -7.32
N ALA B 148 -1.00 -32.97 -8.13
CA ALA B 148 -1.17 -34.01 -9.13
C ALA B 148 -1.28 -35.40 -8.50
N GLU B 149 -0.62 -35.60 -7.36
CA GLU B 149 -0.63 -36.91 -6.68
C GLU B 149 -1.03 -36.80 -5.21
N PRO B 150 -2.34 -36.65 -4.93
CA PRO B 150 -2.83 -36.38 -3.58
C PRO B 150 -2.68 -37.57 -2.64
N GLU B 151 -2.36 -38.72 -3.19
CA GLU B 151 -2.11 -39.92 -2.38
C GLU B 151 -0.73 -39.85 -1.73
N ARG B 152 0.17 -39.08 -2.34
CA ARG B 152 1.52 -38.92 -1.80
C ARG B 152 1.57 -37.80 -0.76
N THR B 153 1.26 -38.13 0.48
CA THR B 153 1.28 -37.16 1.56
C THR B 153 2.70 -36.93 2.08
N ASP B 154 3.62 -37.78 1.67
CA ASP B 154 5.01 -37.64 2.06
C ASP B 154 5.61 -36.38 1.46
N TYR B 155 4.99 -35.89 0.40
CA TYR B 155 5.39 -34.63 -0.22
C TYR B 155 5.19 -33.48 0.77
N LEU B 156 4.21 -33.62 1.65
CA LEU B 156 3.88 -32.53 2.56
C LEU B 156 4.52 -32.73 3.92
N THR B 157 5.40 -33.71 4.02
CA THR B 157 6.06 -34.01 5.28
C THR B 157 7.52 -33.60 5.24
N ILE B 158 7.91 -32.77 6.21
CA ILE B 158 9.28 -32.30 6.34
C ILE B 158 9.86 -32.74 7.67
N VAL B 159 10.98 -33.45 7.62
CA VAL B 159 11.62 -33.95 8.81
C VAL B 159 12.86 -33.13 9.12
N VAL B 160 12.89 -32.52 10.30
CA VAL B 160 14.03 -31.74 10.72
C VAL B 160 14.75 -32.48 11.84
N GLY B 161 15.97 -32.93 11.56
CA GLY B 161 16.73 -33.71 12.52
C GLY B 161 17.55 -32.84 13.44
N GLY B 162 17.30 -32.97 14.74
CA GLY B 162 18.01 -32.18 15.73
C GLY B 162 17.19 -30.99 16.22
N ALA B 163 16.95 -30.97 17.53
CA ALA B 163 16.15 -29.91 18.13
C ALA B 163 17.04 -28.91 18.85
N GLY B 164 18.02 -28.38 18.12
CA GLY B 164 18.90 -27.36 18.65
C GLY B 164 18.36 -25.98 18.33
N PHE B 165 19.24 -24.99 18.37
CA PHE B 165 18.89 -23.60 18.11
C PHE B 165 18.36 -23.45 16.67
N THR B 166 19.17 -23.93 15.73
CA THR B 166 18.86 -23.83 14.30
C THR B 166 17.59 -24.58 13.94
N GLY B 167 17.44 -25.80 14.44
CA GLY B 167 16.28 -26.61 14.13
C GLY B 167 15.00 -25.95 14.61
N ILE B 168 15.03 -25.42 15.83
CA ILE B 168 13.87 -24.75 16.42
C ILE B 168 13.49 -23.50 15.64
N GLU B 169 14.50 -22.68 15.33
CA GLU B 169 14.22 -21.45 14.59
C GLU B 169 13.62 -21.79 13.23
N PHE B 170 14.20 -22.82 12.60
CA PHE B 170 13.78 -23.23 11.28
C PHE B 170 12.35 -23.76 11.26
N VAL B 171 12.02 -24.65 12.18
CA VAL B 171 10.66 -25.19 12.19
C VAL B 171 9.67 -24.08 12.52
N GLY B 172 10.10 -23.08 13.28
CA GLY B 172 9.24 -21.94 13.54
C GLY B 172 8.93 -21.17 12.27
N GLU B 173 9.99 -20.93 11.48
CA GLU B 173 9.82 -20.22 10.21
C GLU B 173 8.95 -21.01 9.24
N LEU B 174 9.15 -22.32 9.19
CA LEU B 174 8.34 -23.18 8.33
C LEU B 174 6.88 -23.09 8.71
N ALA B 175 6.63 -23.14 10.02
CA ALA B 175 5.27 -23.10 10.54
C ALA B 175 4.59 -21.81 10.13
N ASP B 176 5.32 -20.69 10.24
CA ASP B 176 4.75 -19.42 9.79
C ASP B 176 4.53 -19.40 8.26
N ARG B 177 5.40 -20.08 7.54
CA ARG B 177 5.37 -20.06 6.08
C ARG B 177 4.24 -20.89 5.48
N MET B 178 3.77 -21.89 6.21
CA MET B 178 2.81 -22.86 5.67
C MET B 178 1.46 -22.35 5.11
N PRO B 179 0.86 -21.31 5.70
CA PRO B 179 -0.42 -20.88 5.12
C PRO B 179 -0.33 -20.36 3.67
N GLU B 180 0.62 -19.46 3.40
CA GLU B 180 0.79 -18.93 2.06
C GLU B 180 1.22 -20.03 1.08
N LEU B 181 2.07 -20.93 1.57
CA LEU B 181 2.56 -22.03 0.76
C LEU B 181 1.42 -22.94 0.35
N CYS B 182 0.55 -23.26 1.30
CA CYS B 182 -0.60 -24.11 1.03
C CYS B 182 -1.57 -23.42 0.09
N ALA B 183 -1.70 -22.11 0.25
CA ALA B 183 -2.59 -21.34 -0.61
C ALA B 183 -2.09 -21.41 -2.06
N GLU B 184 -0.77 -21.34 -2.22
CA GLU B 184 -0.15 -21.33 -3.53
C GLU B 184 -0.36 -22.64 -4.31
N TYR B 185 -0.38 -23.78 -3.62
CA TYR B 185 -0.41 -25.05 -4.33
C TYR B 185 -1.66 -25.89 -4.09
N ASP B 186 -2.73 -25.24 -3.64
CA ASP B 186 -4.02 -25.90 -3.40
C ASP B 186 -3.88 -27.08 -2.46
N VAL B 187 -3.26 -26.85 -1.31
CA VAL B 187 -3.00 -27.92 -0.36
C VAL B 187 -3.83 -27.78 0.93
N ASP B 188 -4.40 -28.89 1.40
CA ASP B 188 -5.10 -28.90 2.67
C ASP B 188 -4.07 -28.87 3.81
N PRO B 189 -4.07 -27.76 4.59
CA PRO B 189 -3.08 -27.52 5.64
C PRO B 189 -3.02 -28.63 6.70
N LYS B 190 -4.13 -29.32 6.89
CA LYS B 190 -4.20 -30.41 7.86
C LYS B 190 -3.29 -31.57 7.48
N LEU B 191 -3.07 -31.73 6.17
CA LEU B 191 -2.26 -32.83 5.65
C LEU B 191 -0.75 -32.60 5.81
N VAL B 192 -0.36 -31.36 6.05
CA VAL B 192 1.05 -30.98 6.19
C VAL B 192 1.60 -31.40 7.56
N ARG B 193 2.77 -32.04 7.56
CA ARG B 193 3.40 -32.45 8.80
C ARG B 193 4.84 -31.93 8.90
N ILE B 194 5.11 -31.09 9.89
CA ILE B 194 6.47 -30.62 10.15
C ILE B 194 7.01 -31.31 11.40
N ILE B 195 8.02 -32.15 11.23
CA ILE B 195 8.48 -33.00 12.33
C ILE B 195 9.92 -32.70 12.74
N ASN B 196 10.10 -32.37 14.01
CA ASN B 196 11.42 -32.14 14.58
C ASN B 196 11.85 -33.35 15.39
N VAL B 197 12.94 -33.98 14.98
CA VAL B 197 13.40 -35.22 15.58
C VAL B 197 14.69 -35.01 16.38
N GLU B 198 14.63 -35.40 17.65
CA GLU B 198 15.74 -35.31 18.60
C GLU B 198 16.12 -36.64 19.23
N ALA B 199 17.39 -37.00 19.14
CA ALA B 199 17.89 -38.23 19.78
C ALA B 199 17.92 -38.10 21.30
N ALA B 200 18.15 -36.89 21.78
CA ALA B 200 18.21 -36.63 23.20
C ALA B 200 16.82 -36.55 23.81
N PRO B 201 16.69 -36.92 25.09
CA PRO B 201 15.39 -36.88 25.76
C PRO B 201 14.89 -35.46 26.04
N THR B 202 15.76 -34.47 25.95
CA THR B 202 15.31 -33.09 26.17
C THR B 202 15.83 -32.10 25.13
N VAL B 203 14.97 -31.16 24.76
CA VAL B 203 15.29 -30.10 23.81
C VAL B 203 16.16 -28.97 24.39
N LEU B 204 17.11 -28.50 23.60
CA LEU B 204 17.97 -27.37 23.96
C LEU B 204 18.68 -27.47 25.31
N PRO B 205 19.55 -28.47 25.46
CA PRO B 205 20.27 -28.62 26.73
C PRO B 205 21.15 -27.40 27.01
N GLY B 206 21.22 -26.99 28.27
CA GLY B 206 21.98 -25.82 28.66
C GLY B 206 21.23 -24.51 28.47
N PHE B 207 19.91 -24.63 28.35
CA PHE B 207 19.04 -23.46 28.22
C PHE B 207 18.02 -23.51 29.34
N ASP B 208 17.47 -22.35 29.70
CA ASP B 208 16.47 -22.29 30.76
C ASP B 208 15.22 -23.08 30.34
N PRO B 209 14.89 -24.12 31.11
CA PRO B 209 13.78 -25.04 30.80
C PRO B 209 12.43 -24.32 30.63
N ALA B 210 12.25 -23.19 31.30
CA ALA B 210 11.02 -22.42 31.16
C ALA B 210 10.90 -21.88 29.74
N LEU B 211 12.00 -21.33 29.23
CA LEU B 211 12.04 -20.79 27.89
C LEU B 211 11.84 -21.90 26.86
N VAL B 212 12.46 -23.04 27.12
CA VAL B 212 12.35 -24.19 26.22
C VAL B 212 10.90 -24.69 26.14
N ASN B 213 10.28 -24.90 27.30
CA ASN B 213 8.89 -25.37 27.36
C ASN B 213 7.95 -24.35 26.71
N TYR B 214 8.24 -23.08 26.93
CA TYR B 214 7.43 -22.03 26.31
C TYR B 214 7.54 -22.10 24.79
N ALA B 215 8.76 -22.25 24.30
CA ALA B 215 9.01 -22.33 22.86
C ALA B 215 8.30 -23.51 22.23
N MET B 216 8.39 -24.66 22.90
CA MET B 216 7.72 -25.87 22.45
C MET B 216 6.21 -25.72 22.47
N ASP B 217 5.71 -24.97 23.45
CA ASP B 217 4.27 -24.71 23.54
C ASP B 217 3.83 -23.87 22.35
N VAL B 218 4.57 -22.81 22.08
CA VAL B 218 4.25 -21.88 21.00
C VAL B 218 4.30 -22.58 19.65
N LEU B 219 5.38 -23.31 19.40
CA LEU B 219 5.55 -24.02 18.13
C LEU B 219 4.52 -25.13 17.98
N GLY B 220 4.24 -25.83 19.07
CA GLY B 220 3.25 -26.89 19.06
C GLY B 220 1.88 -26.34 18.71
N GLY B 221 1.64 -25.09 19.09
CA GLY B 221 0.39 -24.43 18.75
C GLY B 221 0.23 -24.29 17.24
N LYS B 222 1.35 -24.19 16.54
CA LYS B 222 1.36 -24.02 15.09
C LYS B 222 1.40 -25.36 14.33
N GLY B 223 1.16 -26.46 15.05
CA GLY B 223 1.07 -27.76 14.41
C GLY B 223 2.39 -28.49 14.26
N VAL B 224 3.44 -27.94 14.86
CA VAL B 224 4.77 -28.56 14.81
C VAL B 224 4.85 -29.79 15.71
N GLU B 225 5.38 -30.89 15.16
CA GLU B 225 5.47 -32.14 15.91
C GLU B 225 6.88 -32.32 16.47
N PHE B 226 6.97 -32.81 17.70
CA PHE B 226 8.25 -33.09 18.31
C PHE B 226 8.38 -34.57 18.65
N LYS B 227 9.44 -35.19 18.17
CA LYS B 227 9.77 -36.55 18.58
C LYS B 227 11.09 -36.53 19.33
N ILE B 228 11.04 -36.75 20.62
CA ILE B 228 12.21 -36.61 21.49
C ILE B 228 12.66 -37.99 21.99
N GLY B 229 13.95 -38.13 22.25
CA GLY B 229 14.51 -39.41 22.64
C GLY B 229 14.45 -40.39 21.48
N THR B 230 14.32 -39.85 20.29
CA THR B 230 14.21 -40.67 19.09
C THR B 230 15.36 -40.39 18.14
N PRO B 231 16.34 -41.29 18.10
CA PRO B 231 17.46 -41.08 17.18
C PRO B 231 17.15 -41.51 15.75
N ILE B 232 17.86 -40.92 14.78
CA ILE B 232 17.70 -41.30 13.38
C ILE B 232 18.69 -42.39 13.02
N LYS B 233 18.18 -43.59 12.79
CA LYS B 233 19.03 -44.72 12.45
C LYS B 233 19.60 -44.54 11.05
N ARG B 234 18.75 -44.18 10.09
CA ARG B 234 19.26 -43.95 8.73
C ARG B 234 18.39 -42.99 7.92
N CYS B 235 18.95 -42.48 6.83
CA CYS B 235 18.26 -41.55 5.95
C CYS B 235 18.22 -42.04 4.50
N THR B 236 17.05 -41.98 3.89
CA THR B 236 16.84 -42.41 2.51
C THR B 236 16.18 -41.28 1.73
N PRO B 237 16.15 -41.38 0.39
CA PRO B 237 15.43 -40.36 -0.38
C PRO B 237 13.93 -40.34 -0.08
N GLU B 238 13.38 -41.50 0.28
CA GLU B 238 11.96 -41.61 0.61
C GLU B 238 11.64 -40.99 1.97
N GLY B 239 12.61 -40.99 2.87
CA GLY B 239 12.42 -40.46 4.21
C GLY B 239 13.48 -40.87 5.20
N VAL B 240 13.12 -40.99 6.47
CA VAL B 240 14.07 -41.41 7.49
C VAL B 240 13.58 -42.62 8.28
N VAL B 241 14.54 -43.39 8.79
CA VAL B 241 14.26 -44.49 9.68
C VAL B 241 14.78 -44.14 11.07
N ILE B 242 13.86 -44.12 12.02
CA ILE B 242 14.14 -43.70 13.39
C ILE B 242 13.97 -44.86 14.36
N GLU B 243 14.46 -44.69 15.59
CA GLU B 243 14.34 -45.72 16.61
C GLU B 243 13.42 -45.29 17.75
N VAL B 244 12.33 -46.04 17.92
CA VAL B 244 11.41 -45.78 19.02
C VAL B 244 11.27 -47.03 19.89
N ASP B 245 11.57 -46.88 21.18
CA ASP B 245 11.52 -47.98 22.14
C ASP B 245 12.36 -49.16 21.67
N GLY B 246 13.53 -48.88 21.12
CA GLY B 246 14.43 -49.91 20.66
C GLY B 246 13.94 -50.66 19.45
N GLU B 247 12.89 -50.15 18.83
CA GLU B 247 12.32 -50.77 17.63
C GLU B 247 12.29 -49.77 16.48
N GLU B 248 12.61 -50.24 15.27
CA GLU B 248 12.65 -49.36 14.11
C GLU B 248 11.25 -48.87 13.70
N GLU B 249 11.19 -47.61 13.29
CA GLU B 249 9.97 -46.99 12.78
C GLU B 249 10.35 -46.14 11.57
N GLU B 250 9.41 -45.96 10.64
CA GLU B 250 9.70 -45.25 9.41
C GLU B 250 8.87 -44.00 9.24
N ILE B 251 9.51 -42.92 8.80
CA ILE B 251 8.81 -41.71 8.42
C ILE B 251 9.06 -41.43 6.95
N LYS B 252 7.99 -41.39 6.17
CA LYS B 252 8.09 -41.11 4.75
C LYS B 252 8.02 -39.61 4.54
N ALA B 253 9.15 -39.02 4.14
CA ALA B 253 9.24 -37.58 3.94
C ALA B 253 10.10 -37.23 2.74
N ALA B 254 9.55 -36.40 1.85
CA ALA B 254 10.26 -35.93 0.67
C ALA B 254 11.40 -34.98 1.03
N THR B 255 11.30 -34.33 2.18
CA THR B 255 12.32 -33.39 2.61
C THR B 255 12.89 -33.71 3.99
N VAL B 256 14.21 -33.86 4.06
CA VAL B 256 14.91 -34.06 5.33
C VAL B 256 16.02 -33.02 5.50
N VAL B 257 15.92 -32.21 6.55
CA VAL B 257 16.91 -31.19 6.83
C VAL B 257 17.67 -31.51 8.12
N TRP B 258 18.99 -31.49 8.04
CA TRP B 258 19.83 -31.87 9.17
C TRP B 258 20.37 -30.66 9.93
N THR B 259 19.92 -30.51 11.17
CA THR B 259 20.47 -29.49 12.09
C THR B 259 21.03 -30.18 13.33
N GLY B 260 21.43 -31.44 13.17
CA GLY B 260 21.89 -32.26 14.27
C GLY B 260 23.23 -31.93 14.89
N GLY B 261 24.23 -31.65 14.06
CA GLY B 261 25.54 -31.33 14.57
C GLY B 261 26.48 -30.69 13.57
N VAL B 262 27.46 -29.94 14.08
CA VAL B 262 28.44 -29.30 13.22
C VAL B 262 29.83 -29.63 13.70
N ARG B 263 30.79 -29.54 12.79
CA ARG B 263 32.18 -29.75 13.15
C ARG B 263 33.01 -28.66 12.53
N GLY B 264 34.25 -28.53 12.99
CA GLY B 264 35.15 -27.56 12.42
C GLY B 264 35.44 -27.97 10.98
N ASN B 265 35.83 -27.00 10.17
CA ASN B 265 36.10 -27.21 8.76
C ASN B 265 37.13 -28.30 8.57
N SER B 266 36.88 -29.21 7.64
CA SER B 266 37.71 -30.40 7.48
C SER B 266 39.12 -30.07 7.01
N ILE B 267 39.29 -28.87 6.44
CA ILE B 267 40.58 -28.43 5.95
C ILE B 267 41.61 -28.42 7.08
N VAL B 268 41.16 -27.97 8.25
CA VAL B 268 42.02 -27.89 9.42
C VAL B 268 42.56 -29.27 9.80
N GLU B 269 41.67 -30.25 9.88
CA GLU B 269 42.09 -31.61 10.21
C GLU B 269 42.99 -32.22 9.14
N LYS B 270 42.66 -31.99 7.88
CA LYS B 270 43.42 -32.57 6.77
C LYS B 270 44.82 -31.96 6.63
N SER B 271 45.04 -30.80 7.25
CA SER B 271 46.33 -30.13 7.13
C SER B 271 47.34 -30.59 8.18
N GLY B 272 46.95 -31.58 8.98
CA GLY B 272 47.84 -32.18 9.95
C GLY B 272 47.76 -31.60 11.34
N PHE B 273 46.86 -30.64 11.55
CA PHE B 273 46.63 -30.04 12.87
C PHE B 273 46.00 -31.02 13.85
N GLU B 274 46.35 -30.87 15.11
CA GLU B 274 45.74 -31.63 16.19
C GLU B 274 44.38 -31.04 16.56
N THR B 275 43.32 -31.82 16.36
CA THR B 275 41.96 -31.29 16.45
C THR B 275 40.99 -32.18 17.23
N MET B 276 40.08 -31.53 17.94
CA MET B 276 38.99 -32.22 18.63
C MET B 276 37.67 -31.76 18.03
N ARG B 277 36.93 -32.71 17.45
CA ARG B 277 35.67 -32.41 16.76
C ARG B 277 35.91 -31.46 15.59
N GLY B 278 37.10 -31.57 15.01
CA GLY B 278 37.48 -30.71 13.89
C GLY B 278 37.88 -29.32 14.33
N ARG B 279 37.84 -29.09 15.63
CA ARG B 279 38.19 -27.77 16.17
C ARG B 279 39.51 -27.82 16.91
N ILE B 280 40.14 -26.65 17.07
CA ILE B 280 41.41 -26.55 17.77
C ILE B 280 41.24 -25.89 19.16
N LYS B 281 41.75 -26.56 20.19
CA LYS B 281 41.74 -26.00 21.54
C LYS B 281 42.91 -25.04 21.66
N VAL B 282 42.62 -23.75 21.47
CA VAL B 282 43.67 -22.74 21.34
C VAL B 282 44.20 -22.28 22.70
N ASP B 283 45.36 -21.63 22.69
CA ASP B 283 45.93 -21.04 23.89
C ASP B 283 45.22 -19.72 24.16
N PRO B 284 45.45 -19.10 25.34
CA PRO B 284 44.81 -17.83 25.67
C PRO B 284 44.93 -16.74 24.60
N TYR B 285 45.86 -16.90 23.66
CA TYR B 285 46.06 -15.93 22.60
C TYR B 285 45.41 -16.34 21.27
N LEU B 286 44.57 -17.37 21.33
CA LEU B 286 43.83 -17.86 20.17
C LEU B 286 44.76 -18.43 19.10
N ARG B 287 45.99 -18.74 19.49
CA ARG B 287 46.95 -19.35 18.59
C ARG B 287 46.82 -20.86 18.61
N ALA B 288 47.23 -21.50 17.51
CA ALA B 288 47.30 -22.95 17.47
C ALA B 288 48.47 -23.41 18.33
N PRO B 289 48.24 -24.41 19.19
CA PRO B 289 49.26 -24.95 20.08
C PRO B 289 50.49 -25.43 19.32
N GLY B 290 51.59 -24.68 19.41
CA GLY B 290 52.80 -25.04 18.71
C GLY B 290 53.10 -24.07 17.57
N HIS B 291 52.13 -23.21 17.27
CA HIS B 291 52.29 -22.25 16.18
C HIS B 291 52.03 -20.84 16.71
N GLU B 292 53.08 -20.02 16.75
CA GLU B 292 52.98 -18.67 17.28
C GLU B 292 52.43 -17.71 16.23
N ASN B 293 52.38 -18.18 14.98
CA ASN B 293 51.97 -17.33 13.86
C ASN B 293 50.65 -17.76 13.23
N ILE B 294 49.94 -18.68 13.88
CA ILE B 294 48.65 -19.14 13.35
C ILE B 294 47.52 -18.87 14.36
N PHE B 295 46.50 -18.15 13.92
CA PHE B 295 45.36 -17.82 14.78
C PHE B 295 44.07 -18.49 14.29
N ILE B 296 43.28 -19.01 15.22
CA ILE B 296 42.02 -19.67 14.86
C ILE B 296 40.84 -18.91 15.44
N VAL B 297 39.85 -18.64 14.60
CA VAL B 297 38.71 -17.85 15.03
C VAL B 297 37.37 -18.48 14.66
N GLY B 298 36.32 -17.99 15.29
CA GLY B 298 34.97 -18.44 15.00
C GLY B 298 34.74 -19.91 15.30
N ASP B 299 33.98 -20.54 14.43
CA ASP B 299 33.54 -21.90 14.65
C ASP B 299 34.68 -22.91 14.61
N CYS B 300 35.79 -22.56 13.99
CA CYS B 300 36.95 -23.45 13.97
C CYS B 300 37.64 -23.55 15.33
N ALA B 301 37.55 -22.50 16.13
CA ALA B 301 38.19 -22.45 17.43
C ALA B 301 37.30 -23.00 18.55
N LEU B 302 37.94 -23.73 19.47
CA LEU B 302 37.26 -24.27 20.63
C LEU B 302 37.72 -23.55 21.89
N ILE B 303 36.76 -23.01 22.64
CA ILE B 303 37.05 -22.25 23.84
C ILE B 303 36.44 -22.92 25.08
N ILE B 304 37.22 -23.04 26.14
CA ILE B 304 36.72 -23.63 27.37
C ILE B 304 36.55 -22.54 28.44
N ASN B 305 35.44 -22.58 29.16
CA ASN B 305 35.24 -21.63 30.25
C ASN B 305 35.99 -22.09 31.50
N GLU B 306 37.02 -21.34 31.88
CA GLU B 306 37.90 -21.71 32.98
C GLU B 306 37.17 -21.78 34.33
N GLU B 307 36.10 -21.00 34.49
CA GLU B 307 35.34 -21.01 35.74
C GLU B 307 34.65 -22.35 36.00
N ASN B 308 33.96 -22.86 34.99
CA ASN B 308 33.17 -24.09 35.13
C ASN B 308 33.66 -25.27 34.28
N ASN B 309 34.71 -25.06 33.52
CA ASN B 309 35.33 -26.10 32.67
C ASN B 309 34.40 -26.68 31.60
N ARG B 310 33.43 -25.90 31.15
CA ARG B 310 32.55 -26.37 30.09
C ARG B 310 32.81 -25.56 28.82
N PRO B 311 32.72 -26.23 27.66
CA PRO B 311 33.02 -25.54 26.40
C PRO B 311 31.98 -24.49 26.02
N TYR B 312 32.46 -23.44 25.36
CA TYR B 312 31.58 -22.44 24.76
C TYR B 312 31.07 -22.98 23.43
N PRO B 313 29.76 -22.86 23.19
CA PRO B 313 29.20 -23.33 21.92
C PRO B 313 29.67 -22.46 20.78
N PRO B 314 29.77 -23.02 19.56
CA PRO B 314 30.22 -22.25 18.40
C PRO B 314 29.14 -21.26 17.96
N THR B 315 29.39 -19.98 18.20
CA THR B 315 28.39 -18.94 17.99
C THR B 315 28.99 -17.73 17.27
N ALA B 316 28.14 -16.92 16.67
CA ALA B 316 28.61 -15.72 15.98
C ALA B 316 29.15 -14.66 16.94
N GLN B 317 28.54 -14.56 18.12
CA GLN B 317 28.93 -13.56 19.10
C GLN B 317 30.40 -13.72 19.51
N ILE B 318 30.74 -14.95 19.89
CA ILE B 318 32.09 -15.26 20.30
C ILE B 318 33.05 -15.22 19.09
N ALA B 319 32.52 -15.44 17.89
CA ALA B 319 33.34 -15.35 16.69
C ALA B 319 33.77 -13.91 16.44
N ILE B 320 32.83 -12.98 16.60
CA ILE B 320 33.11 -11.57 16.43
C ILE B 320 34.18 -11.16 17.44
N GLN B 321 33.98 -11.61 18.68
CA GLN B 321 34.93 -11.28 19.72
C GLN B 321 36.32 -11.88 19.41
N HIS B 322 36.34 -13.06 18.82
CA HIS B 322 37.57 -13.68 18.38
C HIS B 322 38.28 -12.81 17.36
N GLY B 323 37.52 -12.27 16.42
CA GLY B 323 38.08 -11.44 15.37
C GLY B 323 38.72 -10.19 15.92
N GLU B 324 38.01 -9.51 16.82
CA GLU B 324 38.54 -8.28 17.41
C GLU B 324 39.81 -8.56 18.22
N ASN B 325 39.77 -9.62 19.02
CA ASN B 325 40.94 -9.98 19.84
C ASN B 325 42.16 -10.32 18.98
N VAL B 326 41.95 -11.10 17.92
CA VAL B 326 43.05 -11.47 17.03
C VAL B 326 43.60 -10.24 16.29
N ALA B 327 42.70 -9.32 15.92
CA ALA B 327 43.14 -8.08 15.26
C ALA B 327 44.07 -7.29 16.17
N ALA B 328 43.64 -7.12 17.42
CA ALA B 328 44.42 -6.38 18.39
C ALA B 328 45.77 -7.04 18.63
N ASN B 329 45.76 -8.35 18.85
CA ASN B 329 46.99 -9.07 19.14
C ASN B 329 47.99 -9.08 17.98
N LEU B 330 47.49 -9.22 16.76
CA LEU B 330 48.37 -9.13 15.58
C LEU B 330 48.97 -7.74 15.45
N ALA B 331 48.14 -6.73 15.68
CA ALA B 331 48.60 -5.35 15.62
C ALA B 331 49.73 -5.15 16.64
N ALA B 332 49.56 -5.72 17.83
CA ALA B 332 50.60 -5.65 18.86
C ALA B 332 51.86 -6.42 18.43
N LEU B 333 51.68 -7.60 17.86
CA LEU B 333 52.81 -8.45 17.48
C LEU B 333 53.70 -7.83 16.40
N ILE B 334 53.09 -7.24 15.38
CA ILE B 334 53.86 -6.62 14.30
C ILE B 334 54.64 -5.40 14.79
N ARG B 335 54.06 -4.70 15.76
CA ARG B 335 54.60 -3.43 16.21
C ARG B 335 55.41 -3.55 17.50
N GLY B 336 55.64 -4.78 17.94
CA GLY B 336 56.44 -5.04 19.11
C GLY B 336 55.75 -4.61 20.40
N GLY B 337 54.64 -5.27 20.72
CA GLY B 337 53.90 -4.97 21.93
C GLY B 337 53.50 -6.25 22.63
N SER B 338 52.77 -6.12 23.73
CA SER B 338 52.35 -7.29 24.49
C SER B 338 50.92 -7.64 24.11
N MET B 339 50.64 -8.93 23.94
CA MET B 339 49.31 -9.35 23.55
C MET B 339 48.42 -9.51 24.77
N THR B 340 47.12 -9.35 24.56
CA THR B 340 46.14 -9.54 25.63
C THR B 340 45.39 -10.85 25.40
N PRO B 341 45.33 -11.70 26.44
CA PRO B 341 44.60 -12.96 26.39
C PRO B 341 43.12 -12.73 26.12
N PHE B 342 42.47 -13.67 25.43
CA PHE B 342 41.06 -13.50 25.08
C PHE B 342 40.14 -13.87 26.24
N LYS B 343 39.25 -12.96 26.57
CA LYS B 343 38.20 -13.24 27.54
C LYS B 343 36.83 -13.00 26.91
N PRO B 344 36.01 -14.06 26.85
CA PRO B 344 34.68 -14.02 26.23
C PRO B 344 33.61 -13.42 27.13
N HIS B 345 32.84 -12.47 26.60
CA HIS B 345 31.73 -11.90 27.34
C HIS B 345 30.41 -12.20 26.65
N ILE B 346 29.67 -13.19 27.17
CA ILE B 346 28.42 -13.61 26.56
C ILE B 346 27.25 -12.87 27.18
N ARG B 347 26.64 -11.99 26.38
CA ARG B 347 25.56 -11.15 26.86
C ARG B 347 24.19 -11.75 26.64
N GLY B 348 24.14 -12.99 26.17
CA GLY B 348 22.86 -13.65 25.93
C GLY B 348 22.49 -13.76 24.47
N THR B 349 21.54 -14.65 24.16
CA THR B 349 21.07 -14.83 22.80
C THR B 349 19.57 -15.09 22.72
N VAL B 350 18.95 -14.60 21.65
CA VAL B 350 17.52 -14.75 21.46
C VAL B 350 17.21 -15.65 20.24
N ALA B 351 16.21 -16.51 20.41
CA ALA B 351 15.79 -17.44 19.37
C ALA B 351 14.40 -17.11 18.85
N SER B 352 14.29 -16.93 17.55
CA SER B 352 13.02 -16.61 16.92
C SER B 352 12.11 -17.83 16.90
N LEU B 353 10.80 -17.57 16.95
CA LEU B 353 9.79 -18.62 16.82
C LEU B 353 8.81 -18.20 15.76
N GLY B 354 9.29 -18.08 14.52
CA GLY B 354 8.51 -17.48 13.47
C GLY B 354 8.84 -16.01 13.40
N ARG B 355 8.15 -15.29 12.53
CA ARG B 355 8.42 -13.87 12.33
C ARG B 355 7.95 -13.01 13.52
N ASN B 356 6.89 -13.45 14.21
CA ASN B 356 6.26 -12.60 15.22
C ASN B 356 6.39 -13.10 16.66
N ASP B 357 7.29 -14.05 16.90
CA ASP B 357 7.51 -14.56 18.25
C ASP B 357 8.98 -14.90 18.49
N ALA B 358 9.41 -14.85 19.75
CA ALA B 358 10.78 -15.17 20.11
C ALA B 358 10.95 -15.40 21.62
N ILE B 359 12.06 -16.03 22.00
CA ILE B 359 12.40 -16.23 23.40
C ILE B 359 13.86 -15.92 23.67
N GLY B 360 14.19 -15.32 24.81
CA GLY B 360 15.60 -15.13 25.07
C GLY B 360 16.03 -14.54 26.40
N ILE B 361 17.31 -14.67 26.72
CA ILE B 361 17.87 -14.05 27.91
C ILE B 361 18.93 -13.03 27.50
N VAL B 362 18.73 -11.77 27.87
CA VAL B 362 19.72 -10.74 27.53
C VAL B 362 20.35 -10.17 28.79
N GLY B 363 21.66 -10.40 28.93
CA GLY B 363 22.41 -9.95 30.08
C GLY B 363 22.02 -10.69 31.34
N GLY B 364 20.73 -10.60 31.68
CA GLY B 364 20.18 -11.25 32.84
C GLY B 364 18.67 -11.32 32.77
N ARG B 365 18.09 -10.51 31.88
CA ARG B 365 16.63 -10.42 31.78
C ARG B 365 16.02 -11.36 30.73
N LYS B 366 15.12 -12.22 31.20
CA LYS B 366 14.34 -13.09 30.31
C LYS B 366 13.28 -12.30 29.55
N VAL B 367 13.10 -12.63 28.27
CA VAL B 367 12.18 -11.96 27.35
C VAL B 367 11.35 -12.96 26.54
N TYR B 368 10.13 -12.55 26.20
CA TYR B 368 9.18 -13.36 25.44
C TYR B 368 8.52 -12.51 24.35
N GLY B 369 7.89 -13.17 23.40
CA GLY B 369 7.03 -12.51 22.42
C GLY B 369 7.61 -11.42 21.54
N HIS B 370 6.77 -10.44 21.21
CA HIS B 370 7.13 -9.37 20.28
C HIS B 370 8.37 -8.61 20.75
N ALA B 371 8.53 -8.51 22.05
CA ALA B 371 9.68 -7.84 22.63
C ALA B 371 10.95 -8.57 22.21
N ALA B 372 10.99 -9.87 22.44
CA ALA B 372 12.14 -10.69 22.10
C ALA B 372 12.41 -10.67 20.58
N SER B 373 11.33 -10.66 19.79
CA SER B 373 11.47 -10.59 18.34
C SER B 373 12.19 -9.30 17.92
N TRP B 374 11.72 -8.18 18.48
CA TRP B 374 12.30 -6.88 18.19
C TRP B 374 13.75 -6.85 18.68
N LEU B 375 14.01 -7.54 19.78
CA LEU B 375 15.37 -7.65 20.32
C LEU B 375 16.30 -8.33 19.33
N LYS B 376 15.84 -9.43 18.74
CA LYS B 376 16.64 -10.14 17.76
C LYS B 376 16.92 -9.23 16.56
N LYS B 377 15.89 -8.54 16.10
CA LYS B 377 16.07 -7.61 14.97
C LYS B 377 17.13 -6.55 15.31
N LEU B 378 17.11 -6.07 16.55
CA LEU B 378 18.07 -5.09 17.02
C LEU B 378 19.49 -5.63 17.02
N ILE B 379 19.67 -6.88 17.46
CA ILE B 379 20.99 -7.50 17.45
C ILE B 379 21.52 -7.57 16.02
N ASP B 380 20.63 -7.93 15.11
CA ASP B 380 20.99 -8.01 13.70
C ASP B 380 21.49 -6.64 13.25
N MET B 381 20.76 -5.61 13.66
CA MET B 381 21.14 -4.24 13.32
C MET B 381 22.50 -3.89 13.89
N ARG B 382 22.79 -4.40 15.08
CA ARG B 382 24.06 -4.15 15.74
C ARG B 382 25.21 -4.71 14.94
N TYR B 383 25.09 -5.95 14.48
CA TYR B 383 26.16 -6.54 13.68
C TYR B 383 26.32 -5.81 12.36
N LEU B 384 25.17 -5.44 11.77
CA LEU B 384 25.19 -4.73 10.50
C LEU B 384 25.93 -3.40 10.61
N TYR B 385 25.67 -2.66 11.68
CA TYR B 385 26.36 -1.40 11.92
C TYR B 385 27.84 -1.66 12.19
N LEU B 386 28.11 -2.67 12.98
CA LEU B 386 29.48 -2.96 13.40
C LEU B 386 30.40 -3.24 12.22
N ILE B 387 29.91 -3.94 11.20
CA ILE B 387 30.79 -4.26 10.08
C ILE B 387 30.64 -3.34 8.86
N GLY B 388 29.47 -2.75 8.68
CA GLY B 388 29.20 -1.97 7.48
C GLY B 388 28.91 -0.49 7.70
N GLY B 389 28.69 -0.09 8.95
CA GLY B 389 28.35 1.28 9.27
C GLY B 389 26.85 1.52 9.11
N LEU B 390 26.46 2.79 9.15
CA LEU B 390 25.06 3.17 9.04
C LEU B 390 24.48 2.84 7.67
N SER B 391 25.33 2.91 6.65
CA SER B 391 24.90 2.65 5.28
C SER B 391 24.42 1.22 5.07
N LEU B 392 25.09 0.27 5.71
CA LEU B 392 24.71 -1.14 5.59
C LEU B 392 23.34 -1.37 6.20
N VAL B 393 23.11 -0.74 7.35
CA VAL B 393 21.81 -0.82 8.02
C VAL B 393 20.74 -0.19 7.15
N LEU B 394 21.12 0.92 6.52
CA LEU B 394 20.22 1.66 5.64
C LEU B 394 19.77 0.84 4.45
N LYS B 395 20.69 0.10 3.83
CA LYS B 395 20.35 -0.72 2.67
C LYS B 395 19.29 -1.80 2.97
N LYS B 396 19.07 -2.09 4.25
CA LYS B 396 18.09 -3.10 4.63
C LYS B 396 17.33 -2.71 5.90
N LYS C 3 -11.01 30.21 -42.62
CA LYS C 3 -11.60 31.51 -42.93
C LYS C 3 -12.85 31.83 -42.12
N PRO C 4 -13.81 30.88 -42.00
CA PRO C 4 -14.96 31.23 -41.16
C PRO C 4 -14.61 31.17 -39.67
N SER C 5 -15.24 31.98 -38.82
CA SER C 5 -14.90 31.98 -37.40
C SER C 5 -16.00 31.40 -36.50
N ILE C 6 -15.64 30.35 -35.77
CA ILE C 6 -16.55 29.70 -34.82
C ILE C 6 -16.12 30.04 -33.39
N VAL C 7 -17.03 30.59 -32.60
CA VAL C 7 -16.73 30.89 -31.20
C VAL C 7 -17.61 30.12 -30.22
N ILE C 8 -16.96 29.37 -29.33
CA ILE C 8 -17.67 28.59 -28.32
C ILE C 8 -17.50 29.18 -26.93
N LEU C 9 -18.62 29.52 -26.29
CA LEU C 9 -18.61 30.14 -24.98
C LEU C 9 -18.89 29.13 -23.87
N GLY C 10 -17.89 28.87 -23.03
CA GLY C 10 -18.03 27.94 -21.94
C GLY C 10 -17.46 26.58 -22.28
N ALA C 11 -16.61 26.07 -21.40
CA ALA C 11 -15.99 24.77 -21.61
C ALA C 11 -16.56 23.73 -20.66
N GLY C 12 -17.88 23.62 -20.66
CA GLY C 12 -18.54 22.61 -19.87
C GLY C 12 -18.66 21.37 -20.72
N TYR C 13 -19.64 20.51 -20.41
CA TYR C 13 -19.83 19.30 -21.17
C TYR C 13 -20.14 19.61 -22.64
N GLY C 14 -21.13 20.48 -22.86
CA GLY C 14 -21.52 20.86 -24.20
C GLY C 14 -20.42 21.55 -24.98
N GLY C 15 -19.80 22.55 -24.36
CA GLY C 15 -18.77 23.33 -25.03
C GLY C 15 -17.54 22.53 -25.40
N ILE C 16 -17.05 21.75 -24.43
CA ILE C 16 -15.85 20.95 -24.65
C ILE C 16 -16.12 19.85 -25.67
N VAL C 17 -17.29 19.20 -25.61
CA VAL C 17 -17.60 18.17 -26.57
C VAL C 17 -17.75 18.77 -27.98
N ALA C 18 -18.35 19.96 -28.05
CA ALA C 18 -18.50 20.65 -29.33
C ALA C 18 -17.13 20.95 -29.94
N ALA C 19 -16.23 21.47 -29.12
CA ALA C 19 -14.91 21.83 -29.59
C ALA C 19 -14.16 20.58 -30.08
N LEU C 20 -14.23 19.50 -29.31
CA LEU C 20 -13.53 18.28 -29.70
C LEU C 20 -14.12 17.69 -30.98
N GLY C 21 -15.43 17.83 -31.15
CA GLY C 21 -16.09 17.36 -32.36
C GLY C 21 -15.60 18.13 -33.57
N LEU C 22 -15.51 19.45 -33.44
CA LEU C 22 -14.97 20.26 -34.52
C LEU C 22 -13.53 19.86 -34.81
N GLN C 23 -12.81 19.52 -33.75
CA GLN C 23 -11.42 19.07 -33.87
C GLN C 23 -11.31 17.82 -34.72
N LYS C 24 -12.21 16.87 -34.47
CA LYS C 24 -12.19 15.60 -35.21
C LYS C 24 -12.65 15.76 -36.65
N ARG C 25 -13.70 16.56 -36.88
CA ARG C 25 -14.31 16.62 -38.20
C ARG C 25 -13.57 17.50 -39.21
N LEU C 26 -12.99 18.60 -38.75
CA LEU C 26 -12.41 19.58 -39.69
C LEU C 26 -10.88 19.53 -39.75
N ASN C 27 -10.34 19.90 -40.92
CA ASN C 27 -8.89 20.07 -41.06
C ASN C 27 -8.54 21.48 -40.61
N TYR C 28 -7.25 21.78 -40.49
CA TYR C 28 -6.84 23.08 -39.96
C TYR C 28 -7.30 24.22 -40.87
N ASN C 29 -7.76 25.30 -40.26
CA ASN C 29 -8.23 26.49 -40.96
C ASN C 29 -9.37 26.25 -41.97
N GLU C 30 -10.03 25.09 -41.90
CA GLU C 30 -11.27 24.90 -42.64
C GLU C 30 -12.23 25.91 -42.05
N ALA C 31 -12.00 26.13 -40.76
CA ALA C 31 -12.63 27.17 -39.98
C ALA C 31 -11.69 27.44 -38.81
N ASP C 32 -11.85 28.59 -38.17
CA ASP C 32 -11.07 28.93 -36.99
C ASP C 32 -11.92 28.83 -35.74
N ILE C 33 -11.57 27.90 -34.85
CA ILE C 33 -12.40 27.65 -33.68
C ILE C 33 -11.76 28.20 -32.41
N THR C 34 -12.48 29.07 -31.73
CA THR C 34 -12.00 29.72 -30.51
C THR C 34 -12.86 29.31 -29.31
N LEU C 35 -12.21 28.78 -28.29
CA LEU C 35 -12.92 28.31 -27.09
C LEU C 35 -12.66 29.22 -25.89
N VAL C 36 -13.74 29.71 -25.27
CA VAL C 36 -13.60 30.68 -24.20
C VAL C 36 -14.02 30.09 -22.84
N ASN C 37 -13.19 30.29 -21.82
CA ASN C 37 -13.54 29.88 -20.46
C ASN C 37 -12.96 30.80 -19.39
N LYS C 38 -13.63 30.90 -18.24
CA LYS C 38 -13.13 31.78 -17.17
C LYS C 38 -11.99 31.13 -16.37
N ASN C 39 -11.84 29.82 -16.51
CA ASN C 39 -10.76 29.08 -15.86
C ASN C 39 -9.92 28.32 -16.88
N ASP C 40 -8.70 27.94 -16.49
CA ASP C 40 -7.82 27.19 -17.38
C ASP C 40 -8.13 25.71 -17.31
N TYR C 41 -9.21 25.37 -16.61
CA TYR C 41 -9.59 23.98 -16.44
C TYR C 41 -11.07 23.74 -16.72
N HIS C 42 -11.38 22.49 -17.08
CA HIS C 42 -12.75 22.02 -17.26
C HIS C 42 -13.06 21.05 -16.13
N TYR C 43 -14.15 21.30 -15.41
CA TYR C 43 -14.43 20.46 -14.25
C TYR C 43 -15.59 19.49 -14.47
N ILE C 44 -15.47 18.32 -13.86
CA ILE C 44 -16.50 17.29 -13.94
C ILE C 44 -17.60 17.61 -12.95
N THR C 45 -18.59 18.36 -13.41
CA THR C 45 -19.66 18.86 -12.57
C THR C 45 -20.43 17.72 -11.89
N THR C 46 -20.60 16.63 -12.61
CA THR C 46 -21.39 15.51 -12.12
C THR C 46 -20.74 14.82 -10.92
N GLU C 47 -19.51 15.23 -10.61
CA GLU C 47 -18.82 14.65 -9.45
C GLU C 47 -18.48 15.70 -8.39
N LEU C 48 -18.92 16.94 -8.61
CA LEU C 48 -18.55 18.04 -7.72
C LEU C 48 -19.04 17.84 -6.29
N HIS C 49 -20.00 16.94 -6.11
CA HIS C 49 -20.53 16.65 -4.79
C HIS C 49 -19.49 15.99 -3.91
N GLN C 50 -18.55 15.25 -4.51
CA GLN C 50 -17.54 14.55 -3.72
C GLN C 50 -16.52 15.50 -3.04
N PRO C 51 -15.95 16.47 -3.79
CA PRO C 51 -15.03 17.37 -3.08
C PRO C 51 -15.72 18.25 -2.04
N ALA C 52 -16.96 18.63 -2.29
CA ALA C 52 -17.72 19.46 -1.36
C ALA C 52 -17.87 18.79 0.01
N ALA C 53 -18.05 17.47 0.00
CA ALA C 53 -18.09 16.71 1.25
C ALA C 53 -16.67 16.40 1.75
N GLY C 54 -15.73 16.31 0.82
CA GLY C 54 -14.35 16.02 1.19
C GLY C 54 -14.01 14.56 1.00
N THR C 55 -14.91 13.85 0.33
CA THR C 55 -14.73 12.42 0.07
C THR C 55 -13.76 12.16 -1.08
N MET C 56 -13.57 13.16 -1.94
CA MET C 56 -12.61 13.05 -3.03
C MET C 56 -11.87 14.37 -3.26
N HIS C 57 -10.61 14.28 -3.69
CA HIS C 57 -9.85 15.49 -3.96
C HIS C 57 -10.35 16.19 -5.20
N HIS C 58 -10.35 17.52 -5.17
CA HIS C 58 -10.96 18.31 -6.25
C HIS C 58 -10.22 18.21 -7.59
N ASP C 59 -8.93 17.87 -7.54
CA ASP C 59 -8.15 17.73 -8.78
C ASP C 59 -8.62 16.55 -9.61
N GLN C 60 -9.27 15.59 -8.97
CA GLN C 60 -9.82 14.45 -9.67
C GLN C 60 -11.15 14.80 -10.32
N ALA C 61 -11.60 16.03 -10.08
CA ALA C 61 -12.86 16.49 -10.63
C ALA C 61 -12.66 17.55 -11.71
N ARG C 62 -11.40 17.77 -12.08
CA ARG C 62 -11.08 18.75 -13.13
C ARG C 62 -9.91 18.30 -13.98
N VAL C 63 -9.80 18.86 -15.16
CA VAL C 63 -8.75 18.52 -16.10
C VAL C 63 -8.36 19.78 -16.88
N GLY C 64 -7.10 19.87 -17.30
CA GLY C 64 -6.61 21.03 -18.03
C GLY C 64 -7.14 21.12 -19.43
N ILE C 65 -7.61 22.30 -19.80
CA ILE C 65 -8.18 22.53 -21.13
C ILE C 65 -7.13 22.43 -22.24
N LYS C 66 -5.96 23.03 -22.00
CA LYS C 66 -4.87 23.02 -22.97
C LYS C 66 -4.43 21.59 -23.28
N GLU C 67 -4.56 20.70 -22.31
CA GLU C 67 -4.21 19.29 -22.48
C GLU C 67 -5.13 18.58 -23.47
N LEU C 68 -6.43 18.87 -23.38
CA LEU C 68 -7.44 18.18 -24.18
C LEU C 68 -7.45 18.56 -25.65
N ILE C 69 -7.32 19.87 -25.92
CA ILE C 69 -7.48 20.37 -27.28
C ILE C 69 -6.17 20.48 -28.05
N ASP C 70 -6.28 20.88 -29.32
CA ASP C 70 -5.14 21.13 -30.19
C ASP C 70 -4.99 22.64 -30.39
N GLU C 71 -3.85 23.19 -29.98
CA GLU C 71 -3.61 24.62 -30.06
C GLU C 71 -3.61 25.12 -31.50
N LYS C 72 -3.23 24.26 -32.43
CA LYS C 72 -3.24 24.60 -33.84
C LYS C 72 -4.67 24.71 -34.37
N LYS C 73 -5.46 23.67 -34.13
CA LYS C 73 -6.84 23.61 -34.59
C LYS C 73 -7.73 24.58 -33.82
N ILE C 74 -7.58 24.59 -32.50
CA ILE C 74 -8.42 25.41 -31.63
C ILE C 74 -7.60 26.42 -30.83
N LYS C 75 -8.06 27.67 -30.80
CA LYS C 75 -7.43 28.72 -30.01
C LYS C 75 -8.18 28.93 -28.71
N PHE C 76 -7.48 28.78 -27.58
CA PHE C 76 -8.12 28.88 -26.27
C PHE C 76 -7.91 30.25 -25.63
N VAL C 77 -9.01 30.85 -25.17
CA VAL C 77 -8.98 32.11 -24.45
C VAL C 77 -9.54 31.96 -23.04
N LYS C 78 -8.77 32.41 -22.05
CA LYS C 78 -9.20 32.41 -20.66
C LYS C 78 -9.71 33.78 -20.23
N ASP C 79 -11.03 33.94 -20.17
CA ASP C 79 -11.62 35.19 -19.73
C ASP C 79 -13.08 34.97 -19.29
N THR C 80 -13.67 36.00 -18.71
CA THR C 80 -15.05 35.93 -18.23
C THR C 80 -15.98 36.76 -19.11
N VAL C 81 -16.96 36.08 -19.71
CA VAL C 81 -17.94 36.73 -20.58
C VAL C 81 -18.84 37.68 -19.80
N VAL C 82 -19.05 38.86 -20.37
CA VAL C 82 -19.89 39.86 -19.72
C VAL C 82 -21.24 39.98 -20.44
N ALA C 83 -21.21 40.09 -21.76
CA ALA C 83 -22.44 40.23 -22.53
C ALA C 83 -22.24 39.78 -23.98
N ILE C 84 -23.34 39.52 -24.68
CA ILE C 84 -23.29 39.17 -26.10
C ILE C 84 -24.19 40.05 -26.95
N ASP C 85 -23.63 40.63 -28.01
CA ASP C 85 -24.41 41.42 -28.95
C ASP C 85 -24.64 40.62 -30.23
N ARG C 86 -25.87 40.13 -30.38
CA ARG C 86 -26.28 39.28 -31.50
C ARG C 86 -26.20 39.99 -32.84
N GLU C 87 -26.65 41.24 -32.88
CA GLU C 87 -26.70 42.01 -34.11
C GLU C 87 -25.29 42.28 -34.64
N GLN C 88 -24.40 42.75 -33.76
CA GLN C 88 -23.02 43.02 -34.14
C GLN C 88 -22.23 41.74 -34.27
N GLN C 89 -22.81 40.64 -33.79
CA GLN C 89 -22.14 39.33 -33.73
C GLN C 89 -20.84 39.43 -32.94
N LYS C 90 -20.91 40.07 -31.78
CA LYS C 90 -19.73 40.30 -30.95
C LYS C 90 -19.90 39.82 -29.52
N VAL C 91 -18.83 39.28 -28.95
CA VAL C 91 -18.86 38.80 -27.58
C VAL C 91 -17.97 39.67 -26.71
N THR C 92 -18.59 40.28 -25.70
CA THR C 92 -17.89 41.16 -24.77
C THR C 92 -17.25 40.35 -23.64
N LEU C 93 -16.06 40.77 -23.22
CA LEU C 93 -15.32 40.07 -22.17
C LEU C 93 -14.82 41.05 -21.12
N GLN C 94 -14.32 40.52 -20.02
CA GLN C 94 -13.78 41.35 -18.94
C GLN C 94 -12.56 42.14 -19.41
N ASN C 95 -11.75 41.53 -20.26
CA ASN C 95 -10.55 42.17 -20.81
C ASN C 95 -10.43 42.01 -22.32
N GLY C 96 -11.41 42.52 -23.06
CA GLY C 96 -11.38 42.46 -24.51
C GLY C 96 -12.69 41.99 -25.11
N GLU C 97 -12.67 41.69 -26.40
CA GLU C 97 -13.86 41.20 -27.10
C GLU C 97 -13.52 40.34 -28.32
N LEU C 98 -14.48 39.55 -28.78
CA LEU C 98 -14.26 38.66 -29.93
C LEU C 98 -15.40 38.71 -30.95
N HIS C 99 -15.11 38.30 -32.18
CA HIS C 99 -16.12 38.26 -33.23
C HIS C 99 -16.32 36.86 -33.81
N TYR C 100 -17.57 36.53 -34.12
CA TYR C 100 -17.93 35.19 -34.61
C TYR C 100 -18.76 35.17 -35.88
N ASP C 101 -18.45 34.22 -36.76
CA ASP C 101 -19.36 33.86 -37.85
C ASP C 101 -20.43 32.90 -37.33
N TYR C 102 -20.00 31.99 -36.44
CA TYR C 102 -20.91 31.07 -35.77
C TYR C 102 -20.69 31.14 -34.26
N LEU C 103 -21.76 31.00 -33.48
CA LEU C 103 -21.66 31.06 -32.02
C LEU C 103 -22.32 29.88 -31.33
N VAL C 104 -21.58 29.26 -30.41
CA VAL C 104 -22.12 28.18 -29.60
C VAL C 104 -22.16 28.59 -28.14
N VAL C 105 -23.36 28.65 -27.55
CA VAL C 105 -23.50 29.12 -26.18
C VAL C 105 -23.74 27.99 -25.20
N GLY C 106 -22.76 27.77 -24.32
CA GLY C 106 -22.88 26.77 -23.27
C GLY C 106 -22.31 27.26 -21.95
N LEU C 107 -22.90 28.33 -21.42
CA LEU C 107 -22.42 28.95 -20.19
C LEU C 107 -22.98 28.26 -18.95
N GLY C 108 -23.75 27.20 -19.17
CA GLY C 108 -24.29 26.42 -18.07
C GLY C 108 -25.36 27.14 -17.28
N SER C 109 -25.53 26.71 -16.03
CA SER C 109 -26.59 27.23 -15.18
C SER C 109 -26.07 28.06 -14.01
N GLU C 110 -26.95 28.89 -13.47
CA GLU C 110 -26.70 29.61 -12.23
C GLU C 110 -27.76 29.18 -11.21
N PRO C 111 -27.49 29.39 -9.92
CA PRO C 111 -28.49 28.99 -8.91
C PRO C 111 -29.79 29.81 -9.01
N GLU C 112 -30.91 29.16 -8.72
CA GLU C 112 -32.20 29.85 -8.65
C GLU C 112 -32.72 29.83 -7.22
N THR C 113 -32.80 31.00 -6.59
CA THR C 113 -33.16 31.07 -5.18
C THR C 113 -34.64 31.40 -4.98
N PHE C 114 -35.35 31.65 -6.08
CA PHE C 114 -36.79 31.88 -6.04
C PHE C 114 -37.18 33.07 -5.15
N GLY C 115 -36.23 33.99 -4.95
CA GLY C 115 -36.50 35.18 -4.17
C GLY C 115 -36.50 34.97 -2.68
N ILE C 116 -36.10 33.78 -2.23
CA ILE C 116 -36.00 33.50 -0.80
C ILE C 116 -34.95 34.40 -0.16
N GLU C 117 -35.30 34.99 0.97
CA GLU C 117 -34.49 36.03 1.60
C GLU C 117 -33.22 35.48 2.22
N GLY C 118 -32.08 36.05 1.82
CA GLY C 118 -30.80 35.71 2.41
C GLY C 118 -30.19 34.43 1.86
N LEU C 119 -30.91 33.76 0.98
CA LEU C 119 -30.45 32.51 0.40
C LEU C 119 -29.20 32.69 -0.45
N ARG C 120 -29.18 33.75 -1.25
CA ARG C 120 -28.02 34.06 -2.06
C ARG C 120 -26.82 34.46 -1.20
N GLU C 121 -27.08 35.31 -0.19
CA GLU C 121 -26.03 35.87 0.64
C GLU C 121 -25.38 34.86 1.59
N HIS C 122 -26.19 34.01 2.22
CA HIS C 122 -25.70 33.18 3.33
C HIS C 122 -25.71 31.67 3.07
N ALA C 123 -25.98 31.27 1.84
CA ALA C 123 -25.96 29.85 1.50
C ALA C 123 -24.95 29.54 0.40
N PHE C 124 -24.51 28.30 0.35
CA PHE C 124 -23.49 27.86 -0.60
C PHE C 124 -24.09 27.10 -1.75
N SER C 125 -23.39 27.08 -2.88
CA SER C 125 -23.84 26.35 -4.05
C SER C 125 -22.76 25.41 -4.56
N ILE C 126 -23.18 24.29 -5.17
CA ILE C 126 -22.27 23.32 -5.75
C ILE C 126 -22.22 23.46 -7.27
N ASN C 127 -21.44 24.43 -7.76
CA ASN C 127 -21.41 24.71 -9.18
C ASN C 127 -20.01 24.91 -9.79
N SER C 128 -18.98 24.86 -8.95
CA SER C 128 -17.61 25.02 -9.46
C SER C 128 -16.59 24.42 -8.50
N ILE C 129 -15.33 24.37 -8.93
CA ILE C 129 -14.24 23.88 -8.09
C ILE C 129 -14.03 24.79 -6.90
N ASN C 130 -14.05 26.10 -7.16
CA ASN C 130 -13.87 27.09 -6.12
C ASN C 130 -14.95 26.93 -5.06
N SER C 131 -16.19 26.78 -5.52
CA SER C 131 -17.34 26.70 -4.62
C SER C 131 -17.29 25.47 -3.71
N VAL C 132 -16.95 24.31 -4.28
CA VAL C 132 -16.91 23.10 -3.47
C VAL C 132 -15.73 23.15 -2.49
N ARG C 133 -14.64 23.80 -2.89
CA ARG C 133 -13.52 23.99 -1.96
C ARG C 133 -13.97 24.86 -0.79
N ILE C 134 -14.73 25.91 -1.10
CA ILE C 134 -15.25 26.79 -0.06
C ILE C 134 -16.17 26.03 0.90
N ILE C 135 -17.08 25.23 0.34
CA ILE C 135 -18.02 24.44 1.17
C ILE C 135 -17.28 23.48 2.10
N ARG C 136 -16.32 22.76 1.54
CA ARG C 136 -15.58 21.78 2.31
C ARG C 136 -14.84 22.46 3.46
N GLN C 137 -14.10 23.52 3.15
CA GLN C 137 -13.31 24.18 4.20
C GLN C 137 -14.19 24.87 5.23
N HIS C 138 -15.37 25.32 4.80
CA HIS C 138 -16.35 25.92 5.69
C HIS C 138 -16.82 24.91 6.72
N ILE C 139 -17.26 23.75 6.26
CA ILE C 139 -17.73 22.69 7.15
C ILE C 139 -16.63 22.27 8.13
N GLU C 140 -15.41 22.11 7.59
CA GLU C 140 -14.27 21.73 8.44
C GLU C 140 -13.99 22.80 9.49
N TYR C 141 -14.17 24.05 9.11
CA TYR C 141 -13.95 25.15 10.04
C TYR C 141 -14.96 25.08 11.19
N GLN C 142 -16.23 24.82 10.85
CA GLN C 142 -17.25 24.76 11.91
C GLN C 142 -16.96 23.61 12.87
N PHE C 143 -16.62 22.45 12.30
CA PHE C 143 -16.30 21.29 13.12
C PHE C 143 -15.07 21.52 13.99
N ALA C 144 -14.12 22.30 13.48
CA ALA C 144 -12.94 22.67 14.25
C ALA C 144 -13.32 23.58 15.41
N LYS C 145 -14.29 24.46 15.17
CA LYS C 145 -14.74 25.37 16.22
C LYS C 145 -15.57 24.69 17.31
N PHE C 146 -16.21 23.58 16.99
CA PHE C 146 -17.11 22.96 17.97
C PHE C 146 -16.44 22.49 19.26
N ALA C 147 -15.25 21.91 19.14
CA ALA C 147 -14.58 21.32 20.30
C ALA C 147 -14.34 22.34 21.42
N ALA C 148 -13.99 23.56 21.04
CA ALA C 148 -13.75 24.63 22.00
C ALA C 148 -15.03 25.13 22.65
N GLU C 149 -16.13 25.08 21.89
CA GLU C 149 -17.43 25.56 22.35
C GLU C 149 -18.50 24.50 22.12
N PRO C 150 -18.53 23.46 22.97
CA PRO C 150 -19.36 22.27 22.77
C PRO C 150 -20.87 22.49 22.94
N GLU C 151 -21.26 23.64 23.46
CA GLU C 151 -22.69 23.96 23.58
C GLU C 151 -23.27 24.39 22.23
N ARG C 152 -22.42 24.86 21.32
CA ARG C 152 -22.91 25.29 20.01
C ARG C 152 -23.05 24.10 19.06
N THR C 153 -24.20 23.44 19.12
CA THR C 153 -24.44 22.26 18.30
C THR C 153 -24.85 22.67 16.88
N ASP C 154 -25.13 23.94 16.68
CA ASP C 154 -25.48 24.46 15.36
C ASP C 154 -24.28 24.39 14.41
N TYR C 155 -23.08 24.30 14.98
CA TYR C 155 -21.87 24.08 14.19
C TYR C 155 -21.94 22.74 13.51
N LEU C 156 -22.60 21.77 14.16
CA LEU C 156 -22.63 20.41 13.65
C LEU C 156 -23.90 20.13 12.85
N THR C 157 -24.64 21.19 12.53
CA THR C 157 -25.87 21.05 11.77
C THR C 157 -25.68 21.59 10.37
N ILE C 158 -25.95 20.75 9.37
CA ILE C 158 -25.85 21.17 7.98
C ILE C 158 -27.20 21.02 7.30
N VAL C 159 -27.69 22.12 6.72
CA VAL C 159 -29.00 22.08 6.08
C VAL C 159 -28.88 22.12 4.57
N VAL C 160 -29.44 21.13 3.90
CA VAL C 160 -29.44 21.07 2.45
C VAL C 160 -30.83 21.35 1.89
N GLY C 161 -30.97 22.45 1.16
CA GLY C 161 -32.25 22.85 0.63
C GLY C 161 -32.53 22.23 -0.72
N GLY C 162 -33.61 21.45 -0.79
CA GLY C 162 -33.96 20.75 -2.03
C GLY C 162 -33.54 19.29 -2.00
N ALA C 163 -34.51 18.40 -2.16
CA ALA C 163 -34.22 16.96 -2.13
C ALA C 163 -34.20 16.38 -3.54
N GLY C 164 -33.42 16.99 -4.42
CA GLY C 164 -33.28 16.51 -5.78
C GLY C 164 -32.13 15.56 -5.94
N PHE C 165 -31.66 15.41 -7.17
CA PHE C 165 -30.55 14.53 -7.52
C PHE C 165 -29.28 14.99 -6.80
N THR C 166 -28.97 16.27 -6.96
CA THR C 166 -27.76 16.86 -6.39
C THR C 166 -27.78 16.78 -4.88
N GLY C 167 -28.91 17.16 -4.29
CA GLY C 167 -29.04 17.17 -2.84
C GLY C 167 -28.86 15.79 -2.23
N ILE C 168 -29.51 14.80 -2.84
CA ILE C 168 -29.42 13.44 -2.33
C ILE C 168 -27.99 12.91 -2.43
N GLU C 169 -27.35 13.13 -3.58
CA GLU C 169 -25.98 12.65 -3.72
C GLU C 169 -25.05 13.31 -2.71
N PHE C 170 -25.28 14.62 -2.50
CA PHE C 170 -24.44 15.37 -1.58
C PHE C 170 -24.59 14.86 -0.15
N VAL C 171 -25.83 14.71 0.33
CA VAL C 171 -26.05 14.26 1.70
C VAL C 171 -25.53 12.83 1.89
N GLY C 172 -25.53 12.05 0.83
CA GLY C 172 -24.95 10.72 0.90
C GLY C 172 -23.45 10.83 1.13
N GLU C 173 -22.81 11.74 0.41
CA GLU C 173 -21.38 11.96 0.56
C GLU C 173 -21.04 12.49 1.96
N LEU C 174 -21.85 13.42 2.45
CA LEU C 174 -21.67 13.99 3.78
C LEU C 174 -21.78 12.90 4.84
N ALA C 175 -22.78 12.04 4.67
CA ALA C 175 -23.02 10.96 5.60
C ALA C 175 -21.81 10.03 5.64
N ASP C 176 -21.24 9.75 4.47
CA ASP C 176 -20.02 8.94 4.47
C ASP C 176 -18.83 9.67 5.09
N ARG C 177 -18.81 10.98 4.95
CA ARG C 177 -17.67 11.76 5.45
C ARG C 177 -17.67 11.89 6.97
N MET C 178 -18.85 11.82 7.58
CA MET C 178 -18.98 12.14 9.01
C MET C 178 -18.12 11.36 10.02
N PRO C 179 -17.90 10.04 9.83
CA PRO C 179 -17.08 9.39 10.86
C PRO C 179 -15.65 9.92 10.96
N GLU C 180 -14.96 10.04 9.83
CA GLU C 180 -13.59 10.54 9.82
C GLU C 180 -13.54 11.98 10.29
N LEU C 181 -14.53 12.77 9.87
CA LEU C 181 -14.61 14.18 10.21
C LEU C 181 -14.78 14.35 11.72
N CYS C 182 -15.64 13.52 12.32
CA CYS C 182 -15.86 13.57 13.76
C CYS C 182 -14.61 13.10 14.51
N ALA C 183 -13.93 12.10 13.97
CA ALA C 183 -12.72 11.59 14.58
C ALA C 183 -11.62 12.66 14.56
N GLU C 184 -11.60 13.45 13.49
CA GLU C 184 -10.59 14.48 13.31
C GLU C 184 -10.73 15.60 14.34
N TYR C 185 -11.97 15.92 14.71
CA TYR C 185 -12.19 17.06 15.58
C TYR C 185 -12.78 16.69 16.94
N ASP C 186 -12.61 15.43 17.34
CA ASP C 186 -13.06 14.94 18.63
C ASP C 186 -14.53 15.25 18.86
N VAL C 187 -15.36 14.91 17.89
CA VAL C 187 -16.78 15.21 17.95
C VAL C 187 -17.63 13.96 18.10
N ASP C 188 -18.62 14.02 18.99
CA ASP C 188 -19.57 12.94 19.19
C ASP C 188 -20.54 12.88 18.01
N PRO C 189 -20.47 11.79 17.23
CA PRO C 189 -21.24 11.65 15.98
C PRO C 189 -22.74 11.80 16.18
N LYS C 190 -23.21 11.50 17.38
CA LYS C 190 -24.64 11.59 17.69
C LYS C 190 -25.14 13.04 17.63
N LEU C 191 -24.23 13.98 17.89
CA LEU C 191 -24.57 15.40 17.93
C LEU C 191 -24.72 16.01 16.53
N VAL C 192 -24.18 15.31 15.54
CA VAL C 192 -24.17 15.81 14.17
C VAL C 192 -25.56 15.67 13.56
N ARG C 193 -25.99 16.73 12.87
CA ARG C 193 -27.29 16.77 12.21
C ARG C 193 -27.16 17.10 10.73
N ILE C 194 -27.57 16.16 9.88
CA ILE C 194 -27.64 16.43 8.45
C ILE C 194 -29.10 16.48 8.03
N ILE C 195 -29.57 17.65 7.61
CA ILE C 195 -30.98 17.86 7.32
C ILE C 195 -31.25 18.24 5.87
N ASN C 196 -32.09 17.46 5.22
CA ASN C 196 -32.54 17.74 3.86
C ASN C 196 -33.94 18.33 3.86
N VAL C 197 -34.07 19.55 3.36
CA VAL C 197 -35.33 20.26 3.40
C VAL C 197 -35.94 20.40 2.00
N GLU C 198 -37.17 19.89 1.85
CA GLU C 198 -37.88 19.92 0.57
C GLU C 198 -39.22 20.64 0.64
N ALA C 199 -39.40 21.58 -0.28
CA ALA C 199 -40.64 22.32 -0.41
C ALA C 199 -41.75 21.43 -0.97
N ALA C 200 -41.36 20.47 -1.80
CA ALA C 200 -42.32 19.57 -2.43
C ALA C 200 -42.84 18.54 -1.44
N PRO C 201 -44.08 18.05 -1.67
CA PRO C 201 -44.70 17.09 -0.76
C PRO C 201 -44.03 15.72 -0.79
N THR C 202 -43.22 15.47 -1.81
CA THR C 202 -42.53 14.19 -1.94
C THR C 202 -41.06 14.37 -2.32
N VAL C 203 -40.20 13.48 -1.81
CA VAL C 203 -38.77 13.49 -2.16
C VAL C 203 -38.56 13.00 -3.59
N LEU C 204 -37.69 13.68 -4.32
CA LEU C 204 -37.35 13.32 -5.70
C LEU C 204 -38.59 13.13 -6.57
N PRO C 205 -39.40 14.18 -6.76
CA PRO C 205 -40.63 14.07 -7.55
C PRO C 205 -40.39 13.68 -9.01
N GLY C 206 -41.26 12.83 -9.55
CA GLY C 206 -41.13 12.37 -10.92
C GLY C 206 -40.17 11.20 -11.10
N PHE C 207 -39.90 10.48 -10.00
CA PHE C 207 -39.03 9.31 -10.05
C PHE C 207 -39.76 8.09 -9.49
N ASP C 208 -39.32 6.89 -9.87
CA ASP C 208 -39.94 5.66 -9.38
C ASP C 208 -39.80 5.53 -7.87
N PRO C 209 -40.94 5.47 -7.17
CA PRO C 209 -41.02 5.43 -5.70
C PRO C 209 -40.21 4.31 -5.05
N ALA C 210 -39.99 3.20 -5.75
CA ALA C 210 -39.21 2.12 -5.17
C ALA C 210 -37.77 2.57 -4.93
N LEU C 211 -37.19 3.24 -5.92
CA LEU C 211 -35.84 3.75 -5.83
C LEU C 211 -35.75 4.83 -4.77
N VAL C 212 -36.77 5.69 -4.73
CA VAL C 212 -36.84 6.78 -3.77
C VAL C 212 -36.85 6.24 -2.36
N ASN C 213 -37.74 5.27 -2.11
CA ASN C 213 -37.86 4.65 -0.80
C ASN C 213 -36.59 3.91 -0.40
N TYR C 214 -35.95 3.25 -1.35
CA TYR C 214 -34.69 2.56 -1.06
C TYR C 214 -33.61 3.57 -0.65
N ALA C 215 -33.49 4.63 -1.43
CA ALA C 215 -32.48 5.67 -1.17
C ALA C 215 -32.70 6.31 0.19
N MET C 216 -33.97 6.63 0.48
CA MET C 216 -34.34 7.22 1.76
C MET C 216 -34.11 6.26 2.91
N ASP C 217 -34.29 4.97 2.65
CA ASP C 217 -34.04 3.95 3.65
C ASP C 217 -32.56 3.90 4.00
N VAL C 218 -31.71 3.88 2.97
CA VAL C 218 -30.26 3.84 3.18
C VAL C 218 -29.74 5.11 3.87
N LEU C 219 -30.14 6.26 3.34
CA LEU C 219 -29.68 7.54 3.86
C LEU C 219 -30.20 7.77 5.27
N GLY C 220 -31.46 7.42 5.50
CA GLY C 220 -32.05 7.50 6.82
C GLY C 220 -31.32 6.56 7.75
N GLY C 221 -30.84 5.46 7.17
CA GLY C 221 -30.04 4.51 7.92
C GLY C 221 -28.73 5.12 8.36
N LYS C 222 -28.22 6.05 7.56
CA LYS C 222 -26.97 6.71 7.90
C LYS C 222 -27.19 7.99 8.72
N GLY C 223 -28.41 8.17 9.21
CA GLY C 223 -28.71 9.26 10.12
C GLY C 223 -29.14 10.56 9.44
N VAL C 224 -29.37 10.52 8.14
CA VAL C 224 -29.82 11.69 7.41
C VAL C 224 -31.30 11.94 7.71
N GLU C 225 -31.61 13.20 8.00
CA GLU C 225 -32.95 13.62 8.36
C GLU C 225 -33.67 14.24 7.17
N PHE C 226 -34.95 13.92 6.99
CA PHE C 226 -35.72 14.47 5.88
C PHE C 226 -36.94 15.28 6.33
N LYS C 227 -37.08 16.50 5.81
CA LYS C 227 -38.29 17.31 6.02
C LYS C 227 -38.98 17.58 4.69
N ILE C 228 -40.17 17.01 4.51
CA ILE C 228 -40.81 17.06 3.20
C ILE C 228 -42.03 17.98 3.27
N GLY C 229 -42.36 18.64 2.17
CA GLY C 229 -43.46 19.59 2.18
C GLY C 229 -43.14 20.79 3.04
N THR C 230 -41.83 21.02 3.24
CA THR C 230 -41.37 22.11 4.09
C THR C 230 -40.56 23.11 3.29
N PRO C 231 -41.15 24.26 2.98
CA PRO C 231 -40.42 25.29 2.24
C PRO C 231 -39.55 26.13 3.16
N ILE C 232 -38.50 26.73 2.62
CA ILE C 232 -37.64 27.61 3.41
C ILE C 232 -38.12 29.05 3.28
N LYS C 233 -38.64 29.60 4.38
CA LYS C 233 -39.16 30.95 4.38
C LYS C 233 -38.03 31.97 4.23
N ARG C 234 -36.95 31.79 4.98
CA ARG C 234 -35.81 32.70 4.85
C ARG C 234 -34.50 32.04 5.28
N CYS C 235 -33.39 32.63 4.86
CA CYS C 235 -32.07 32.11 5.19
C CYS C 235 -31.25 33.18 5.90
N THR C 236 -30.64 32.80 7.02
CA THR C 236 -29.82 33.71 7.80
C THR C 236 -28.46 33.06 8.06
N PRO C 237 -27.47 33.85 8.52
CA PRO C 237 -26.19 33.24 8.89
C PRO C 237 -26.35 32.25 10.04
N GLU C 238 -27.34 32.47 10.90
CA GLU C 238 -27.61 31.61 12.04
C GLU C 238 -28.17 30.26 11.62
N GLY C 239 -28.93 30.26 10.52
CA GLY C 239 -29.57 29.05 10.04
C GLY C 239 -30.68 29.38 9.05
N VAL C 240 -31.71 28.56 9.03
CA VAL C 240 -32.84 28.80 8.14
C VAL C 240 -34.16 28.85 8.91
N VAL C 241 -35.11 29.59 8.36
CA VAL C 241 -36.48 29.63 8.89
C VAL C 241 -37.42 28.99 7.88
N ILE C 242 -38.08 27.93 8.34
CA ILE C 242 -38.97 27.13 7.50
C ILE C 242 -40.40 27.12 8.04
N GLU C 243 -41.36 26.69 7.22
CA GLU C 243 -42.75 26.57 7.69
C GLU C 243 -43.18 25.08 7.70
N VAL C 244 -43.52 24.60 8.89
CA VAL C 244 -43.96 23.21 9.08
C VAL C 244 -45.37 23.18 9.63
N ASP C 245 -46.25 22.46 8.93
CA ASP C 245 -47.67 22.36 9.28
C ASP C 245 -48.28 23.76 9.40
N GLY C 246 -47.88 24.63 8.48
CA GLY C 246 -48.37 26.00 8.43
C GLY C 246 -47.91 26.87 9.58
N GLU C 247 -46.98 26.36 10.39
CA GLU C 247 -46.43 27.15 11.51
C GLU C 247 -44.91 27.23 11.39
N GLU C 248 -44.35 28.41 11.63
CA GLU C 248 -42.91 28.61 11.49
C GLU C 248 -42.07 27.87 12.51
N GLU C 249 -40.96 27.34 12.02
CA GLU C 249 -39.97 26.66 12.84
C GLU C 249 -38.58 27.10 12.40
N GLU C 250 -37.63 27.03 13.33
CA GLU C 250 -36.28 27.54 13.08
C GLU C 250 -35.25 26.42 13.16
N ILE C 251 -34.32 26.41 12.22
CA ILE C 251 -33.20 25.49 12.28
C ILE C 251 -31.90 26.26 12.39
N LYS C 252 -31.18 26.03 13.48
CA LYS C 252 -29.91 26.71 13.73
C LYS C 252 -28.80 25.91 13.09
N ALA C 253 -28.21 26.46 12.03
CA ALA C 253 -27.17 25.75 11.29
C ALA C 253 -26.05 26.69 10.81
N ALA C 254 -24.81 26.33 11.13
CA ALA C 254 -23.65 27.09 10.68
C ALA C 254 -23.46 26.95 9.18
N THR C 255 -23.98 25.87 8.61
CA THR C 255 -23.83 25.59 7.19
C THR C 255 -25.18 25.38 6.49
N VAL C 256 -25.42 26.16 5.44
CA VAL C 256 -26.59 25.97 4.59
C VAL C 256 -26.18 25.85 3.13
N VAL C 257 -26.51 24.71 2.53
CA VAL C 257 -26.18 24.43 1.15
C VAL C 257 -27.45 24.39 0.32
N TRP C 258 -27.47 25.12 -0.79
CA TRP C 258 -28.65 25.23 -1.62
C TRP C 258 -28.55 24.37 -2.88
N THR C 259 -29.40 23.36 -2.96
CA THR C 259 -29.51 22.54 -4.15
C THR C 259 -30.93 22.63 -4.69
N GLY C 260 -31.61 23.71 -4.32
CA GLY C 260 -33.02 23.88 -4.60
C GLY C 260 -33.41 24.00 -6.06
N GLY C 261 -32.67 24.79 -6.82
CA GLY C 261 -33.01 24.98 -8.22
C GLY C 261 -31.93 25.62 -9.07
N VAL C 262 -32.02 25.41 -10.38
CA VAL C 262 -31.08 26.04 -11.31
C VAL C 262 -31.82 26.74 -12.44
N ARG C 263 -31.18 27.77 -12.98
CA ARG C 263 -31.73 28.51 -14.11
C ARG C 263 -30.62 28.71 -15.12
N GLY C 264 -30.99 29.10 -16.34
CA GLY C 264 -30.00 29.39 -17.36
C GLY C 264 -29.15 30.58 -16.97
N ASN C 265 -27.95 30.67 -17.54
CA ASN C 265 -27.01 31.74 -17.25
C ASN C 265 -27.65 33.09 -17.58
N SER C 266 -27.48 34.07 -16.70
CA SER C 266 -28.15 35.37 -16.81
C SER C 266 -27.66 36.20 -18.00
N ILE C 267 -26.48 35.85 -18.50
CA ILE C 267 -25.92 36.51 -19.67
C ILE C 267 -26.83 36.30 -20.88
N VAL C 268 -27.36 35.09 -21.00
CA VAL C 268 -28.23 34.71 -22.10
C VAL C 268 -29.48 35.57 -22.14
N GLU C 269 -30.15 35.71 -21.00
CA GLU C 269 -31.34 36.54 -20.92
C GLU C 269 -30.97 38.01 -21.17
N LYS C 270 -29.84 38.44 -20.59
CA LYS C 270 -29.41 39.83 -20.73
C LYS C 270 -29.03 40.19 -22.16
N SER C 271 -28.77 39.19 -22.99
CA SER C 271 -28.34 39.43 -24.38
C SER C 271 -29.51 39.58 -25.37
N GLY C 272 -30.74 39.58 -24.86
CA GLY C 272 -31.90 39.84 -25.69
C GLY C 272 -32.65 38.63 -26.24
N PHE C 273 -32.19 37.43 -25.88
CA PHE C 273 -32.87 36.21 -26.30
C PHE C 273 -34.22 36.07 -25.61
N GLU C 274 -35.20 35.51 -26.31
CA GLU C 274 -36.49 35.22 -25.68
C GLU C 274 -36.33 33.94 -24.89
N THR C 275 -36.45 34.03 -23.56
CA THR C 275 -36.09 32.92 -22.71
C THR C 275 -37.06 32.71 -21.54
N MET C 276 -37.27 31.44 -21.19
CA MET C 276 -38.07 31.08 -20.03
C MET C 276 -37.20 30.35 -19.02
N ARG C 277 -37.07 30.93 -17.82
CA ARG C 277 -36.21 30.40 -16.77
C ARG C 277 -34.74 30.32 -17.20
N GLY C 278 -34.32 31.26 -18.05
CA GLY C 278 -32.95 31.31 -18.52
C GLY C 278 -32.58 30.31 -19.58
N ARG C 279 -33.56 29.53 -20.03
CA ARG C 279 -33.32 28.48 -20.99
C ARG C 279 -33.92 28.87 -22.35
N ILE C 280 -33.34 28.35 -23.43
CA ILE C 280 -33.80 28.67 -24.77
C ILE C 280 -34.51 27.50 -25.44
N LYS C 281 -35.71 27.74 -25.97
CA LYS C 281 -36.41 26.72 -26.72
C LYS C 281 -35.90 26.68 -28.16
N VAL C 282 -34.97 25.77 -28.43
CA VAL C 282 -34.27 25.71 -29.70
C VAL C 282 -35.03 24.94 -30.78
N ASP C 283 -34.61 25.11 -32.03
CA ASP C 283 -35.17 24.36 -33.16
C ASP C 283 -34.56 22.95 -33.17
N PRO C 284 -35.10 22.05 -34.02
CA PRO C 284 -34.56 20.68 -34.09
C PRO C 284 -33.04 20.57 -34.31
N TYR C 285 -32.40 21.66 -34.74
CA TYR C 285 -30.95 21.66 -34.96
C TYR C 285 -30.17 22.33 -33.83
N LEU C 286 -30.87 22.56 -32.72
CA LEU C 286 -30.27 23.13 -31.50
C LEU C 286 -29.82 24.57 -31.69
N ARG C 287 -30.33 25.23 -32.72
CA ARG C 287 -30.05 26.63 -32.98
C ARG C 287 -31.04 27.54 -32.25
N ALA C 288 -30.66 28.80 -32.07
CA ALA C 288 -31.57 29.80 -31.53
C ALA C 288 -32.64 30.05 -32.59
N PRO C 289 -33.91 30.10 -32.17
CA PRO C 289 -35.05 30.23 -33.10
C PRO C 289 -34.95 31.41 -34.05
N GLY C 290 -34.54 32.57 -33.55
CA GLY C 290 -34.43 33.76 -34.40
C GLY C 290 -33.07 33.92 -35.05
N HIS C 291 -32.11 33.10 -34.62
CA HIS C 291 -30.74 33.22 -35.12
C HIS C 291 -30.21 31.91 -35.70
N GLU C 292 -29.94 31.90 -37.00
CA GLU C 292 -29.48 30.72 -37.70
C GLU C 292 -27.99 30.46 -37.48
N ASN C 293 -27.32 31.42 -36.82
CA ASN C 293 -25.88 31.34 -36.62
C ASN C 293 -25.48 31.12 -35.17
N ILE C 294 -26.46 30.85 -34.32
CA ILE C 294 -26.22 30.65 -32.89
C ILE C 294 -26.69 29.29 -32.40
N PHE C 295 -25.80 28.55 -31.74
CA PHE C 295 -26.12 27.23 -31.19
C PHE C 295 -26.09 27.27 -29.66
N ILE C 296 -27.05 26.60 -29.03
CA ILE C 296 -27.14 26.56 -27.57
C ILE C 296 -27.00 25.11 -27.08
N VAL C 297 -26.16 24.91 -26.07
CA VAL C 297 -25.92 23.56 -25.54
C VAL C 297 -26.02 23.50 -24.03
N GLY C 298 -26.13 22.28 -23.50
CA GLY C 298 -26.18 22.06 -22.07
C GLY C 298 -27.37 22.65 -21.33
N ASP C 299 -27.10 23.21 -20.16
CA ASP C 299 -28.13 23.73 -19.28
C ASP C 299 -28.79 24.99 -19.84
N CYS C 300 -28.13 25.64 -20.77
CA CYS C 300 -28.69 26.83 -21.42
C CYS C 300 -29.82 26.49 -22.37
N ALA C 301 -29.75 25.31 -22.99
CA ALA C 301 -30.76 24.89 -23.95
C ALA C 301 -31.90 24.11 -23.30
N LEU C 302 -33.12 24.39 -23.74
CA LEU C 302 -34.28 23.66 -23.25
C LEU C 302 -34.91 22.82 -24.36
N ILE C 303 -35.04 21.53 -24.12
CA ILE C 303 -35.66 20.64 -25.10
C ILE C 303 -36.90 19.97 -24.52
N ILE C 304 -37.95 19.91 -25.33
CA ILE C 304 -39.21 19.29 -24.93
C ILE C 304 -39.33 17.91 -25.57
N ASN C 305 -39.76 16.94 -24.78
CA ASN C 305 -39.98 15.60 -25.30
C ASN C 305 -41.34 15.58 -26.01
N GLU C 306 -41.31 15.40 -27.32
CA GLU C 306 -42.48 15.49 -28.18
C GLU C 306 -43.55 14.45 -27.82
N GLU C 307 -43.12 13.33 -27.26
CA GLU C 307 -44.03 12.26 -26.87
C GLU C 307 -44.97 12.66 -25.74
N ASN C 308 -44.43 13.27 -24.69
CA ASN C 308 -45.20 13.58 -23.49
C ASN C 308 -45.40 15.06 -23.21
N ASN C 309 -44.85 15.91 -24.06
CA ASN C 309 -44.96 17.36 -23.90
C ASN C 309 -44.37 17.83 -22.57
N ARG C 310 -43.36 17.11 -22.08
CA ARG C 310 -42.67 17.51 -20.86
C ARG C 310 -41.22 17.90 -21.17
N PRO C 311 -40.69 18.92 -20.47
CA PRO C 311 -39.32 19.37 -20.75
C PRO C 311 -38.26 18.34 -20.31
N TYR C 312 -37.13 18.32 -21.01
CA TYR C 312 -35.99 17.51 -20.58
C TYR C 312 -35.23 18.23 -19.47
N PRO C 313 -34.86 17.49 -18.41
CA PRO C 313 -34.12 18.11 -17.32
C PRO C 313 -32.70 18.48 -17.77
N PRO C 314 -32.12 19.52 -17.16
CA PRO C 314 -30.76 19.95 -17.51
C PRO C 314 -29.69 18.97 -17.02
N THR C 315 -29.08 18.23 -17.94
CA THR C 315 -28.13 17.18 -17.56
C THR C 315 -26.86 17.19 -18.42
N ALA C 316 -25.81 16.59 -17.88
CA ALA C 316 -24.54 16.44 -18.60
C ALA C 316 -24.71 15.45 -19.74
N GLN C 317 -25.55 14.46 -19.50
CA GLN C 317 -25.81 13.40 -20.46
C GLN C 317 -26.37 14.00 -21.75
N ILE C 318 -27.36 14.89 -21.61
CA ILE C 318 -27.95 15.55 -22.77
C ILE C 318 -27.02 16.61 -23.35
N ALA C 319 -26.15 17.17 -22.50
CA ALA C 319 -25.21 18.20 -22.92
C ALA C 319 -24.18 17.65 -23.90
N ILE C 320 -23.68 16.46 -23.60
CA ILE C 320 -22.71 15.80 -24.47
C ILE C 320 -23.30 15.58 -25.86
N GLN C 321 -24.53 15.08 -25.90
CA GLN C 321 -25.22 14.84 -27.16
C GLN C 321 -25.45 16.15 -27.91
N HIS C 322 -25.71 17.21 -27.15
CA HIS C 322 -25.84 18.54 -27.74
C HIS C 322 -24.54 18.90 -28.45
N GLY C 323 -23.43 18.61 -27.78
CA GLY C 323 -22.12 18.95 -28.30
C GLY C 323 -21.80 18.21 -29.58
N GLU C 324 -22.03 16.90 -29.58
CA GLU C 324 -21.75 16.10 -30.77
C GLU C 324 -22.62 16.52 -31.95
N ASN C 325 -23.91 16.73 -31.67
CA ASN C 325 -24.82 17.12 -32.73
C ASN C 325 -24.43 18.47 -33.33
N VAL C 326 -24.13 19.44 -32.48
CA VAL C 326 -23.72 20.76 -32.93
C VAL C 326 -22.41 20.69 -33.72
N ALA C 327 -21.49 19.84 -33.28
CA ALA C 327 -20.22 19.66 -33.99
C ALA C 327 -20.42 19.11 -35.40
N ALA C 328 -21.24 18.06 -35.51
CA ALA C 328 -21.54 17.46 -36.81
C ALA C 328 -22.26 18.45 -37.73
N ASN C 329 -23.23 19.17 -37.18
CA ASN C 329 -24.01 20.14 -37.94
C ASN C 329 -23.18 21.33 -38.42
N LEU C 330 -22.29 21.80 -37.55
CA LEU C 330 -21.38 22.88 -37.92
C LEU C 330 -20.45 22.41 -39.02
N ALA C 331 -19.95 21.19 -38.87
CA ALA C 331 -19.07 20.58 -39.86
C ALA C 331 -19.75 20.51 -41.22
N ALA C 332 -21.02 20.15 -41.21
CA ALA C 332 -21.82 20.13 -42.43
C ALA C 332 -22.00 21.55 -42.99
N LEU C 333 -22.25 22.52 -42.10
CA LEU C 333 -22.48 23.91 -42.49
C LEU C 333 -21.27 24.53 -43.19
N ILE C 334 -20.07 24.23 -42.69
CA ILE C 334 -18.85 24.76 -43.30
C ILE C 334 -18.65 24.16 -44.70
N ARG C 335 -19.07 22.91 -44.86
CA ARG C 335 -18.85 22.19 -46.11
C ARG C 335 -20.10 22.13 -46.99
N GLY C 336 -21.14 22.87 -46.62
CA GLY C 336 -22.36 22.93 -47.41
C GLY C 336 -23.38 23.90 -46.85
N GLY C 337 -24.52 23.37 -46.40
CA GLY C 337 -24.76 21.94 -46.43
C GLY C 337 -26.01 21.59 -45.65
N SER C 338 -26.33 20.30 -45.55
CA SER C 338 -27.53 19.89 -44.83
C SER C 338 -27.21 19.40 -43.41
N MET C 339 -27.97 19.91 -42.45
CA MET C 339 -27.82 19.55 -41.05
C MET C 339 -28.71 18.37 -40.67
N THR C 340 -28.32 17.66 -39.61
CA THR C 340 -29.11 16.55 -39.08
C THR C 340 -29.82 16.98 -37.80
N PRO C 341 -31.14 16.79 -37.74
CA PRO C 341 -31.92 17.14 -36.55
C PRO C 341 -31.46 16.37 -35.32
N PHE C 342 -31.53 17.00 -34.15
CA PHE C 342 -31.07 16.34 -32.92
C PHE C 342 -32.14 15.45 -32.32
N LYS C 343 -31.78 14.19 -32.09
CA LYS C 343 -32.67 13.27 -31.38
C LYS C 343 -31.95 12.75 -30.14
N PRO C 344 -32.52 13.02 -28.97
CA PRO C 344 -31.91 12.65 -27.70
C PRO C 344 -32.09 11.18 -27.34
N HIS C 345 -31.00 10.53 -26.94
CA HIS C 345 -31.08 9.16 -26.45
C HIS C 345 -30.73 9.14 -24.98
N ILE C 346 -31.74 9.05 -24.12
CA ILE C 346 -31.51 9.09 -22.70
C ILE C 346 -31.37 7.67 -22.16
N ARG C 347 -30.14 7.31 -21.82
CA ARG C 347 -29.84 5.98 -21.33
C ARG C 347 -29.89 5.96 -19.81
N GLY C 348 -29.48 4.86 -19.21
CA GLY C 348 -29.39 4.73 -17.77
C GLY C 348 -28.82 5.92 -17.00
N THR C 349 -29.18 6.04 -15.72
CA THR C 349 -28.58 7.07 -14.86
C THR C 349 -28.44 6.58 -13.42
N VAL C 350 -27.31 6.88 -12.80
CA VAL C 350 -27.04 6.44 -11.44
C VAL C 350 -26.83 7.61 -10.47
N ALA C 351 -27.42 7.49 -9.29
CA ALA C 351 -27.26 8.47 -8.23
C ALA C 351 -26.52 7.79 -7.09
N SER C 352 -25.41 8.37 -6.69
CA SER C 352 -24.60 7.79 -5.61
C SER C 352 -25.25 8.01 -4.25
N LEU C 353 -25.05 7.05 -3.35
CA LEU C 353 -25.52 7.18 -1.98
C LEU C 353 -24.36 6.88 -1.05
N GLY C 354 -23.32 7.72 -1.11
CA GLY C 354 -22.09 7.41 -0.43
C GLY C 354 -21.18 6.68 -1.38
N ARG C 355 -20.02 6.24 -0.87
CA ARG C 355 -19.03 5.59 -1.71
C ARG C 355 -19.44 4.19 -2.18
N ASN C 356 -20.17 3.45 -1.35
CA ASN C 356 -20.43 2.05 -1.64
C ASN C 356 -21.90 1.69 -1.91
N ASP C 357 -22.72 2.69 -2.17
CA ASP C 357 -24.15 2.45 -2.45
C ASP C 357 -24.66 3.42 -3.50
N ALA C 358 -25.70 3.01 -4.23
CA ALA C 358 -26.28 3.85 -5.28
C ALA C 358 -27.65 3.35 -5.73
N ILE C 359 -28.40 4.22 -6.40
CA ILE C 359 -29.68 3.84 -6.99
C ILE C 359 -29.80 4.38 -8.40
N GLY C 360 -30.38 3.58 -9.30
CA GLY C 360 -30.56 4.04 -10.65
C GLY C 360 -31.25 3.04 -11.55
N ILE C 361 -31.65 3.50 -12.72
CA ILE C 361 -32.15 2.60 -13.75
C ILE C 361 -31.12 2.64 -14.86
N VAL C 362 -30.47 1.51 -15.08
CA VAL C 362 -29.45 1.35 -16.12
C VAL C 362 -29.87 0.28 -17.12
N GLY C 363 -30.06 0.67 -18.38
CA GLY C 363 -30.44 -0.26 -19.41
C GLY C 363 -31.84 -0.82 -19.20
N GLY C 364 -32.67 -0.05 -18.50
CA GLY C 364 -34.03 -0.48 -18.22
C GLY C 364 -34.08 -1.27 -16.92
N ARG C 365 -32.91 -1.74 -16.49
CA ARG C 365 -32.81 -2.59 -15.32
C ARG C 365 -32.52 -1.73 -14.08
N LYS C 366 -33.36 -1.86 -13.07
CA LYS C 366 -33.13 -1.16 -11.81
C LYS C 366 -31.91 -1.77 -11.12
N VAL C 367 -31.09 -0.91 -10.54
CA VAL C 367 -29.84 -1.36 -9.92
C VAL C 367 -29.67 -0.81 -8.51
N TYR C 368 -29.00 -1.57 -7.67
CA TYR C 368 -28.79 -1.20 -6.28
C TYR C 368 -27.36 -1.48 -5.86
N GLY C 369 -26.95 -0.89 -4.73
CA GLY C 369 -25.71 -1.26 -4.08
C GLY C 369 -24.43 -1.14 -4.88
N HIS C 370 -23.51 -2.05 -4.58
CA HIS C 370 -22.18 -2.04 -5.16
C HIS C 370 -22.22 -2.12 -6.68
N ALA C 371 -23.23 -2.81 -7.20
CA ALA C 371 -23.42 -2.93 -8.64
C ALA C 371 -23.67 -1.56 -9.27
N ALA C 372 -24.64 -0.84 -8.73
CA ALA C 372 -24.98 0.50 -9.22
C ALA C 372 -23.79 1.44 -9.06
N SER C 373 -23.04 1.28 -7.97
CA SER C 373 -21.86 2.09 -7.73
C SER C 373 -20.82 1.89 -8.84
N TRP C 374 -20.55 0.62 -9.17
CA TRP C 374 -19.60 0.27 -10.22
C TRP C 374 -20.09 0.83 -11.55
N LEU C 375 -21.41 0.79 -11.72
CA LEU C 375 -22.04 1.30 -12.94
C LEU C 375 -21.75 2.80 -13.11
N LYS C 376 -21.95 3.55 -12.03
CA LYS C 376 -21.71 4.98 -12.05
C LYS C 376 -20.25 5.32 -12.35
N LYS C 377 -19.35 4.62 -11.67
CA LYS C 377 -17.93 4.84 -11.91
C LYS C 377 -17.58 4.57 -13.36
N LEU C 378 -18.18 3.53 -13.93
CA LEU C 378 -17.93 3.21 -15.33
C LEU C 378 -18.44 4.32 -16.27
N ILE C 379 -19.62 4.85 -16.00
CA ILE C 379 -20.14 5.93 -16.86
C ILE C 379 -19.21 7.16 -16.82
N ASP C 380 -18.74 7.49 -15.61
CA ASP C 380 -17.82 8.62 -15.47
C ASP C 380 -16.55 8.36 -16.28
N MET C 381 -16.06 7.12 -16.20
CA MET C 381 -14.87 6.74 -16.96
C MET C 381 -15.11 6.87 -18.46
N ARG C 382 -16.33 6.56 -18.89
CA ARG C 382 -16.69 6.66 -20.30
C ARG C 382 -16.60 8.11 -20.77
N TYR C 383 -17.13 9.03 -19.98
CA TYR C 383 -17.01 10.44 -20.38
C TYR C 383 -15.54 10.86 -20.41
N LEU C 384 -14.77 10.34 -19.44
CA LEU C 384 -13.34 10.64 -19.41
C LEU C 384 -12.65 10.18 -20.69
N TYR C 385 -12.99 8.99 -21.19
CA TYR C 385 -12.41 8.53 -22.44
C TYR C 385 -12.84 9.44 -23.57
N LEU C 386 -14.12 9.82 -23.54
CA LEU C 386 -14.70 10.60 -24.62
C LEU C 386 -13.98 11.92 -24.81
N ILE C 387 -13.57 12.57 -23.72
CA ILE C 387 -12.94 13.88 -23.88
C ILE C 387 -11.41 13.84 -23.85
N GLY C 388 -10.82 12.87 -23.14
CA GLY C 388 -9.38 12.85 -22.94
C GLY C 388 -8.63 11.66 -23.50
N GLY C 389 -9.38 10.64 -23.92
CA GLY C 389 -8.78 9.42 -24.45
C GLY C 389 -8.40 8.47 -23.34
N LEU C 390 -7.65 7.43 -23.71
CA LEU C 390 -7.24 6.41 -22.76
C LEU C 390 -6.29 6.96 -21.70
N SER C 391 -5.46 7.92 -22.11
CA SER C 391 -4.47 8.52 -21.22
C SER C 391 -5.10 9.21 -20.02
N LEU C 392 -6.25 9.84 -20.25
CA LEU C 392 -6.99 10.56 -19.20
C LEU C 392 -7.47 9.66 -18.07
N VAL C 393 -7.80 8.42 -18.42
CA VAL C 393 -8.27 7.44 -17.46
C VAL C 393 -7.22 7.17 -16.38
N LEU C 394 -5.95 7.19 -16.75
CA LEU C 394 -4.87 6.97 -15.80
C LEU C 394 -4.88 8.06 -14.71
N LYS C 395 -5.13 9.30 -15.12
CA LYS C 395 -5.20 10.43 -14.18
C LYS C 395 -6.29 10.27 -13.11
N LYS C 396 -7.38 9.59 -13.47
CA LYS C 396 -8.49 9.38 -12.54
C LYS C 396 -9.19 8.03 -12.76
N GLY C 397 -8.48 6.95 -12.45
CA GLY C 397 -9.02 5.61 -12.61
C GLY C 397 -7.95 4.55 -12.70
N LYS D 3 -4.47 8.48 53.79
CA LYS D 3 -5.30 9.39 54.56
C LYS D 3 -5.41 10.79 53.92
N PRO D 4 -4.27 11.42 53.58
CA PRO D 4 -4.47 12.74 52.96
C PRO D 4 -4.93 12.66 51.50
N SER D 5 -5.65 13.70 51.07
CA SER D 5 -6.17 13.75 49.71
C SER D 5 -5.45 14.85 48.91
N ILE D 6 -4.80 14.44 47.82
CA ILE D 6 -4.09 15.33 46.93
C ILE D 6 -4.87 15.54 45.63
N VAL D 7 -5.09 16.80 45.30
CA VAL D 7 -5.79 17.14 44.06
C VAL D 7 -4.86 17.95 43.16
N ILE D 8 -4.68 17.49 41.93
CA ILE D 8 -3.85 18.19 40.96
C ILE D 8 -4.73 18.78 39.88
N LEU D 9 -4.67 20.09 39.71
CA LEU D 9 -5.48 20.79 38.73
C LEU D 9 -4.66 21.08 37.48
N GLY D 10 -5.02 20.42 36.38
CA GLY D 10 -4.35 20.60 35.11
C GLY D 10 -3.33 19.52 34.82
N ALA D 11 -3.44 18.89 33.66
CA ALA D 11 -2.55 17.82 33.28
C ALA D 11 -1.60 18.28 32.19
N GLY D 12 -0.91 19.39 32.46
CA GLY D 12 0.11 19.90 31.57
C GLY D 12 1.45 19.35 31.98
N TYR D 13 2.51 20.05 31.64
CA TYR D 13 3.85 19.60 31.98
C TYR D 13 4.01 19.44 33.48
N GLY D 14 3.66 20.49 34.22
CA GLY D 14 3.76 20.48 35.67
C GLY D 14 2.86 19.45 36.31
N GLY D 15 1.59 19.42 35.91
CA GLY D 15 0.62 18.52 36.49
C GLY D 15 0.97 17.06 36.24
N ILE D 16 1.31 16.75 34.99
CA ILE D 16 1.64 15.38 34.60
C ILE D 16 2.92 14.92 35.27
N VAL D 17 3.94 15.77 35.29
CA VAL D 17 5.20 15.40 35.93
C VAL D 17 5.03 15.21 37.43
N ALA D 18 4.26 16.08 38.07
CA ALA D 18 3.98 15.95 39.50
C ALA D 18 3.22 14.65 39.78
N ALA D 19 2.21 14.37 38.97
CA ALA D 19 1.40 13.17 39.17
C ALA D 19 2.22 11.89 38.99
N LEU D 20 3.03 11.86 37.94
CA LEU D 20 3.88 10.70 37.66
C LEU D 20 4.93 10.52 38.74
N GLY D 21 5.43 11.65 39.27
CA GLY D 21 6.39 11.62 40.34
C GLY D 21 5.79 11.02 41.60
N LEU D 22 4.58 11.45 41.93
CA LEU D 22 3.87 10.90 43.08
C LEU D 22 3.62 9.42 42.84
N GLN D 23 3.37 9.07 41.59
CA GLN D 23 3.14 7.68 41.20
C GLN D 23 4.37 6.82 41.49
N LYS D 24 5.54 7.35 41.17
CA LYS D 24 6.80 6.63 41.37
C LYS D 24 7.19 6.54 42.85
N ARG D 25 6.99 7.62 43.59
CA ARG D 25 7.47 7.72 44.96
C ARG D 25 6.60 7.03 46.03
N LEU D 26 5.29 7.03 45.83
CA LEU D 26 4.35 6.59 46.87
C LEU D 26 3.79 5.17 46.70
N ASN D 27 3.37 4.59 47.82
CA ASN D 27 2.72 3.28 47.82
C ASN D 27 1.23 3.40 47.50
N TYR D 28 0.56 2.27 47.35
CA TYR D 28 -0.82 2.22 46.85
C TYR D 28 -1.88 2.92 47.72
N ASN D 29 -1.65 3.03 49.03
CA ASN D 29 -2.64 3.65 49.90
C ASN D 29 -2.07 4.71 50.85
N GLU D 30 -0.87 5.20 50.53
CA GLU D 30 -0.26 6.32 51.27
C GLU D 30 -1.04 7.64 51.17
N ALA D 31 -1.66 7.89 50.02
CA ALA D 31 -2.46 9.08 49.78
C ALA D 31 -3.49 8.85 48.68
N ASP D 32 -4.46 9.75 48.56
CA ASP D 32 -5.47 9.67 47.50
C ASP D 32 -5.13 10.68 46.43
N ILE D 33 -4.77 10.25 45.22
CA ILE D 33 -4.34 11.23 44.23
C ILE D 33 -5.33 11.37 43.09
N THR D 34 -5.83 12.58 42.90
CA THR D 34 -6.79 12.86 41.83
C THR D 34 -6.22 13.87 40.85
N LEU D 35 -6.18 13.52 39.57
CA LEU D 35 -5.67 14.40 38.54
C LEU D 35 -6.83 14.92 37.70
N VAL D 36 -6.93 16.24 37.58
CA VAL D 36 -8.05 16.87 36.89
C VAL D 36 -7.59 17.54 35.61
N ASN D 37 -8.29 17.29 34.51
CA ASN D 37 -8.00 17.97 33.26
C ASN D 37 -9.26 18.23 32.45
N LYS D 38 -9.29 19.29 31.65
CA LYS D 38 -10.50 19.61 30.88
C LYS D 38 -10.62 18.70 29.67
N ASN D 39 -9.52 18.05 29.31
CA ASN D 39 -9.50 17.08 28.22
C ASN D 39 -9.02 15.74 28.73
N ASP D 40 -9.35 14.68 28.00
CA ASP D 40 -8.88 13.35 28.39
C ASP D 40 -7.51 13.06 27.81
N TYR D 41 -6.90 14.09 27.23
CA TYR D 41 -5.56 13.97 26.64
C TYR D 41 -4.62 15.07 27.13
N HIS D 42 -3.33 14.78 27.06
CA HIS D 42 -2.27 15.72 27.40
C HIS D 42 -1.53 16.10 26.13
N TYR D 43 -1.45 17.39 25.85
CA TYR D 43 -0.86 17.82 24.59
C TYR D 43 0.53 18.46 24.74
N ILE D 44 1.36 18.25 23.74
CA ILE D 44 2.70 18.81 23.70
C ILE D 44 2.63 20.26 23.24
N THR D 45 2.54 21.17 24.19
CA THR D 45 2.35 22.58 23.88
C THR D 45 3.50 23.12 23.03
N THR D 46 4.69 22.62 23.31
CA THR D 46 5.91 23.11 22.66
C THR D 46 5.96 22.80 21.18
N GLU D 47 5.01 22.01 20.70
CA GLU D 47 4.97 21.67 19.28
C GLU D 47 3.68 22.15 18.62
N LEU D 48 2.86 22.86 19.39
CA LEU D 48 1.53 23.27 18.91
C LEU D 48 1.61 24.21 17.71
N HIS D 49 2.79 24.76 17.48
CA HIS D 49 3.00 25.65 16.34
C HIS D 49 2.89 24.90 15.01
N GLN D 50 3.24 23.62 15.01
CA GLN D 50 3.20 22.84 13.77
C GLN D 50 1.76 22.55 13.28
N PRO D 51 0.87 22.03 14.16
CA PRO D 51 -0.49 21.84 13.64
C PRO D 51 -1.18 23.15 13.28
N ALA D 52 -0.85 24.22 13.99
CA ALA D 52 -1.46 25.52 13.73
C ALA D 52 -1.19 25.94 12.31
N ALA D 53 0.01 25.63 11.82
CA ALA D 53 0.37 25.88 10.43
C ALA D 53 -0.15 24.78 9.52
N GLY D 54 -0.24 23.57 10.06
CA GLY D 54 -0.70 22.43 9.28
C GLY D 54 0.44 21.56 8.78
N THR D 55 1.64 21.80 9.28
CA THR D 55 2.80 21.02 8.87
C THR D 55 2.84 19.65 9.56
N MET D 56 2.11 19.53 10.65
CA MET D 56 2.03 18.29 11.41
C MET D 56 0.60 18.02 11.86
N HIS D 57 0.23 16.75 11.92
CA HIS D 57 -1.09 16.39 12.39
C HIS D 57 -1.18 16.60 13.90
N HIS D 58 -2.34 17.06 14.37
CA HIS D 58 -2.50 17.42 15.78
C HIS D 58 -2.43 16.21 16.69
N ASP D 59 -2.75 15.03 16.16
CA ASP D 59 -2.73 13.81 16.95
C ASP D 59 -1.32 13.44 17.39
N GLN D 60 -0.32 13.92 16.64
CA GLN D 60 1.07 13.70 17.00
C GLN D 60 1.55 14.67 18.07
N ALA D 61 0.68 15.57 18.49
CA ALA D 61 1.03 16.57 19.48
C ALA D 61 0.33 16.31 20.82
N ARG D 62 -0.38 15.17 20.91
CA ARG D 62 -1.11 14.83 22.12
C ARG D 62 -1.09 13.34 22.40
N VAL D 63 -1.39 12.96 23.65
CA VAL D 63 -1.41 11.57 24.07
C VAL D 63 -2.52 11.35 25.11
N GLY D 64 -3.07 10.14 25.17
CA GLY D 64 -4.12 9.85 26.12
C GLY D 64 -3.57 9.79 27.54
N ILE D 65 -4.24 10.48 28.46
CA ILE D 65 -3.79 10.56 29.85
C ILE D 65 -3.90 9.22 30.57
N LYS D 66 -4.98 8.50 30.32
CA LYS D 66 -5.22 7.20 30.96
C LYS D 66 -4.12 6.19 30.65
N GLU D 67 -3.50 6.34 29.48
CA GLU D 67 -2.42 5.46 29.06
C GLU D 67 -1.17 5.65 29.92
N LEU D 68 -0.86 6.90 30.22
CA LEU D 68 0.38 7.26 30.92
C LEU D 68 0.39 6.90 32.40
N ILE D 69 -0.73 7.11 33.08
CA ILE D 69 -0.80 6.95 34.52
C ILE D 69 -1.23 5.56 34.94
N ASP D 70 -1.25 5.35 36.26
CA ASP D 70 -1.76 4.12 36.85
C ASP D 70 -3.11 4.42 37.46
N GLU D 71 -4.15 3.80 36.92
CA GLU D 71 -5.52 4.06 37.35
C GLU D 71 -5.75 3.65 38.80
N LYS D 72 -4.97 2.69 39.28
CA LYS D 72 -5.04 2.27 40.68
C LYS D 72 -4.49 3.36 41.59
N LYS D 73 -3.28 3.83 41.28
CA LYS D 73 -2.62 4.86 42.08
C LYS D 73 -3.28 6.23 41.91
N ILE D 74 -3.60 6.60 40.67
CA ILE D 74 -4.17 7.92 40.38
C ILE D 74 -5.56 7.86 39.75
N LYS D 75 -6.48 8.64 40.30
CA LYS D 75 -7.82 8.71 39.77
C LYS D 75 -7.95 9.95 38.90
N PHE D 76 -8.33 9.74 37.64
CA PHE D 76 -8.40 10.84 36.68
C PHE D 76 -9.81 11.36 36.48
N VAL D 77 -9.97 12.68 36.58
CA VAL D 77 -11.25 13.34 36.37
C VAL D 77 -11.21 14.33 35.21
N LYS D 78 -12.16 14.18 34.29
CA LYS D 78 -12.28 15.07 33.16
C LYS D 78 -13.37 16.10 33.43
N ASP D 79 -12.96 17.32 33.77
CA ASP D 79 -13.89 18.40 34.02
C ASP D 79 -13.13 19.71 33.87
N THR D 80 -13.86 20.81 33.91
CA THR D 80 -13.28 22.14 33.78
C THR D 80 -13.33 22.83 35.14
N VAL D 81 -12.16 23.23 35.63
CA VAL D 81 -12.09 23.98 36.89
C VAL D 81 -12.70 25.37 36.71
N VAL D 82 -13.53 25.78 37.66
CA VAL D 82 -14.14 27.11 37.58
C VAL D 82 -13.53 28.05 38.62
N ALA D 83 -13.40 27.57 39.85
CA ALA D 83 -12.85 28.40 40.93
C ALA D 83 -12.28 27.58 42.06
N ILE D 84 -11.49 28.23 42.91
CA ILE D 84 -10.94 27.60 44.11
C ILE D 84 -11.31 28.40 45.36
N ASP D 85 -11.89 27.70 46.34
CA ASP D 85 -12.22 28.28 47.63
C ASP D 85 -11.20 27.80 48.65
N ARG D 86 -10.28 28.68 48.99
CA ARG D 86 -9.18 28.37 49.89
C ARG D 86 -9.66 28.03 51.30
N GLU D 87 -10.64 28.78 51.80
CA GLU D 87 -11.12 28.58 53.16
C GLU D 87 -11.80 27.22 53.29
N GLN D 88 -12.69 26.90 52.35
CA GLN D 88 -13.38 25.62 52.34
C GLN D 88 -12.48 24.49 51.83
N GLN D 89 -11.35 24.87 51.24
CA GLN D 89 -10.44 23.93 50.61
C GLN D 89 -11.19 23.11 49.58
N LYS D 90 -11.98 23.80 48.76
CA LYS D 90 -12.83 23.12 47.79
C LYS D 90 -12.64 23.70 46.39
N VAL D 91 -12.68 22.84 45.38
CA VAL D 91 -12.53 23.22 44.00
C VAL D 91 -13.83 23.04 43.23
N THR D 92 -14.34 24.13 42.67
CA THR D 92 -15.57 24.09 41.90
C THR D 92 -15.28 23.75 40.44
N LEU D 93 -16.15 22.95 39.85
CA LEU D 93 -15.96 22.46 38.48
C LEU D 93 -17.23 22.68 37.68
N GLN D 94 -17.16 22.51 36.36
CA GLN D 94 -18.35 22.68 35.54
C GLN D 94 -19.40 21.64 35.88
N ASN D 95 -18.96 20.44 36.23
CA ASN D 95 -19.87 19.36 36.55
C ASN D 95 -19.55 18.71 37.88
N GLY D 96 -19.55 19.48 38.95
CA GLY D 96 -19.28 18.94 40.27
C GLY D 96 -18.27 19.73 41.08
N GLU D 97 -17.80 19.13 42.17
CA GLU D 97 -16.83 19.79 43.04
C GLU D 97 -15.94 18.77 43.76
N LEU D 98 -14.76 19.22 44.19
CA LEU D 98 -13.81 18.33 44.84
C LEU D 98 -13.21 18.97 46.09
N HIS D 99 -12.72 18.14 47.00
CA HIS D 99 -12.09 18.64 48.22
C HIS D 99 -10.65 18.15 48.33
N TYR D 100 -9.78 19.00 48.84
CA TYR D 100 -8.36 18.68 48.90
C TYR D 100 -7.75 18.91 50.28
N ASP D 101 -6.89 17.99 50.69
CA ASP D 101 -5.97 18.24 51.79
C ASP D 101 -4.75 18.98 51.26
N TYR D 102 -4.31 18.56 50.07
CA TYR D 102 -3.22 19.24 49.36
C TYR D 102 -3.68 19.56 47.94
N LEU D 103 -3.24 20.70 47.43
CA LEU D 103 -3.63 21.14 46.10
C LEU D 103 -2.41 21.53 45.27
N VAL D 104 -2.32 21.01 44.06
CA VAL D 104 -1.28 21.39 43.11
C VAL D 104 -1.91 22.09 41.92
N VAL D 105 -1.54 23.35 41.69
CA VAL D 105 -2.17 24.14 40.65
C VAL D 105 -1.27 24.26 39.42
N GLY D 106 -1.70 23.68 38.31
CA GLY D 106 -1.00 23.78 37.05
C GLY D 106 -1.94 23.96 35.89
N LEU D 107 -2.71 25.05 35.91
CA LEU D 107 -3.71 25.33 34.90
C LEU D 107 -3.15 26.04 33.67
N GLY D 108 -1.84 26.24 33.66
CA GLY D 108 -1.20 26.85 32.51
C GLY D 108 -1.47 28.32 32.33
N SER D 109 -1.37 28.78 31.08
CA SER D 109 -1.47 30.19 30.76
C SER D 109 -2.73 30.56 29.99
N GLU D 110 -3.06 31.84 30.04
CA GLU D 110 -4.06 32.44 29.19
C GLU D 110 -3.39 33.55 28.39
N PRO D 111 -3.98 33.96 27.26
CA PRO D 111 -3.38 35.04 26.48
C PRO D 111 -3.37 36.35 27.27
N GLU D 112 -2.35 37.16 27.06
CA GLU D 112 -2.31 38.49 27.65
C GLU D 112 -2.44 39.53 26.55
N THR D 113 -3.55 40.25 26.55
CA THR D 113 -3.83 41.18 25.46
C THR D 113 -3.50 42.62 25.79
N PHE D 114 -3.08 42.90 27.01
CA PHE D 114 -2.61 44.23 27.42
C PHE D 114 -3.67 45.31 27.23
N GLY D 115 -4.94 44.91 27.19
CA GLY D 115 -6.04 45.85 27.05
C GLY D 115 -6.26 46.35 25.63
N ILE D 116 -5.53 45.79 24.68
CA ILE D 116 -5.69 46.17 23.28
C ILE D 116 -7.09 45.80 22.78
N GLU D 117 -7.72 46.74 22.09
CA GLU D 117 -9.13 46.62 21.73
C GLU D 117 -9.36 45.57 20.66
N GLY D 118 -10.25 44.62 20.94
CA GLY D 118 -10.65 43.63 19.95
C GLY D 118 -9.72 42.45 19.76
N LEU D 119 -8.60 42.47 20.49
CA LEU D 119 -7.59 41.43 20.40
C LEU D 119 -8.13 40.09 20.87
N ARG D 120 -8.90 40.14 21.96
CA ARG D 120 -9.52 38.94 22.50
C ARG D 120 -10.56 38.39 21.52
N GLU D 121 -11.38 39.28 20.97
CA GLU D 121 -12.49 38.89 20.12
C GLU D 121 -12.11 38.37 18.74
N HIS D 122 -11.14 39.00 18.09
CA HIS D 122 -10.88 38.71 16.69
C HIS D 122 -9.52 38.11 16.36
N ALA D 123 -8.74 37.74 17.38
CA ALA D 123 -7.44 37.12 17.12
C ALA D 123 -7.34 35.73 17.74
N PHE D 124 -6.50 34.89 17.16
CA PHE D 124 -6.37 33.50 17.57
C PHE D 124 -5.12 33.30 18.43
N SER D 125 -5.14 32.25 19.25
CA SER D 125 -4.02 31.94 20.11
C SER D 125 -3.54 30.51 19.92
N ILE D 126 -2.26 30.26 20.14
CA ILE D 126 -1.70 28.92 20.02
C ILE D 126 -1.48 28.29 21.40
N ASN D 127 -2.55 27.78 22.00
CA ASN D 127 -2.46 27.27 23.37
C ASN D 127 -3.12 25.92 23.63
N SER D 128 -3.76 25.33 22.62
CA SER D 128 -4.35 24.00 22.79
C SER D 128 -4.53 23.29 21.45
N ILE D 129 -4.93 22.03 21.49
CA ILE D 129 -5.20 21.28 20.28
C ILE D 129 -6.40 21.88 19.55
N ASN D 130 -7.44 22.21 20.32
CA ASN D 130 -8.62 22.82 19.74
C ASN D 130 -8.25 24.13 19.07
N SER D 131 -7.42 24.91 19.76
CA SER D 131 -7.04 26.23 19.30
C SER D 131 -6.29 26.19 17.97
N VAL D 132 -5.32 25.28 17.86
CA VAL D 132 -4.53 25.16 16.64
C VAL D 132 -5.32 24.56 15.48
N ARG D 133 -6.26 23.66 15.79
CA ARG D 133 -7.13 23.13 14.75
C ARG D 133 -7.99 24.27 14.19
N ILE D 134 -8.48 25.12 15.09
CA ILE D 134 -9.27 26.27 14.69
C ILE D 134 -8.45 27.21 13.81
N ILE D 135 -7.21 27.48 14.23
CA ILE D 135 -6.33 28.36 13.47
C ILE D 135 -6.11 27.83 12.06
N ARG D 136 -5.74 26.56 11.99
CA ARG D 136 -5.43 25.89 10.74
C ARG D 136 -6.62 25.93 9.77
N GLN D 137 -7.78 25.52 10.25
CA GLN D 137 -8.96 25.46 9.40
C GLN D 137 -9.43 26.85 9.00
N HIS D 138 -9.18 27.82 9.86
CA HIS D 138 -9.51 29.22 9.57
C HIS D 138 -8.70 29.71 8.38
N ILE D 139 -7.39 29.50 8.46
CA ILE D 139 -6.51 29.92 7.38
C ILE D 139 -6.88 29.23 6.08
N GLU D 140 -7.13 27.92 6.15
CA GLU D 140 -7.50 27.18 4.96
C GLU D 140 -8.80 27.72 4.36
N TYR D 141 -9.74 28.11 5.21
CA TYR D 141 -11.00 28.65 4.74
C TYR D 141 -10.77 29.96 3.98
N GLN D 142 -9.90 30.82 4.50
CA GLN D 142 -9.63 32.08 3.81
C GLN D 142 -9.00 31.82 2.44
N PHE D 143 -8.04 30.91 2.42
CA PHE D 143 -7.38 30.57 1.15
C PHE D 143 -8.37 29.95 0.15
N ALA D 144 -9.34 29.20 0.66
CA ALA D 144 -10.39 28.64 -0.18
C ALA D 144 -11.27 29.74 -0.75
N LYS D 145 -11.55 30.76 0.06
CA LYS D 145 -12.38 31.89 -0.39
C LYS D 145 -11.68 32.78 -1.40
N PHE D 146 -10.36 32.78 -1.41
CA PHE D 146 -9.65 33.68 -2.31
C PHE D 146 -9.94 33.47 -3.80
N ALA D 147 -10.00 32.22 -4.25
CA ALA D 147 -10.14 31.94 -5.68
C ALA D 147 -11.41 32.57 -6.25
N ALA D 148 -12.49 32.56 -5.47
CA ALA D 148 -13.76 33.14 -5.90
C ALA D 148 -13.69 34.67 -5.97
N GLU D 149 -12.90 35.25 -5.09
CA GLU D 149 -12.76 36.71 -5.01
C GLU D 149 -11.29 37.12 -5.04
N PRO D 150 -10.67 37.09 -6.24
CA PRO D 150 -9.23 37.28 -6.36
C PRO D 150 -8.80 38.72 -6.05
N GLU D 151 -9.77 39.61 -5.92
CA GLU D 151 -9.48 41.00 -5.57
C GLU D 151 -9.18 41.10 -4.07
N ARG D 152 -9.67 40.14 -3.31
CA ARG D 152 -9.47 40.10 -1.86
C ARG D 152 -8.13 39.48 -1.49
N THR D 153 -7.08 40.29 -1.49
CA THR D 153 -5.75 39.80 -1.16
C THR D 153 -5.56 39.71 0.36
N ASP D 154 -6.50 40.30 1.11
CA ASP D 154 -6.46 40.26 2.57
C ASP D 154 -6.68 38.84 3.09
N TYR D 155 -7.28 38.00 2.24
CA TYR D 155 -7.46 36.59 2.53
C TYR D 155 -6.10 35.90 2.62
N LEU D 156 -5.13 36.43 1.88
CA LEU D 156 -3.81 35.83 1.79
C LEU D 156 -2.83 36.49 2.75
N THR D 157 -3.35 37.33 3.63
CA THR D 157 -2.53 38.04 4.60
C THR D 157 -2.75 37.53 6.03
N ILE D 158 -1.65 37.13 6.67
CA ILE D 158 -1.70 36.66 8.05
C ILE D 158 -0.80 37.52 8.93
N VAL D 159 -1.36 38.09 9.98
CA VAL D 159 -0.60 38.94 10.86
C VAL D 159 -0.31 38.23 12.18
N VAL D 160 0.97 38.07 12.50
CA VAL D 160 1.37 37.43 13.75
C VAL D 160 1.94 38.46 14.72
N GLY D 161 1.24 38.69 15.81
CA GLY D 161 1.64 39.72 16.76
C GLY D 161 2.61 39.21 17.80
N GLY D 162 3.80 39.82 17.82
CA GLY D 162 4.83 39.43 18.76
C GLY D 162 5.84 38.51 18.12
N ALA D 163 7.09 38.94 18.10
CA ALA D 163 8.16 38.15 17.51
C ALA D 163 8.96 37.50 18.62
N GLY D 164 8.27 36.78 19.48
CA GLY D 164 8.90 36.04 20.56
C GLY D 164 9.23 34.66 20.05
N PHE D 165 9.43 33.72 20.98
CA PHE D 165 9.80 32.35 20.65
C PHE D 165 8.73 31.69 19.78
N THR D 166 7.51 31.68 20.32
CA THR D 166 6.38 31.03 19.68
C THR D 166 6.02 31.68 18.35
N GLY D 167 6.01 33.01 18.31
CA GLY D 167 5.66 33.72 17.10
C GLY D 167 6.63 33.44 15.97
N ILE D 168 7.92 33.45 16.28
CA ILE D 168 8.96 33.18 15.29
C ILE D 168 8.86 31.76 14.77
N GLU D 169 8.68 30.81 15.69
CA GLU D 169 8.56 29.40 15.28
C GLU D 169 7.34 29.25 14.37
N PHE D 170 6.26 29.94 14.72
CA PHE D 170 5.02 29.85 13.98
C PHE D 170 5.17 30.41 12.56
N VAL D 171 5.73 31.61 12.43
CA VAL D 171 5.85 32.18 11.08
C VAL D 171 6.80 31.32 10.25
N GLY D 172 7.73 30.65 10.89
CA GLY D 172 8.59 29.75 10.16
C GLY D 172 7.76 28.61 9.59
N GLU D 173 6.89 28.05 10.43
CA GLU D 173 6.03 26.96 9.99
C GLU D 173 5.05 27.37 8.87
N LEU D 174 4.46 28.55 9.00
CA LEU D 174 3.56 29.06 7.98
C LEU D 174 4.29 29.22 6.66
N ALA D 175 5.50 29.78 6.73
CA ALA D 175 6.29 30.00 5.54
C ALA D 175 6.56 28.67 4.86
N ASP D 176 6.87 27.65 5.65
CA ASP D 176 7.09 26.32 5.08
C ASP D 176 5.82 25.74 4.47
N ARG D 177 4.68 26.05 5.09
CA ARG D 177 3.40 25.49 4.67
C ARG D 177 2.86 26.12 3.38
N MET D 178 3.29 27.35 3.09
CA MET D 178 2.70 28.13 1.99
C MET D 178 2.72 27.52 0.58
N PRO D 179 3.80 26.81 0.19
CA PRO D 179 3.74 26.29 -1.19
C PRO D 179 2.61 25.29 -1.45
N GLU D 180 2.46 24.29 -0.58
CA GLU D 180 1.42 23.28 -0.75
C GLU D 180 0.04 23.92 -0.63
N LEU D 181 -0.08 24.88 0.28
CA LEU D 181 -1.33 25.59 0.52
C LEU D 181 -1.75 26.39 -0.71
N CYS D 182 -0.80 27.04 -1.36
CA CYS D 182 -1.08 27.80 -2.57
C CYS D 182 -1.45 26.88 -3.72
N ALA D 183 -0.77 25.74 -3.80
CA ALA D 183 -1.04 24.76 -4.84
C ALA D 183 -2.45 24.21 -4.71
N GLU D 184 -2.88 24.02 -3.47
CA GLU D 184 -4.20 23.47 -3.20
C GLU D 184 -5.34 24.40 -3.65
N TYR D 185 -5.15 25.70 -3.52
CA TYR D 185 -6.25 26.64 -3.77
C TYR D 185 -6.05 27.61 -4.93
N ASP D 186 -5.18 27.24 -5.87
CA ASP D 186 -4.92 28.05 -7.07
C ASP D 186 -4.55 29.47 -6.74
N VAL D 187 -3.57 29.63 -5.86
CA VAL D 187 -3.13 30.95 -5.42
C VAL D 187 -1.72 31.27 -5.91
N ASP D 188 -1.52 32.49 -6.38
CA ASP D 188 -0.20 32.98 -6.77
C ASP D 188 0.61 33.22 -5.49
N PRO D 189 1.68 32.44 -5.28
CA PRO D 189 2.45 32.49 -4.03
C PRO D 189 3.00 33.88 -3.70
N LYS D 190 3.23 34.69 -4.73
CA LYS D 190 3.75 36.03 -4.56
C LYS D 190 2.76 36.93 -3.81
N LEU D 191 1.48 36.62 -3.95
CA LEU D 191 0.41 37.42 -3.36
C LEU D 191 0.29 37.23 -1.86
N VAL D 192 0.91 36.17 -1.35
CA VAL D 192 0.82 35.84 0.07
C VAL D 192 1.67 36.77 0.92
N ARG D 193 1.09 37.23 2.03
CA ARG D 193 1.78 38.11 2.95
C ARG D 193 1.80 37.53 4.37
N ILE D 194 2.98 37.22 4.88
CA ILE D 194 3.15 36.83 6.27
C ILE D 194 3.85 37.94 7.04
N ILE D 195 3.14 38.57 7.97
CA ILE D 195 3.68 39.74 8.66
C ILE D 195 3.84 39.50 10.15
N ASN D 196 5.05 39.70 10.65
CA ASN D 196 5.31 39.61 12.08
C ASN D 196 5.47 41.02 12.67
N VAL D 197 4.59 41.38 13.60
CA VAL D 197 4.59 42.72 14.17
C VAL D 197 5.01 42.71 15.64
N GLU D 198 6.03 43.50 15.96
CA GLU D 198 6.56 43.56 17.32
C GLU D 198 6.51 44.96 17.90
N ALA D 199 5.95 45.08 19.10
CA ALA D 199 5.92 46.34 19.81
C ALA D 199 7.32 46.73 20.28
N ALA D 200 8.14 45.73 20.57
CA ALA D 200 9.50 45.97 21.05
C ALA D 200 10.35 46.42 19.86
N PRO D 201 11.41 47.20 20.15
CA PRO D 201 12.27 47.75 19.07
C PRO D 201 13.10 46.67 18.36
N THR D 202 13.19 45.49 18.93
CA THR D 202 13.98 44.42 18.32
C THR D 202 13.24 43.08 18.31
N VAL D 203 13.50 42.28 17.27
CA VAL D 203 12.95 40.94 17.17
C VAL D 203 13.62 40.05 18.21
N LEU D 204 12.83 39.18 18.85
CA LEU D 204 13.33 38.27 19.88
C LEU D 204 14.10 39.00 20.98
N PRO D 205 13.42 39.92 21.70
CA PRO D 205 14.12 40.68 22.75
C PRO D 205 14.62 39.76 23.86
N GLY D 206 15.81 40.04 24.39
CA GLY D 206 16.39 39.21 25.43
C GLY D 206 17.09 37.98 24.88
N PHE D 207 17.47 38.04 23.61
CA PHE D 207 18.20 36.94 22.97
C PHE D 207 19.53 37.41 22.37
N ASP D 208 20.45 36.47 22.17
CA ASP D 208 21.75 36.78 21.57
C ASP D 208 21.56 37.32 20.15
N PRO D 209 22.02 38.56 19.90
CA PRO D 209 21.80 39.30 18.65
C PRO D 209 22.21 38.55 17.38
N ALA D 210 23.22 37.68 17.49
CA ALA D 210 23.66 36.88 16.35
C ALA D 210 22.55 35.94 15.90
N LEU D 211 21.92 35.32 16.89
CA LEU D 211 20.83 34.39 16.66
C LEU D 211 19.65 35.10 16.02
N VAL D 212 19.37 36.30 16.50
CA VAL D 212 18.29 37.13 15.99
C VAL D 212 18.55 37.52 14.53
N ASN D 213 19.75 37.97 14.22
CA ASN D 213 20.09 38.35 12.86
C ASN D 213 20.00 37.16 11.90
N TYR D 214 20.47 36.00 12.35
CA TYR D 214 20.39 34.80 11.54
C TYR D 214 18.94 34.44 11.27
N ALA D 215 18.13 34.45 12.32
CA ALA D 215 16.72 34.11 12.24
C ALA D 215 15.96 35.05 11.29
N MET D 216 16.23 36.34 11.42
CA MET D 216 15.61 37.33 10.55
C MET D 216 16.03 37.12 9.10
N ASP D 217 17.29 36.72 8.89
CA ASP D 217 17.76 36.45 7.54
C ASP D 217 17.03 35.26 6.93
N VAL D 218 16.93 34.18 7.69
CA VAL D 218 16.26 32.97 7.20
C VAL D 218 14.78 33.23 6.92
N LEU D 219 14.09 33.84 7.88
CA LEU D 219 12.66 34.11 7.75
C LEU D 219 12.38 35.12 6.63
N GLY D 220 13.22 36.14 6.53
CA GLY D 220 13.11 37.12 5.47
C GLY D 220 13.33 36.45 4.12
N GLY D 221 14.16 35.41 4.12
CA GLY D 221 14.40 34.64 2.91
C GLY D 221 13.19 33.88 2.45
N LYS D 222 12.36 33.45 3.40
CA LYS D 222 11.14 32.70 3.09
C LYS D 222 9.94 33.62 2.91
N GLY D 223 10.20 34.90 2.80
CA GLY D 223 9.16 35.88 2.49
C GLY D 223 8.44 36.48 3.69
N VAL D 224 8.91 36.16 4.90
CA VAL D 224 8.31 36.74 6.11
C VAL D 224 8.76 38.20 6.27
N GLU D 225 7.79 39.08 6.47
CA GLU D 225 8.04 40.50 6.62
C GLU D 225 8.01 40.88 8.10
N PHE D 226 8.91 41.77 8.51
CA PHE D 226 8.96 42.20 9.91
C PHE D 226 8.67 43.68 10.09
N LYS D 227 7.73 43.98 10.98
CA LYS D 227 7.50 45.36 11.39
C LYS D 227 7.84 45.48 12.87
N ILE D 228 8.92 46.18 13.17
CA ILE D 228 9.46 46.20 14.52
C ILE D 228 9.27 47.56 15.17
N GLY D 229 9.14 47.56 16.49
CA GLY D 229 8.89 48.79 17.23
C GLY D 229 7.50 49.30 16.90
N THR D 230 6.64 48.39 16.43
CA THR D 230 5.30 48.75 16.01
C THR D 230 4.25 48.04 16.87
N PRO D 231 3.60 48.79 17.77
CA PRO D 231 2.56 48.20 18.60
C PRO D 231 1.23 48.11 17.86
N ILE D 232 0.37 47.20 18.29
CA ILE D 232 -0.95 47.06 17.71
C ILE D 232 -1.95 47.90 18.51
N LYS D 233 -2.44 48.96 17.88
CA LYS D 233 -3.40 49.85 18.52
C LYS D 233 -4.76 49.19 18.71
N ARG D 234 -5.26 48.52 17.68
CA ARG D 234 -6.56 47.86 17.81
C ARG D 234 -6.71 46.69 16.85
N CYS D 235 -7.64 45.79 17.17
CA CYS D 235 -7.89 44.63 16.32
C CYS D 235 -9.35 44.54 15.90
N THR D 236 -9.57 44.32 14.61
CA THR D 236 -10.91 44.19 14.05
C THR D 236 -10.97 42.91 13.21
N PRO D 237 -12.17 42.45 12.86
CA PRO D 237 -12.28 41.29 11.97
C PRO D 237 -11.66 41.56 10.60
N GLU D 238 -11.66 42.83 10.18
CA GLU D 238 -11.09 43.23 8.90
C GLU D 238 -9.56 43.15 8.92
N GLY D 239 -8.97 43.36 10.08
CA GLY D 239 -7.52 43.37 10.21
C GLY D 239 -7.05 44.01 11.51
N VAL D 240 -5.88 44.64 11.46
CA VAL D 240 -5.34 45.34 12.63
C VAL D 240 -4.98 46.78 12.32
N VAL D 241 -5.01 47.60 13.37
CA VAL D 241 -4.54 48.98 13.32
C VAL D 241 -3.31 49.11 14.20
N ILE D 242 -2.19 49.52 13.58
CA ILE D 242 -0.90 49.60 14.26
C ILE D 242 -0.40 51.05 14.34
N GLU D 243 0.61 51.29 15.17
CA GLU D 243 1.17 52.63 15.31
C GLU D 243 2.59 52.73 14.76
N VAL D 244 2.78 53.55 13.72
CA VAL D 244 4.10 53.80 13.18
C VAL D 244 4.42 55.29 13.20
N ASP D 245 5.52 55.65 13.88
CA ASP D 245 5.93 57.04 14.02
C ASP D 245 4.82 57.93 14.57
N GLY D 246 4.11 57.43 15.58
CA GLY D 246 3.03 58.18 16.20
C GLY D 246 1.84 58.39 15.30
N GLU D 247 1.82 57.69 14.17
CA GLU D 247 0.70 57.81 13.24
C GLU D 247 0.06 56.44 13.00
N GLU D 248 -1.27 56.43 12.96
CA GLU D 248 -2.02 55.19 12.76
C GLU D 248 -1.86 54.63 11.34
N GLU D 249 -1.71 53.33 11.24
CA GLU D 249 -1.61 52.65 9.95
C GLU D 249 -2.49 51.41 9.99
N GLU D 250 -2.98 50.97 8.83
CA GLU D 250 -3.91 49.87 8.76
C GLU D 250 -3.34 48.69 7.98
N ILE D 251 -3.52 47.50 8.54
CA ILE D 251 -3.18 46.28 7.81
C ILE D 251 -4.44 45.44 7.68
N LYS D 252 -4.83 45.15 6.44
CA LYS D 252 -6.01 44.35 6.17
C LYS D 252 -5.64 42.88 6.12
N ALA D 253 -6.10 42.12 7.11
CA ALA D 253 -5.77 40.69 7.21
C ALA D 253 -6.95 39.87 7.74
N ALA D 254 -7.30 38.81 7.01
CA ALA D 254 -8.37 37.90 7.40
C ALA D 254 -8.00 37.08 8.64
N THR D 255 -6.70 36.91 8.84
CA THR D 255 -6.17 36.13 9.95
C THR D 255 -5.21 36.94 10.83
N VAL D 256 -5.51 37.01 12.13
CA VAL D 256 -4.59 37.61 13.09
C VAL D 256 -4.32 36.64 14.23
N VAL D 257 -3.06 36.26 14.40
CA VAL D 257 -2.67 35.33 15.46
C VAL D 257 -1.82 36.04 16.49
N TRP D 258 -2.22 35.92 17.75
CA TRP D 258 -1.58 36.65 18.84
C TRP D 258 -0.62 35.80 19.63
N THR D 259 0.67 36.11 19.51
CA THR D 259 1.71 35.47 20.31
C THR D 259 2.44 36.54 21.13
N GLY D 260 1.75 37.65 21.38
CA GLY D 260 2.35 38.80 22.03
C GLY D 260 2.72 38.59 23.49
N GLY D 261 1.82 37.99 24.26
CA GLY D 261 2.09 37.77 25.67
C GLY D 261 1.17 36.78 26.37
N VAL D 262 1.65 36.22 27.46
CA VAL D 262 0.85 35.28 28.24
C VAL D 262 0.84 35.67 29.71
N ARG D 263 -0.24 35.26 30.38
CA ARG D 263 -0.38 35.49 31.81
C ARG D 263 -0.84 34.21 32.48
N GLY D 264 -0.71 34.14 33.80
CA GLY D 264 -1.18 32.99 34.54
C GLY D 264 -2.69 32.89 34.46
N ASN D 265 -3.23 31.70 34.68
CA ASN D 265 -4.67 31.47 34.55
C ASN D 265 -5.50 32.34 35.48
N SER D 266 -6.57 32.92 34.93
CA SER D 266 -7.38 33.90 35.66
C SER D 266 -8.11 33.25 36.83
N ILE D 267 -8.23 31.92 36.80
CA ILE D 267 -8.87 31.20 37.89
C ILE D 267 -8.14 31.47 39.19
N VAL D 268 -6.82 31.49 39.11
CA VAL D 268 -5.99 31.74 40.27
C VAL D 268 -6.29 33.12 40.86
N GLU D 269 -6.29 34.13 39.98
CA GLU D 269 -6.55 35.50 40.38
C GLU D 269 -7.93 35.68 40.99
N LYS D 270 -8.92 35.08 40.34
CA LYS D 270 -10.31 35.21 40.78
C LYS D 270 -10.56 34.47 42.08
N SER D 271 -9.66 33.55 42.45
CA SER D 271 -9.83 32.76 43.66
C SER D 271 -9.23 33.42 44.90
N GLY D 272 -8.77 34.65 44.75
CA GLY D 272 -8.32 35.43 45.90
C GLY D 272 -6.84 35.37 46.19
N PHE D 273 -6.09 34.64 45.36
CA PHE D 273 -4.64 34.58 45.52
C PHE D 273 -4.00 35.92 45.18
N GLU D 274 -2.93 36.25 45.89
CA GLU D 274 -2.17 37.45 45.59
C GLU D 274 -1.30 37.11 44.38
N THR D 275 -1.49 37.86 43.31
CA THR D 275 -0.94 37.45 42.03
C THR D 275 -0.21 38.59 41.29
N MET D 276 0.86 38.23 40.61
CA MET D 276 1.63 39.14 39.78
C MET D 276 1.64 38.69 38.33
N ARG D 277 1.05 39.48 37.44
CA ARG D 277 0.93 39.12 36.02
C ARG D 277 0.17 37.80 35.88
N GLY D 278 -0.76 37.57 36.81
CA GLY D 278 -1.55 36.35 36.86
C GLY D 278 -0.81 35.17 37.48
N ARG D 279 0.43 35.40 37.85
CA ARG D 279 1.30 34.36 38.42
C ARG D 279 1.52 34.60 39.90
N ILE D 280 1.85 33.54 40.63
CA ILE D 280 2.10 33.63 42.06
C ILE D 280 3.60 33.55 42.36
N LYS D 281 4.10 34.52 43.13
CA LYS D 281 5.51 34.49 43.55
C LYS D 281 5.62 33.55 44.74
N VAL D 282 5.97 32.31 44.45
CA VAL D 282 5.92 31.23 45.44
C VAL D 282 7.14 31.21 46.35
N ASP D 283 7.04 30.48 47.46
CA ASP D 283 8.19 30.31 48.36
C ASP D 283 9.15 29.26 47.79
N PRO D 284 10.35 29.13 48.39
CA PRO D 284 11.34 28.14 47.94
C PRO D 284 10.83 26.71 47.78
N TYR D 285 9.67 26.40 48.35
CA TYR D 285 9.11 25.05 48.26
C TYR D 285 7.97 25.00 47.24
N LEU D 286 7.88 26.07 46.44
CA LEU D 286 6.90 26.20 45.37
C LEU D 286 5.46 26.27 45.91
N ARG D 287 5.33 26.60 47.19
CA ARG D 287 4.02 26.77 47.80
C ARG D 287 3.52 28.21 47.68
N ALA D 288 2.21 28.39 47.70
CA ALA D 288 1.62 29.72 47.72
C ALA D 288 1.82 30.37 49.07
N PRO D 289 2.27 31.65 49.06
CA PRO D 289 2.52 32.38 50.31
C PRO D 289 1.28 32.42 51.21
N GLY D 290 1.39 31.84 52.39
CA GLY D 290 0.29 31.82 53.34
C GLY D 290 -0.46 30.49 53.37
N HIS D 291 -0.18 29.63 52.39
CA HIS D 291 -0.82 28.33 52.33
C HIS D 291 0.25 27.24 52.24
N GLU D 292 0.35 26.46 53.31
CA GLU D 292 1.38 25.43 53.40
C GLU D 292 1.00 24.15 52.66
N ASN D 293 -0.25 24.06 52.23
CA ASN D 293 -0.76 22.86 51.58
C ASN D 293 -1.12 23.06 50.10
N ILE D 294 -0.73 24.21 49.55
CA ILE D 294 -1.03 24.51 48.15
C ILE D 294 0.25 24.72 47.36
N PHE D 295 0.41 23.95 46.28
CA PHE D 295 1.59 24.03 45.45
C PHE D 295 1.25 24.57 44.08
N ILE D 296 2.12 25.40 43.54
CA ILE D 296 1.91 25.97 42.22
C ILE D 296 3.02 25.55 41.26
N VAL D 297 2.63 25.07 40.08
CA VAL D 297 3.58 24.58 39.09
C VAL D 297 3.36 25.15 37.70
N GLY D 298 4.38 25.04 36.86
CA GLY D 298 4.31 25.50 35.48
C GLY D 298 4.12 26.99 35.32
N ASP D 299 3.30 27.37 34.35
CA ASP D 299 3.13 28.78 33.99
C ASP D 299 2.41 29.61 35.05
N CYS D 300 1.67 28.96 35.95
CA CYS D 300 1.01 29.63 37.05
C CYS D 300 2.01 30.10 38.12
N ALA D 301 3.14 29.40 38.22
CA ALA D 301 4.13 29.74 39.24
C ALA D 301 5.13 30.77 38.73
N LEU D 302 5.50 31.72 39.59
CA LEU D 302 6.49 32.74 39.24
C LEU D 302 7.76 32.58 40.07
N ILE D 303 8.89 32.47 39.38
CA ILE D 303 10.17 32.31 40.04
C ILE D 303 11.07 33.50 39.70
N ILE D 304 11.74 34.07 40.69
CA ILE D 304 12.63 35.20 40.44
C ILE D 304 14.08 34.76 40.49
N ASN D 305 14.87 35.20 39.51
CA ASN D 305 16.29 34.89 39.48
C ASN D 305 17.06 35.87 40.35
N GLU D 306 17.60 35.36 41.46
CA GLU D 306 18.30 36.19 42.45
C GLU D 306 19.56 36.82 41.86
N GLU D 307 20.13 36.19 40.85
CA GLU D 307 21.34 36.68 40.20
C GLU D 307 21.08 38.00 39.50
N ASN D 308 19.99 38.09 38.75
CA ASN D 308 19.69 39.27 37.96
C ASN D 308 18.46 40.04 38.43
N ASN D 309 17.80 39.52 39.46
CA ASN D 309 16.60 40.13 40.04
C ASN D 309 15.49 40.26 39.00
N ARG D 310 15.53 39.37 38.02
CA ARG D 310 14.50 39.28 36.97
C ARG D 310 13.81 37.92 37.04
N PRO D 311 12.50 37.89 36.72
CA PRO D 311 11.74 36.63 36.80
C PRO D 311 12.18 35.62 35.74
N TYR D 312 12.04 34.33 36.06
CA TYR D 312 12.30 33.28 35.08
C TYR D 312 11.15 33.24 34.09
N PRO D 313 11.47 33.12 32.80
CA PRO D 313 10.42 33.06 31.78
C PRO D 313 9.60 31.77 31.90
N PRO D 314 8.31 31.83 31.54
CA PRO D 314 7.40 30.69 31.63
C PRO D 314 7.69 29.65 30.56
N THR D 315 8.26 28.52 30.96
CA THR D 315 8.68 27.51 30.02
C THR D 315 8.28 26.12 30.49
N ALA D 316 8.20 25.19 29.55
CA ALA D 316 7.90 23.79 29.87
C ALA D 316 9.09 23.16 30.61
N GLN D 317 10.29 23.62 30.28
CA GLN D 317 11.51 23.10 30.87
C GLN D 317 11.50 23.27 32.39
N ILE D 318 11.18 24.47 32.85
CA ILE D 318 11.11 24.74 34.28
C ILE D 318 9.86 24.12 34.92
N ALA D 319 8.81 23.95 34.12
CA ALA D 319 7.56 23.36 34.61
C ALA D 319 7.77 21.90 35.01
N ILE D 320 8.55 21.18 34.20
CA ILE D 320 8.87 19.79 34.49
C ILE D 320 9.59 19.69 35.83
N GLN D 321 10.53 20.61 36.04
CA GLN D 321 11.30 20.65 37.27
C GLN D 321 10.39 20.96 38.45
N HIS D 322 9.40 21.83 38.21
CA HIS D 322 8.41 22.14 39.23
C HIS D 322 7.67 20.86 39.62
N GLY D 323 7.29 20.09 38.62
CA GLY D 323 6.54 18.86 38.87
C GLY D 323 7.32 17.86 39.68
N GLU D 324 8.59 17.64 39.30
CA GLU D 324 9.43 16.69 40.01
C GLU D 324 9.68 17.13 41.46
N ASN D 325 10.00 18.40 41.63
CA ASN D 325 10.30 18.95 42.95
C ASN D 325 9.08 18.86 43.86
N VAL D 326 7.92 19.23 43.33
CA VAL D 326 6.68 19.17 44.09
C VAL D 326 6.36 17.73 44.44
N ALA D 327 6.63 16.80 43.52
CA ALA D 327 6.39 15.38 43.80
C ALA D 327 7.22 14.93 45.00
N ALA D 328 8.49 15.29 44.98
CA ALA D 328 9.39 14.92 46.08
C ALA D 328 8.91 15.53 47.39
N ASN D 329 8.53 16.80 47.35
CA ASN D 329 8.11 17.53 48.53
C ASN D 329 6.82 16.99 49.14
N LEU D 330 5.85 16.65 48.30
CA LEU D 330 4.60 16.07 48.76
C LEU D 330 4.85 14.71 49.38
N ALA D 331 5.71 13.93 48.72
CA ALA D 331 6.06 12.60 49.22
C ALA D 331 6.67 12.72 50.61
N ALA D 332 7.54 13.70 50.78
CA ALA D 332 8.15 13.94 52.09
C ALA D 332 7.11 14.37 53.12
N LEU D 333 6.20 15.25 52.71
CA LEU D 333 5.17 15.80 53.60
C LEU D 333 4.22 14.74 54.14
N ILE D 334 3.87 13.76 53.31
CA ILE D 334 2.98 12.70 53.76
C ILE D 334 3.62 11.85 54.87
N ARG D 335 4.95 11.72 54.81
CA ARG D 335 5.67 10.82 55.70
C ARG D 335 6.30 11.54 56.89
N GLY D 336 5.96 12.81 57.07
CA GLY D 336 6.46 13.58 58.19
C GLY D 336 7.96 13.78 58.08
N GLY D 337 8.37 14.45 57.01
CA GLY D 337 9.78 14.64 56.70
C GLY D 337 10.09 16.07 56.29
N SER D 338 11.34 16.32 55.91
CA SER D 338 11.75 17.66 55.52
C SER D 338 11.74 17.82 54.01
N MET D 339 11.23 18.97 53.56
CA MET D 339 11.12 19.25 52.14
C MET D 339 12.41 19.85 51.61
N THR D 340 12.65 19.70 50.32
CA THR D 340 13.83 20.26 49.69
C THR D 340 13.48 21.50 48.88
N PRO D 341 14.18 22.61 49.14
CA PRO D 341 13.94 23.85 48.40
C PRO D 341 14.18 23.65 46.91
N PHE D 342 13.45 24.38 46.09
CA PHE D 342 13.57 24.21 44.65
C PHE D 342 14.76 25.00 44.11
N LYS D 343 15.60 24.30 43.36
CA LYS D 343 16.70 24.96 42.65
C LYS D 343 16.55 24.68 41.16
N PRO D 344 16.40 25.74 40.35
CA PRO D 344 16.19 25.60 38.92
C PRO D 344 17.48 25.36 38.14
N HIS D 345 17.46 24.37 37.25
CA HIS D 345 18.59 24.11 36.38
C HIS D 345 18.19 24.37 34.93
N ILE D 346 18.55 25.54 34.42
CA ILE D 346 18.18 25.93 33.06
C ILE D 346 19.31 25.59 32.10
N ARG D 347 19.07 24.61 31.25
CA ARG D 347 20.10 24.16 30.32
C ARG D 347 20.00 24.94 29.02
N GLY D 348 19.52 24.29 27.97
CA GLY D 348 19.40 24.96 26.69
C GLY D 348 18.09 24.66 25.97
N THR D 349 17.74 25.54 25.06
CA THR D 349 16.53 25.37 24.27
C THR D 349 16.75 25.85 22.84
N VAL D 350 16.14 25.15 21.89
CA VAL D 350 16.28 25.46 20.49
C VAL D 350 14.93 25.91 19.91
N ALA D 351 14.97 26.90 19.04
CA ALA D 351 13.79 27.41 18.38
C ALA D 351 13.83 27.09 16.90
N SER D 352 12.80 26.41 16.41
CA SER D 352 12.72 26.01 15.01
C SER D 352 12.43 27.21 14.10
N LEU D 353 12.94 27.14 12.88
CA LEU D 353 12.67 28.13 11.85
C LEU D 353 12.21 27.40 10.59
N GLY D 354 11.06 26.75 10.68
CA GLY D 354 10.60 25.83 9.65
C GLY D 354 11.01 24.41 9.99
N ARG D 355 10.70 23.47 9.11
CA ARG D 355 10.94 22.06 9.40
C ARG D 355 12.42 21.68 9.39
N ASN D 356 13.20 22.35 8.55
CA ASN D 356 14.59 21.94 8.35
C ASN D 356 15.63 22.93 8.85
N ASP D 357 15.21 23.89 9.68
CA ASP D 357 16.11 24.89 10.22
C ASP D 357 15.74 25.24 11.67
N ALA D 358 16.75 25.65 12.44
CA ALA D 358 16.56 26.04 13.83
C ALA D 358 17.78 26.79 14.36
N ILE D 359 17.60 27.51 15.46
CA ILE D 359 18.70 28.20 16.15
C ILE D 359 18.60 27.98 17.64
N GLY D 360 19.74 27.86 18.32
CA GLY D 360 19.67 27.69 19.76
C GLY D 360 20.99 27.75 20.50
N ILE D 361 20.93 27.85 21.82
CA ILE D 361 22.14 27.81 22.63
C ILE D 361 22.14 26.56 23.50
N VAL D 362 23.14 25.71 23.30
CA VAL D 362 23.26 24.49 24.09
C VAL D 362 24.54 24.50 24.92
N GLY D 363 24.39 24.53 26.24
CA GLY D 363 25.51 24.57 27.15
C GLY D 363 26.26 25.89 27.06
N GLY D 364 26.96 26.08 25.95
CA GLY D 364 27.71 27.30 25.71
C GLY D 364 27.81 27.54 24.22
N ARG D 365 27.55 26.49 23.45
CA ARG D 365 27.69 26.55 21.99
C ARG D 365 26.39 26.91 21.28
N LYS D 366 26.43 28.00 20.51
CA LYS D 366 25.32 28.37 19.65
C LYS D 366 25.26 27.37 18.50
N VAL D 367 24.04 27.00 18.10
CA VAL D 367 23.82 25.99 17.09
C VAL D 367 22.85 26.53 16.04
N TYR D 368 23.08 26.10 14.80
CA TYR D 368 22.32 26.58 13.66
C TYR D 368 21.92 25.41 12.77
N GLY D 369 20.97 25.66 11.87
CA GLY D 369 20.66 24.73 10.81
C GLY D 369 20.23 23.34 11.23
N HIS D 370 20.60 22.37 10.38
CA HIS D 370 20.19 20.98 10.54
C HIS D 370 20.60 20.44 11.90
N ALA D 371 21.73 20.91 12.40
CA ALA D 371 22.20 20.48 13.70
C ALA D 371 21.20 20.85 14.79
N ALA D 372 20.85 22.13 14.84
CA ALA D 372 19.92 22.63 15.84
C ALA D 372 18.55 21.97 15.69
N SER D 373 18.12 21.74 14.46
CA SER D 373 16.85 21.09 14.19
C SER D 373 16.82 19.66 14.75
N TRP D 374 17.86 18.90 14.45
CA TRP D 374 17.93 17.52 14.93
C TRP D 374 18.00 17.50 16.46
N LEU D 375 18.71 18.46 17.04
CA LEU D 375 18.77 18.56 18.50
C LEU D 375 17.40 18.81 19.12
N LYS D 376 16.63 19.74 18.55
CA LYS D 376 15.29 19.99 19.08
C LYS D 376 14.41 18.75 18.98
N LYS D 377 14.45 18.08 17.84
CA LYS D 377 13.67 16.85 17.68
C LYS D 377 14.06 15.83 18.76
N LEU D 378 15.36 15.79 19.04
CA LEU D 378 15.87 14.89 20.07
C LEU D 378 15.31 15.24 21.45
N ILE D 379 15.27 16.53 21.77
CA ILE D 379 14.72 16.97 23.06
C ILE D 379 13.24 16.59 23.20
N ASP D 380 12.48 16.77 22.12
CA ASP D 380 11.07 16.39 22.15
C ASP D 380 10.95 14.89 22.43
N MET D 381 11.80 14.12 21.76
CA MET D 381 11.80 12.66 21.97
C MET D 381 12.14 12.33 23.41
N ARG D 382 13.03 13.13 24.00
CA ARG D 382 13.43 12.93 25.39
C ARG D 382 12.25 13.14 26.34
N TYR D 383 11.47 14.20 26.15
CA TYR D 383 10.32 14.42 27.02
C TYR D 383 9.32 13.28 26.85
N LEU D 384 9.15 12.85 25.61
CA LEU D 384 8.27 11.73 25.32
C LEU D 384 8.71 10.50 26.10
N TYR D 385 10.02 10.29 26.18
CA TYR D 385 10.57 9.19 26.96
C TYR D 385 10.28 9.36 28.45
N LEU D 386 10.46 10.57 28.94
CA LEU D 386 10.30 10.85 30.37
C LEU D 386 8.88 10.57 30.85
N ILE D 387 7.87 10.88 30.03
CA ILE D 387 6.51 10.70 30.51
C ILE D 387 5.85 9.40 30.06
N GLY D 388 6.24 8.89 28.90
CA GLY D 388 5.57 7.73 28.33
C GLY D 388 6.43 6.49 28.16
N GLY D 389 7.74 6.66 28.31
CA GLY D 389 8.67 5.56 28.10
C GLY D 389 9.03 5.39 26.64
N LEU D 390 9.66 4.27 26.32
CA LEU D 390 10.07 3.98 24.95
C LEU D 390 8.85 3.78 24.03
N SER D 391 7.79 3.19 24.58
CA SER D 391 6.60 2.88 23.79
C SER D 391 5.98 4.17 23.23
N LEU D 392 5.98 5.22 24.03
CA LEU D 392 5.44 6.49 23.59
C LEU D 392 6.28 7.10 22.48
N VAL D 393 7.59 6.97 22.59
CA VAL D 393 8.50 7.48 21.58
C VAL D 393 8.27 6.75 20.25
N LEU D 394 8.04 5.44 20.34
CA LEU D 394 7.77 4.64 19.16
C LEU D 394 6.52 5.12 18.43
N LYS D 395 5.51 5.49 19.23
CA LYS D 395 4.23 6.00 18.73
C LYS D 395 4.36 7.26 17.85
N LYS D 396 5.57 7.81 17.73
CA LYS D 396 5.78 9.02 16.95
C LYS D 396 7.05 8.93 16.10
PA FAD E . -9.90 -28.33 -22.13
O1A FAD E . -9.34 -26.95 -22.13
O2A FAD E . -8.88 -29.28 -22.63
O5B FAD E . -10.32 -28.69 -20.63
C5B FAD E . -10.84 -29.99 -20.36
C4B FAD E . -11.47 -29.93 -18.93
O4B FAD E . -11.93 -31.09 -18.61
C3B FAD E . -10.41 -29.59 -17.89
O3B FAD E . -10.93 -28.67 -16.99
C2B FAD E . -10.07 -30.93 -17.24
O2B FAD E . -9.64 -30.74 -15.78
C1B FAD E . -11.18 -31.56 -17.27
N9A FAD E . -11.03 -32.96 -17.37
C8A FAD E . -10.26 -33.65 -18.26
N7A FAD E . -10.43 -34.98 -18.02
C5A FAD E . -11.30 -35.10 -16.99
C6A FAD E . -11.82 -36.20 -16.34
N6A FAD E . -11.63 -37.62 -16.52
N1A FAD E . -12.69 -36.04 -15.32
C2A FAD E . -13.07 -34.78 -14.92
N3A FAD E . -12.57 -33.69 -15.56
C4A FAD E . -11.68 -33.85 -16.59
N1 FAD E . -6.08 -22.53 -29.02
C2 FAD E . -6.42 -21.35 -29.82
O2 FAD E . -7.42 -21.36 -30.54
N3 FAD E . -5.57 -20.17 -29.76
C4 FAD E . -4.42 -20.16 -28.93
O4 FAD E . -3.74 -19.23 -28.87
C4X FAD E . -4.09 -21.36 -28.13
N5 FAD E . -2.94 -21.34 -27.30
C5X FAD E . -2.60 -22.54 -26.49
C6 FAD E . -1.46 -22.53 -25.67
C7 FAD E . -1.14 -23.65 -24.90
C7M FAD E . 0.16 -23.21 -24.16
C8 FAD E . -1.95 -24.79 -24.96
C8M FAD E . -1.48 -25.97 -24.05
C9 FAD E . -3.10 -24.80 -25.77
C9A FAD E . -3.42 -23.67 -26.55
N10 FAD E . -4.59 -23.68 -27.40
C10 FAD E . -4.92 -22.51 -28.19
C1' FAD E . -5.46 -24.89 -27.46
C2' FAD E . -6.65 -24.75 -26.50
O2' FAD E . -6.18 -24.44 -25.23
C3' FAD E . -7.38 -26.06 -26.48
O3' FAD E . -7.76 -26.39 -27.78
C4' FAD E . -8.60 -25.93 -25.58
O4' FAD E . -8.28 -26.37 -24.31
C5' FAD E . -9.76 -26.79 -26.10
O5' FAD E . -9.88 -27.88 -25.22
P FAD E . -11.32 -28.21 -24.58
O1P FAD E . -12.21 -27.02 -24.76
O2P FAD E . -11.90 -29.44 -25.28
O3P FAD E . -11.20 -28.45 -23.03
C1 HQO F . -7.84 -17.40 -30.60
O1 HQO F . -6.49 -17.71 -30.85
C2 HQO F . -8.37 -16.72 -31.66
C3 HQO F . -9.71 -16.31 -31.61
N1 HQO F . -10.48 -16.57 -30.52
O4 HQO F . -11.78 -16.26 -30.26
C5 HQO F . -9.94 -17.26 -29.45
C6 HQO F . -10.73 -17.53 -28.31
C7 HQO F . -10.20 -18.22 -27.24
C8 HQO F . -8.87 -18.63 -27.28
C9 HQO F . -8.08 -18.36 -28.39
C10 HQO F . -8.62 -17.67 -29.48
C11 HQO F . -10.32 -15.55 -32.77
C12 HQO F . -10.07 -13.12 -33.29
C13 HQO F . -10.59 -14.13 -32.29
C14 HQO F . -10.89 -11.85 -33.17
C15 HQO F . -9.98 -10.65 -32.98
C16 HQO F . -10.81 -9.42 -32.69
C17 HQO F . -11.01 -9.26 -31.20
PA FAD G . 31.05 -18.79 8.96
O1A FAD G . 30.18 -17.58 9.18
O2A FAD G . 30.22 -20.02 9.14
O5B FAD G . 31.61 -18.79 7.43
C5B FAD G . 33.01 -18.69 7.19
C4B FAD G . 33.24 -18.01 5.79
O4B FAD G . 34.21 -18.62 5.20
C3B FAD G . 32.02 -18.17 4.89
O3B FAD G . 31.72 -16.98 4.24
C2B FAD G . 32.42 -19.29 3.92
O2B FAD G . 31.72 -19.12 2.57
C1B FAD G . 33.68 -19.16 3.78
N9A FAD G . 34.33 -20.39 3.56
C8A FAD G . 34.08 -21.58 4.17
N7A FAD G . 34.93 -22.50 3.66
C5A FAD G . 35.72 -21.87 2.74
C6A FAD G . 36.75 -22.33 1.94
N6A FAD G . 37.37 -23.64 1.78
N1A FAD G . 37.38 -21.48 1.10
C2A FAD G . 37.00 -20.17 1.04
N3A FAD G . 35.98 -19.71 1.83
C4A FAD G . 35.35 -20.56 2.69
N1 FAD G . 25.27 -17.51 16.80
C2 FAD G . 24.97 -16.54 17.85
O2 FAD G . 25.86 -16.13 18.60
N3 FAD G . 23.60 -16.05 18.02
C4 FAD G . 22.56 -16.53 17.15
O4 FAD G . 21.47 -16.17 17.26
C4X FAD G . 22.89 -17.52 16.10
N5 FAD G . 21.85 -17.97 15.26
C5X FAD G . 22.15 -18.96 14.19
C6 FAD G . 21.12 -19.42 13.34
C7 FAD G . 21.42 -20.35 12.34
C7M FAD G . 20.05 -20.61 11.63
C8 FAD G . 22.73 -20.81 12.19
C8M FAD G . 22.93 -21.84 11.03
C9 FAD G . 23.74 -20.35 13.02
C9A FAD G . 23.45 -19.42 14.04
N10 FAD G . 24.53 -18.96 14.89
C10 FAD G . 24.24 -17.99 15.94
C1' FAD G . 25.91 -19.49 14.68
C2' FAD G . 26.73 -18.55 13.76
O2' FAD G . 26.02 -18.26 12.61
C3' FAD G . 28.04 -19.19 13.37
O3' FAD G . 28.60 -19.77 14.50
C4' FAD G . 28.94 -18.09 12.79
O4' FAD G . 28.87 -18.09 11.41
C5' FAD G . 30.41 -18.22 13.23
O5' FAD G . 31.14 -19.04 12.32
P FAD G . 32.33 -18.36 11.45
O1P FAD G . 32.20 -16.87 11.49
O2P FAD G . 33.68 -18.82 12.03
O3P FAD G . 32.29 -18.85 9.95
PA FAD H . -21.31 23.25 -16.97
O1A FAD H . -20.59 22.62 -15.83
O2A FAD H . -22.45 24.06 -16.44
O5B FAD H . -20.31 24.21 -17.80
C5B FAD H . -20.26 25.60 -17.46
C4B FAD H . -18.91 26.19 -18.00
O4B FAD H . -19.10 27.39 -18.40
C3B FAD H . -17.89 26.26 -16.87
O3B FAD H . -16.70 25.66 -17.26
C2B FAD H . -17.71 27.75 -16.59
O2B FAD H . -16.27 28.06 -16.20
C1B FAD H . -18.02 28.32 -17.69
N9A FAD H . -18.57 29.60 -17.46
C8A FAD H . -19.67 29.91 -16.72
N7A FAD H . -19.85 31.25 -16.80
C5A FAD H . -18.87 31.77 -17.57
C6A FAD H . -18.57 33.06 -17.96
N6A FAD H . -19.20 34.36 -17.71
N1A FAD H . -17.51 33.30 -18.77
C2A FAD H . -16.71 32.26 -19.18
N3A FAD H . -17.01 30.98 -18.80
C4A FAD H . -18.08 30.74 -17.99
N1 FAD H . -26.20 15.16 -15.28
C2 FAD H . -26.34 13.79 -15.76
O2 FAD H . -26.75 13.56 -16.90
N3 FAD H . -25.98 12.66 -14.91
C4 FAD H . -25.49 12.91 -13.60
O4 FAD H . -25.20 12.03 -12.91
C4X FAD H . -25.35 14.32 -13.11
N5 FAD H . -24.86 14.57 -11.80
C5X FAD H . -24.72 15.96 -11.31
C6 FAD H . -24.23 16.20 -10.00
C7 FAD H . -24.09 17.51 -9.54
C7M FAD H . -23.54 17.35 -8.09
C8 FAD H . -24.45 18.59 -10.36
C8M FAD H . -24.24 19.99 -9.70
C9 FAD H . -24.94 18.35 -11.65
C9A FAD H . -25.07 17.03 -12.13
N10 FAD H . -25.57 16.78 -13.47
C10 FAD H . -25.71 15.41 -13.96
C1' FAD H . -25.94 17.94 -14.33
C2' FAD H . -24.72 18.36 -15.18
O2' FAD H . -23.56 18.35 -14.40
C3' FAD H . -24.98 19.75 -15.70
O3' FAD H . -26.34 19.84 -16.04
C4' FAD H . -24.11 20.01 -16.93
O4' FAD H . -22.79 20.08 -16.55
C5' FAD H . -24.50 21.36 -17.57
O5' FAD H . -24.06 21.39 -18.91
P FAD H . -22.78 22.31 -19.19
O1P FAD H . -22.08 21.86 -20.44
O2P FAD H . -23.24 23.76 -19.34
O3P FAD H . -21.82 22.11 -17.95
PA FAD I . 0.16 23.62 29.98
O1A FAD I . 0.69 22.53 29.10
O2A FAD I . -0.62 24.57 29.13
O5B FAD I . -0.81 22.99 31.11
C5B FAD I . -2.18 23.37 31.07
C4B FAD I . -3.09 22.11 31.31
O4B FAD I . -4.02 22.44 32.14
C3B FAD I . -3.77 21.76 29.99
O3B FAD I . -3.95 20.40 29.86
C2B FAD I . -5.11 22.50 30.11
O2B FAD I . -6.19 21.92 29.21
C1B FAD I . -5.41 22.33 31.34
N9A FAD I . -6.34 23.32 31.75
C8A FAD I . -6.35 24.64 31.45
N7A FAD I . -7.43 25.20 32.05
C5A FAD I . -8.08 24.22 32.72
C6A FAD I . -9.23 24.23 33.50
N6A FAD I . -10.17 25.27 33.89
N1A FAD I . -9.68 23.08 34.05
C2A FAD I . -8.99 21.91 33.86
N3A FAD I . -7.86 21.90 33.10
C4A FAD I . -7.41 23.06 32.53
N1 FAD I . 8.87 25.90 26.55
C2 FAD I . 10.23 25.38 26.48
O2 FAD I . 10.87 25.20 27.53
N3 FAD I . 10.84 25.06 25.20
C4 FAD I . 10.10 25.26 24.00
O4 FAD I . 10.56 25.01 22.98
C4X FAD I . 8.72 25.80 24.08
N5 FAD I . 7.98 26.01 22.88
C5X FAD I . 6.60 26.55 22.96
C6 FAD I . 5.87 26.75 21.76
C7 FAD I . 4.57 27.26 21.83
C7M FAD I . 4.14 27.33 20.33
C8 FAD I . 4.00 27.57 23.07
C8M FAD I . 2.54 28.13 23.02
C9 FAD I . 4.73 27.36 24.25
C9A FAD I . 6.04 26.85 24.19
N10 FAD I . 6.79 26.64 25.42
C10 FAD I . 8.14 26.12 25.34
C1' FAD I . 6.17 26.97 26.74
C2' FAD I . 5.45 25.74 27.33
O2' FAD I . 4.51 25.28 26.41
C3' FAD I . 4.74 26.14 28.60
O3' FAD I . 5.61 26.95 29.34
C4' FAD I . 4.32 24.92 29.43
O4' FAD I . 3.14 24.41 28.95
C5' FAD I . 4.11 25.34 30.91
O5' FAD I . 3.68 24.26 31.74
P FAD I . 2.11 24.12 32.02
O1P FAD I . 1.81 22.75 32.57
O2P FAD I . 1.69 25.19 33.04
O3P FAD I . 1.38 24.40 30.65
C1 HQO J . 13.35 22.54 26.64
O1 HQO J . 13.21 23.79 26.04
C2 HQO J . 14.64 22.34 27.03
C3 HQO J . 15.01 21.15 27.65
N1 HQO J . 14.09 20.18 27.87
O4 HQO J . 14.23 18.95 28.47
C5 HQO J . 12.77 20.37 27.49
C6 HQO J . 11.81 19.37 27.73
C7 HQO J . 10.49 19.56 27.34
C8 HQO J . 10.12 20.75 26.71
C9 HQO J . 11.06 21.74 26.48
C10 HQO J . 12.40 21.55 26.87
C11 HQO J . 16.46 20.94 28.06
C12 HQO J . 18.68 20.14 27.29
C13 HQO J . 17.24 20.39 26.89
C14 HQO J . 19.34 19.24 26.26
C15 HQO J . 18.56 17.94 26.14
C16 HQO J . 19.09 17.13 24.98
C17 HQO J . 18.28 15.86 24.84
#